data_5OJX
# 
_entry.id   5OJX 
# 
_audit_conform.dict_name       mmcif_pdbx.dic 
_audit_conform.dict_version    5.383 
_audit_conform.dict_location   http://mmcif.pdb.org/dictionaries/ascii/mmcif_pdbx.dic 
# 
loop_
_database_2.database_id 
_database_2.database_code 
_database_2.pdbx_database_accession 
_database_2.pdbx_DOI 
PDB   5OJX         pdb_00005ojx 10.2210/pdb5ojx/pdb 
WWPDB D_1200005923 ?            ?                   
# 
loop_
_pdbx_audit_revision_history.ordinal 
_pdbx_audit_revision_history.data_content_type 
_pdbx_audit_revision_history.major_revision 
_pdbx_audit_revision_history.minor_revision 
_pdbx_audit_revision_history.revision_date 
1 'Structure model' 1 0 2018-04-11 
2 'Structure model' 1 1 2018-04-25 
3 'Structure model' 1 2 2024-01-17 
# 
_pdbx_audit_revision_details.ordinal             1 
_pdbx_audit_revision_details.revision_ordinal    1 
_pdbx_audit_revision_details.data_content_type   'Structure model' 
_pdbx_audit_revision_details.provider            repository 
_pdbx_audit_revision_details.type                'Initial release' 
_pdbx_audit_revision_details.description         ? 
_pdbx_audit_revision_details.details             ? 
# 
loop_
_pdbx_audit_revision_group.ordinal 
_pdbx_audit_revision_group.revision_ordinal 
_pdbx_audit_revision_group.data_content_type 
_pdbx_audit_revision_group.group 
1 2 'Structure model' 'Data collection'        
2 2 'Structure model' 'Database references'    
3 3 'Structure model' 'Data collection'        
4 3 'Structure model' 'Database references'    
5 3 'Structure model' 'Refinement description' 
# 
loop_
_pdbx_audit_revision_category.ordinal 
_pdbx_audit_revision_category.revision_ordinal 
_pdbx_audit_revision_category.data_content_type 
_pdbx_audit_revision_category.category 
1 2 'Structure model' citation                      
2 3 'Structure model' chem_comp_atom                
3 3 'Structure model' chem_comp_bond                
4 3 'Structure model' database_2                    
5 3 'Structure model' pdbx_initial_refinement_model 
# 
loop_
_pdbx_audit_revision_item.ordinal 
_pdbx_audit_revision_item.revision_ordinal 
_pdbx_audit_revision_item.data_content_type 
_pdbx_audit_revision_item.item 
1 2 'Structure model' '_citation.journal_volume'            
2 2 'Structure model' '_citation.page_first'                
3 2 'Structure model' '_citation.page_last'                 
4 3 'Structure model' '_database_2.pdbx_DOI'                
5 3 'Structure model' '_database_2.pdbx_database_accession' 
# 
_pdbx_database_status.status_code                     REL 
_pdbx_database_status.status_code_sf                  REL 
_pdbx_database_status.status_code_mr                  ? 
_pdbx_database_status.entry_id                        5OJX 
_pdbx_database_status.recvd_initial_deposition_date   2017-07-24 
_pdbx_database_status.SG_entry                        N 
_pdbx_database_status.deposit_site                    PDBE 
_pdbx_database_status.process_site                    PDBE 
_pdbx_database_status.status_code_cs                  ? 
_pdbx_database_status.methods_development_category    ? 
_pdbx_database_status.pdb_format_compatible           Y 
_pdbx_database_status.status_code_nmr_data            ? 
# 
loop_
_audit_author.name 
_audit_author.pdbx_ordinal 
_audit_author.identifier_ORCID 
'Schmelz, S.'    1 ? 
'Rebets, Y.'     2 ? 
'Luzhetskyy, A.' 3 ? 
'Scrima, A.'     4 ? 
# 
_citation.abstract                  ? 
_citation.abstract_id_CAS           ? 
_citation.book_id_ISBN              ? 
_citation.book_publisher            ? 
_citation.book_publisher_city       ? 
_citation.book_title                ? 
_citation.coordinate_linkage        ? 
_citation.country                   ? 
_citation.database_id_Medline       ? 
_citation.details                   ? 
_citation.id                        primary 
_citation.journal_abbrev            'Metab. Eng.' 
_citation.journal_id_ASTM           ? 
_citation.journal_id_CSD            ? 
_citation.journal_id_ISSN           1096-7184 
_citation.journal_full              ? 
_citation.journal_issue             ? 
_citation.journal_volume            47 
_citation.language                  ? 
_citation.page_first                263 
_citation.page_last                 270 
_citation.title                     'Design, development and application of whole-cell based antibiotic-specific biosensor.' 
_citation.year                      2018 
_citation.database_id_CSD           ? 
_citation.pdbx_database_id_DOI      10.1016/j.ymben.2018.03.019 
_citation.pdbx_database_id_PubMed   29609044 
_citation.unpublished_flag          ? 
# 
loop_
_citation_author.citation_id 
_citation_author.name 
_citation_author.ordinal 
_citation_author.identifier_ORCID 
primary 'Rebets, Y.'     1 ? 
primary 'Schmelz, S.'    2 ? 
primary 'Gromyko, O.'    3 ? 
primary 'Tistechok, S.'  4 ? 
primary 'Petzke, L.'     5 ? 
primary 'Scrima, A.'     6 ? 
primary 'Luzhetskyy, A.' 7 ? 
# 
loop_
_entity.id 
_entity.type 
_entity.src_method 
_entity.pdbx_description 
_entity.formula_weight 
_entity.pdbx_number_of_molecules 
_entity.pdbx_ec 
_entity.pdbx_mutation 
_entity.pdbx_fragment 
_entity.details 
1 polymer man 'TetR family transcription regulator' 28250.686 1  ? ? ? ? 
2 water   nat water                                 18.015    18 ? ? ? ? 
# 
_entity_name_com.entity_id   1 
_entity_name_com.name        'Pamamycin regulator protein 2' 
# 
_entity_poly.entity_id                      1 
_entity_poly.type                           'polypeptide(L)' 
_entity_poly.nstd_linkage                   no 
_entity_poly.nstd_monomer                   no 
_entity_poly.pdbx_seq_one_letter_code       
;MVNETSGRENTPKGQPGSIWLREVKQRPARQPLSREQIVQAAVRLLDEGGVRNLRMRQLADSLNSAPMSLYWHVSTKDDL
LELAIDAVFPDPPSRSGTGDWRDDIKAGATDLFEVLLRHSWMIELMGGHPPVGPRALAHTSAIIEILEQAHFSPRQLDSA
LSAIYYYTVGAALSEASWQAMARQSAESEEEWVSRLGPYLGMATQSHPASLADYVKRSASSSTGQRFHDGLECMVSGMGQ
MRSQDSLEHHHHHH
;
_entity_poly.pdbx_seq_one_letter_code_can   
;MVNETSGRENTPKGQPGSIWLREVKQRPARQPLSREQIVQAAVRLLDEGGVRNLRMRQLADSLNSAPMSLYWHVSTKDDL
LELAIDAVFPDPPSRSGTGDWRDDIKAGATDLFEVLLRHSWMIELMGGHPPVGPRALAHTSAIIEILEQAHFSPRQLDSA
LSAIYYYTVGAALSEASWQAMARQSAESEEEWVSRLGPYLGMATQSHPASLADYVKRSASSSTGQRFHDGLECMVSGMGQ
MRSQDSLEHHHHHH
;
_entity_poly.pdbx_strand_id                 A 
_entity_poly.pdbx_target_identifier         ? 
# 
_pdbx_entity_nonpoly.entity_id   2 
_pdbx_entity_nonpoly.name        water 
_pdbx_entity_nonpoly.comp_id     HOH 
# 
loop_
_entity_poly_seq.entity_id 
_entity_poly_seq.num 
_entity_poly_seq.mon_id 
_entity_poly_seq.hetero 
1 1   MET n 
1 2   VAL n 
1 3   ASN n 
1 4   GLU n 
1 5   THR n 
1 6   SER n 
1 7   GLY n 
1 8   ARG n 
1 9   GLU n 
1 10  ASN n 
1 11  THR n 
1 12  PRO n 
1 13  LYS n 
1 14  GLY n 
1 15  GLN n 
1 16  PRO n 
1 17  GLY n 
1 18  SER n 
1 19  ILE n 
1 20  TRP n 
1 21  LEU n 
1 22  ARG n 
1 23  GLU n 
1 24  VAL n 
1 25  LYS n 
1 26  GLN n 
1 27  ARG n 
1 28  PRO n 
1 29  ALA n 
1 30  ARG n 
1 31  GLN n 
1 32  PRO n 
1 33  LEU n 
1 34  SER n 
1 35  ARG n 
1 36  GLU n 
1 37  GLN n 
1 38  ILE n 
1 39  VAL n 
1 40  GLN n 
1 41  ALA n 
1 42  ALA n 
1 43  VAL n 
1 44  ARG n 
1 45  LEU n 
1 46  LEU n 
1 47  ASP n 
1 48  GLU n 
1 49  GLY n 
1 50  GLY n 
1 51  VAL n 
1 52  ARG n 
1 53  ASN n 
1 54  LEU n 
1 55  ARG n 
1 56  MET n 
1 57  ARG n 
1 58  GLN n 
1 59  LEU n 
1 60  ALA n 
1 61  ASP n 
1 62  SER n 
1 63  LEU n 
1 64  ASN n 
1 65  SER n 
1 66  ALA n 
1 67  PRO n 
1 68  MET n 
1 69  SER n 
1 70  LEU n 
1 71  TYR n 
1 72  TRP n 
1 73  HIS n 
1 74  VAL n 
1 75  SER n 
1 76  THR n 
1 77  LYS n 
1 78  ASP n 
1 79  ASP n 
1 80  LEU n 
1 81  LEU n 
1 82  GLU n 
1 83  LEU n 
1 84  ALA n 
1 85  ILE n 
1 86  ASP n 
1 87  ALA n 
1 88  VAL n 
1 89  PHE n 
1 90  PRO n 
1 91  ASP n 
1 92  PRO n 
1 93  PRO n 
1 94  SER n 
1 95  ARG n 
1 96  SER n 
1 97  GLY n 
1 98  THR n 
1 99  GLY n 
1 100 ASP n 
1 101 TRP n 
1 102 ARG n 
1 103 ASP n 
1 104 ASP n 
1 105 ILE n 
1 106 LYS n 
1 107 ALA n 
1 108 GLY n 
1 109 ALA n 
1 110 THR n 
1 111 ASP n 
1 112 LEU n 
1 113 PHE n 
1 114 GLU n 
1 115 VAL n 
1 116 LEU n 
1 117 LEU n 
1 118 ARG n 
1 119 HIS n 
1 120 SER n 
1 121 TRP n 
1 122 MET n 
1 123 ILE n 
1 124 GLU n 
1 125 LEU n 
1 126 MET n 
1 127 GLY n 
1 128 GLY n 
1 129 HIS n 
1 130 PRO n 
1 131 PRO n 
1 132 VAL n 
1 133 GLY n 
1 134 PRO n 
1 135 ARG n 
1 136 ALA n 
1 137 LEU n 
1 138 ALA n 
1 139 HIS n 
1 140 THR n 
1 141 SER n 
1 142 ALA n 
1 143 ILE n 
1 144 ILE n 
1 145 GLU n 
1 146 ILE n 
1 147 LEU n 
1 148 GLU n 
1 149 GLN n 
1 150 ALA n 
1 151 HIS n 
1 152 PHE n 
1 153 SER n 
1 154 PRO n 
1 155 ARG n 
1 156 GLN n 
1 157 LEU n 
1 158 ASP n 
1 159 SER n 
1 160 ALA n 
1 161 LEU n 
1 162 SER n 
1 163 ALA n 
1 164 ILE n 
1 165 TYR n 
1 166 TYR n 
1 167 TYR n 
1 168 THR n 
1 169 VAL n 
1 170 GLY n 
1 171 ALA n 
1 172 ALA n 
1 173 LEU n 
1 174 SER n 
1 175 GLU n 
1 176 ALA n 
1 177 SER n 
1 178 TRP n 
1 179 GLN n 
1 180 ALA n 
1 181 MET n 
1 182 ALA n 
1 183 ARG n 
1 184 GLN n 
1 185 SER n 
1 186 ALA n 
1 187 GLU n 
1 188 SER n 
1 189 GLU n 
1 190 GLU n 
1 191 GLU n 
1 192 TRP n 
1 193 VAL n 
1 194 SER n 
1 195 ARG n 
1 196 LEU n 
1 197 GLY n 
1 198 PRO n 
1 199 TYR n 
1 200 LEU n 
1 201 GLY n 
1 202 MET n 
1 203 ALA n 
1 204 THR n 
1 205 GLN n 
1 206 SER n 
1 207 HIS n 
1 208 PRO n 
1 209 ALA n 
1 210 SER n 
1 211 LEU n 
1 212 ALA n 
1 213 ASP n 
1 214 TYR n 
1 215 VAL n 
1 216 LYS n 
1 217 ARG n 
1 218 SER n 
1 219 ALA n 
1 220 SER n 
1 221 SER n 
1 222 SER n 
1 223 THR n 
1 224 GLY n 
1 225 GLN n 
1 226 ARG n 
1 227 PHE n 
1 228 HIS n 
1 229 ASP n 
1 230 GLY n 
1 231 LEU n 
1 232 GLU n 
1 233 CYS n 
1 234 MET n 
1 235 VAL n 
1 236 SER n 
1 237 GLY n 
1 238 MET n 
1 239 GLY n 
1 240 GLN n 
1 241 MET n 
1 242 ARG n 
1 243 SER n 
1 244 GLN n 
1 245 ASP n 
1 246 SER n 
1 247 LEU n 
1 248 GLU n 
1 249 HIS n 
1 250 HIS n 
1 251 HIS n 
1 252 HIS n 
1 253 HIS n 
1 254 HIS n 
# 
_entity_src_gen.entity_id                          1 
_entity_src_gen.pdbx_src_id                        1 
_entity_src_gen.pdbx_alt_source_flag               sample 
_entity_src_gen.pdbx_seq_type                      'Biological sequence' 
_entity_src_gen.pdbx_beg_seq_num                   1 
_entity_src_gen.pdbx_end_seq_num                   254 
_entity_src_gen.gene_src_common_name               ? 
_entity_src_gen.gene_src_genus                     ? 
_entity_src_gen.pdbx_gene_src_gene                 'pamR2, SALB_00464' 
_entity_src_gen.gene_src_species                   ? 
_entity_src_gen.gene_src_strain                    ? 
_entity_src_gen.gene_src_tissue                    ? 
_entity_src_gen.gene_src_tissue_fraction           ? 
_entity_src_gen.gene_src_details                   ? 
_entity_src_gen.pdbx_gene_src_fragment             ? 
_entity_src_gen.pdbx_gene_src_scientific_name      'Streptomyces alboniger' 
_entity_src_gen.pdbx_gene_src_ncbi_taxonomy_id     132473 
_entity_src_gen.pdbx_gene_src_variant              ? 
_entity_src_gen.pdbx_gene_src_cell_line            ? 
_entity_src_gen.pdbx_gene_src_atcc                 ? 
_entity_src_gen.pdbx_gene_src_organ                ? 
_entity_src_gen.pdbx_gene_src_organelle            ? 
_entity_src_gen.pdbx_gene_src_cell                 ? 
_entity_src_gen.pdbx_gene_src_cellular_location    ? 
_entity_src_gen.host_org_common_name               ? 
_entity_src_gen.pdbx_host_org_scientific_name      'Escherichia coli' 
_entity_src_gen.pdbx_host_org_ncbi_taxonomy_id     562 
_entity_src_gen.host_org_genus                     ? 
_entity_src_gen.pdbx_host_org_gene                 ? 
_entity_src_gen.pdbx_host_org_organ                ? 
_entity_src_gen.host_org_species                   ? 
_entity_src_gen.pdbx_host_org_tissue               ? 
_entity_src_gen.pdbx_host_org_tissue_fraction      ? 
_entity_src_gen.pdbx_host_org_strain               ? 
_entity_src_gen.pdbx_host_org_variant              ? 
_entity_src_gen.pdbx_host_org_cell_line            ? 
_entity_src_gen.pdbx_host_org_atcc                 ? 
_entity_src_gen.pdbx_host_org_culture_collection   ? 
_entity_src_gen.pdbx_host_org_cell                 ? 
_entity_src_gen.pdbx_host_org_organelle            ? 
_entity_src_gen.pdbx_host_org_cellular_location    ? 
_entity_src_gen.pdbx_host_org_vector_type          ? 
_entity_src_gen.pdbx_host_org_vector               ? 
_entity_src_gen.host_org_details                   ? 
_entity_src_gen.expression_system_id               ? 
_entity_src_gen.plasmid_name                       ? 
_entity_src_gen.plasmid_details                    ? 
_entity_src_gen.pdbx_description                   ? 
# 
loop_
_chem_comp.id 
_chem_comp.type 
_chem_comp.mon_nstd_flag 
_chem_comp.name 
_chem_comp.pdbx_synonyms 
_chem_comp.formula 
_chem_comp.formula_weight 
ALA 'L-peptide linking' y ALANINE         ? 'C3 H7 N O2'     89.093  
ARG 'L-peptide linking' y ARGININE        ? 'C6 H15 N4 O2 1' 175.209 
ASN 'L-peptide linking' y ASPARAGINE      ? 'C4 H8 N2 O3'    132.118 
ASP 'L-peptide linking' y 'ASPARTIC ACID' ? 'C4 H7 N O4'     133.103 
CYS 'L-peptide linking' y CYSTEINE        ? 'C3 H7 N O2 S'   121.158 
GLN 'L-peptide linking' y GLUTAMINE       ? 'C5 H10 N2 O3'   146.144 
GLU 'L-peptide linking' y 'GLUTAMIC ACID' ? 'C5 H9 N O4'     147.129 
GLY 'peptide linking'   y GLYCINE         ? 'C2 H5 N O2'     75.067  
HIS 'L-peptide linking' y HISTIDINE       ? 'C6 H10 N3 O2 1' 156.162 
HOH non-polymer         . WATER           ? 'H2 O'           18.015  
ILE 'L-peptide linking' y ISOLEUCINE      ? 'C6 H13 N O2'    131.173 
LEU 'L-peptide linking' y LEUCINE         ? 'C6 H13 N O2'    131.173 
LYS 'L-peptide linking' y LYSINE          ? 'C6 H15 N2 O2 1' 147.195 
MET 'L-peptide linking' y METHIONINE      ? 'C5 H11 N O2 S'  149.211 
PHE 'L-peptide linking' y PHENYLALANINE   ? 'C9 H11 N O2'    165.189 
PRO 'L-peptide linking' y PROLINE         ? 'C5 H9 N O2'     115.130 
SER 'L-peptide linking' y SERINE          ? 'C3 H7 N O3'     105.093 
THR 'L-peptide linking' y THREONINE       ? 'C4 H9 N O3'     119.119 
TRP 'L-peptide linking' y TRYPTOPHAN      ? 'C11 H12 N2 O2'  204.225 
TYR 'L-peptide linking' y TYROSINE        ? 'C9 H11 N O3'    181.189 
VAL 'L-peptide linking' y VALINE          ? 'C5 H11 N O2'    117.146 
# 
loop_
_pdbx_poly_seq_scheme.asym_id 
_pdbx_poly_seq_scheme.entity_id 
_pdbx_poly_seq_scheme.seq_id 
_pdbx_poly_seq_scheme.mon_id 
_pdbx_poly_seq_scheme.ndb_seq_num 
_pdbx_poly_seq_scheme.pdb_seq_num 
_pdbx_poly_seq_scheme.auth_seq_num 
_pdbx_poly_seq_scheme.pdb_mon_id 
_pdbx_poly_seq_scheme.auth_mon_id 
_pdbx_poly_seq_scheme.pdb_strand_id 
_pdbx_poly_seq_scheme.pdb_ins_code 
_pdbx_poly_seq_scheme.hetero 
A 1 1   MET 1   0   ?   ?   ?   A . n 
A 1 2   VAL 2   1   ?   ?   ?   A . n 
A 1 3   ASN 3   2   ?   ?   ?   A . n 
A 1 4   GLU 4   3   ?   ?   ?   A . n 
A 1 5   THR 5   4   ?   ?   ?   A . n 
A 1 6   SER 6   5   ?   ?   ?   A . n 
A 1 7   GLY 7   6   ?   ?   ?   A . n 
A 1 8   ARG 8   7   ?   ?   ?   A . n 
A 1 9   GLU 9   8   ?   ?   ?   A . n 
A 1 10  ASN 10  9   ?   ?   ?   A . n 
A 1 11  THR 11  10  ?   ?   ?   A . n 
A 1 12  PRO 12  11  ?   ?   ?   A . n 
A 1 13  LYS 13  12  ?   ?   ?   A . n 
A 1 14  GLY 14  13  ?   ?   ?   A . n 
A 1 15  GLN 15  14  14  GLN GLN A . n 
A 1 16  PRO 16  15  15  PRO PRO A . n 
A 1 17  GLY 17  16  16  GLY GLY A . n 
A 1 18  SER 18  17  17  SER SER A . n 
A 1 19  ILE 19  18  18  ILE ILE A . n 
A 1 20  TRP 20  19  19  TRP TRP A . n 
A 1 21  LEU 21  20  20  LEU LEU A . n 
A 1 22  ARG 22  21  21  ARG ARG A . n 
A 1 23  GLU 23  22  22  GLU GLU A . n 
A 1 24  VAL 24  23  ?   ?   ?   A . n 
A 1 25  LYS 25  24  ?   ?   ?   A . n 
A 1 26  GLN 26  25  ?   ?   ?   A . n 
A 1 27  ARG 27  26  ?   ?   ?   A . n 
A 1 28  PRO 28  27  ?   ?   ?   A . n 
A 1 29  ALA 29  28  ?   ?   ?   A . n 
A 1 30  ARG 30  29  ?   ?   ?   A . n 
A 1 31  GLN 31  30  ?   ?   ?   A . n 
A 1 32  PRO 32  31  ?   ?   ?   A . n 
A 1 33  LEU 33  32  32  LEU LEU A . n 
A 1 34  SER 34  33  33  SER SER A . n 
A 1 35  ARG 35  34  34  ARG ARG A . n 
A 1 36  GLU 36  35  35  GLU GLU A . n 
A 1 37  GLN 37  36  36  GLN GLN A . n 
A 1 38  ILE 38  37  37  ILE ILE A . n 
A 1 39  VAL 39  38  38  VAL VAL A . n 
A 1 40  GLN 40  39  39  GLN GLN A . n 
A 1 41  ALA 41  40  40  ALA ALA A . n 
A 1 42  ALA 42  41  41  ALA ALA A . n 
A 1 43  VAL 43  42  42  VAL VAL A . n 
A 1 44  ARG 44  43  43  ARG ARG A . n 
A 1 45  LEU 45  44  44  LEU LEU A . n 
A 1 46  LEU 46  45  45  LEU LEU A . n 
A 1 47  ASP 47  46  46  ASP ASP A . n 
A 1 48  GLU 48  47  47  GLU GLU A . n 
A 1 49  GLY 49  48  48  GLY GLY A . n 
A 1 50  GLY 50  49  49  GLY GLY A . n 
A 1 51  VAL 51  50  50  VAL VAL A . n 
A 1 52  ARG 52  51  51  ARG ARG A . n 
A 1 53  ASN 53  52  52  ASN ASN A . n 
A 1 54  LEU 54  53  53  LEU LEU A . n 
A 1 55  ARG 55  54  54  ARG ARG A . n 
A 1 56  MET 56  55  55  MET MET A . n 
A 1 57  ARG 57  56  56  ARG ARG A . n 
A 1 58  GLN 58  57  57  GLN GLN A . n 
A 1 59  LEU 59  58  58  LEU LEU A . n 
A 1 60  ALA 60  59  59  ALA ALA A . n 
A 1 61  ASP 61  60  60  ASP ASP A . n 
A 1 62  SER 62  61  61  SER SER A . n 
A 1 63  LEU 63  62  62  LEU LEU A . n 
A 1 64  ASN 64  63  63  ASN ASN A . n 
A 1 65  SER 65  64  64  SER SER A . n 
A 1 66  ALA 66  65  65  ALA ALA A . n 
A 1 67  PRO 67  66  66  PRO PRO A . n 
A 1 68  MET 68  67  67  MET MET A . n 
A 1 69  SER 69  68  68  SER SER A . n 
A 1 70  LEU 70  69  69  LEU LEU A . n 
A 1 71  TYR 71  70  70  TYR TYR A . n 
A 1 72  TRP 72  71  71  TRP TRP A . n 
A 1 73  HIS 73  72  72  HIS HIS A . n 
A 1 74  VAL 74  73  73  VAL VAL A . n 
A 1 75  SER 75  74  74  SER SER A . n 
A 1 76  THR 76  75  75  THR THR A . n 
A 1 77  LYS 77  76  76  LYS LYS A . n 
A 1 78  ASP 78  77  77  ASP ASP A . n 
A 1 79  ASP 79  78  78  ASP ASP A . n 
A 1 80  LEU 80  79  79  LEU LEU A . n 
A 1 81  LEU 81  80  80  LEU LEU A . n 
A 1 82  GLU 82  81  81  GLU GLU A . n 
A 1 83  LEU 83  82  82  LEU LEU A . n 
A 1 84  ALA 84  83  83  ALA ALA A . n 
A 1 85  ILE 85  84  84  ILE ILE A . n 
A 1 86  ASP 86  85  85  ASP ASP A . n 
A 1 87  ALA 87  86  86  ALA ALA A . n 
A 1 88  VAL 88  87  87  VAL VAL A . n 
A 1 89  PHE 89  88  88  PHE PHE A . n 
A 1 90  PRO 90  89  89  PRO PRO A . n 
A 1 91  ASP 91  90  90  ASP ASP A . n 
A 1 92  PRO 92  91  91  PRO PRO A . n 
A 1 93  PRO 93  92  92  PRO PRO A . n 
A 1 94  SER 94  93  93  SER SER A . n 
A 1 95  ARG 95  94  94  ARG ARG A . n 
A 1 96  SER 96  95  95  SER SER A . n 
A 1 97  GLY 97  96  96  GLY GLY A . n 
A 1 98  THR 98  97  97  THR THR A . n 
A 1 99  GLY 99  98  98  GLY GLY A . n 
A 1 100 ASP 100 99  99  ASP ASP A . n 
A 1 101 TRP 101 100 100 TRP TRP A . n 
A 1 102 ARG 102 101 101 ARG ARG A . n 
A 1 103 ASP 103 102 102 ASP ASP A . n 
A 1 104 ASP 104 103 103 ASP ASP A . n 
A 1 105 ILE 105 104 104 ILE ILE A . n 
A 1 106 LYS 106 105 105 LYS LYS A . n 
A 1 107 ALA 107 106 106 ALA ALA A . n 
A 1 108 GLY 108 107 107 GLY GLY A . n 
A 1 109 ALA 109 108 108 ALA ALA A . n 
A 1 110 THR 110 109 109 THR THR A . n 
A 1 111 ASP 111 110 110 ASP ASP A . n 
A 1 112 LEU 112 111 111 LEU LEU A . n 
A 1 113 PHE 113 112 112 PHE PHE A . n 
A 1 114 GLU 114 113 113 GLU GLU A . n 
A 1 115 VAL 115 114 114 VAL VAL A . n 
A 1 116 LEU 116 115 115 LEU LEU A . n 
A 1 117 LEU 117 116 116 LEU LEU A . n 
A 1 118 ARG 118 117 117 ARG ARG A . n 
A 1 119 HIS 119 118 118 HIS HIS A . n 
A 1 120 SER 120 119 119 SER SER A . n 
A 1 121 TRP 121 120 120 TRP TRP A . n 
A 1 122 MET 122 121 121 MET MET A . n 
A 1 123 ILE 123 122 122 ILE ILE A . n 
A 1 124 GLU 124 123 123 GLU GLU A . n 
A 1 125 LEU 125 124 124 LEU LEU A . n 
A 1 126 MET 126 125 125 MET MET A . n 
A 1 127 GLY 127 126 126 GLY GLY A . n 
A 1 128 GLY 128 127 127 GLY GLY A . n 
A 1 129 HIS 129 128 128 HIS HIS A . n 
A 1 130 PRO 130 129 129 PRO PRO A . n 
A 1 131 PRO 131 130 130 PRO PRO A . n 
A 1 132 VAL 132 131 131 VAL VAL A . n 
A 1 133 GLY 133 132 132 GLY GLY A . n 
A 1 134 PRO 134 133 133 PRO PRO A . n 
A 1 135 ARG 135 134 134 ARG ARG A . n 
A 1 136 ALA 136 135 135 ALA ALA A . n 
A 1 137 LEU 137 136 136 LEU LEU A . n 
A 1 138 ALA 138 137 137 ALA ALA A . n 
A 1 139 HIS 139 138 138 HIS HIS A . n 
A 1 140 THR 140 139 139 THR THR A . n 
A 1 141 SER 141 140 140 SER SER A . n 
A 1 142 ALA 142 141 141 ALA ALA A . n 
A 1 143 ILE 143 142 142 ILE ILE A . n 
A 1 144 ILE 144 143 143 ILE ILE A . n 
A 1 145 GLU 145 144 144 GLU GLU A . n 
A 1 146 ILE 146 145 145 ILE ILE A . n 
A 1 147 LEU 147 146 146 LEU LEU A . n 
A 1 148 GLU 148 147 147 GLU GLU A . n 
A 1 149 GLN 149 148 148 GLN GLN A . n 
A 1 150 ALA 150 149 149 ALA ALA A . n 
A 1 151 HIS 151 150 150 HIS HIS A . n 
A 1 152 PHE 152 151 151 PHE PHE A . n 
A 1 153 SER 153 152 152 SER SER A . n 
A 1 154 PRO 154 153 153 PRO PRO A . n 
A 1 155 ARG 155 154 154 ARG ARG A . n 
A 1 156 GLN 156 155 155 GLN GLN A . n 
A 1 157 LEU 157 156 156 LEU LEU A . n 
A 1 158 ASP 158 157 157 ASP ASP A . n 
A 1 159 SER 159 158 158 SER SER A . n 
A 1 160 ALA 160 159 159 ALA ALA A . n 
A 1 161 LEU 161 160 160 LEU LEU A . n 
A 1 162 SER 162 161 161 SER SER A . n 
A 1 163 ALA 163 162 162 ALA ALA A . n 
A 1 164 ILE 164 163 163 ILE ILE A . n 
A 1 165 TYR 165 164 164 TYR TYR A . n 
A 1 166 TYR 166 165 165 TYR TYR A . n 
A 1 167 TYR 167 166 166 TYR TYR A . n 
A 1 168 THR 168 167 167 THR THR A . n 
A 1 169 VAL 169 168 168 VAL VAL A . n 
A 1 170 GLY 170 169 169 GLY GLY A . n 
A 1 171 ALA 171 170 170 ALA ALA A . n 
A 1 172 ALA 172 171 171 ALA ALA A . n 
A 1 173 LEU 173 172 172 LEU LEU A . n 
A 1 174 SER 174 173 173 SER SER A . n 
A 1 175 GLU 175 174 174 GLU GLU A . n 
A 1 176 ALA 176 175 175 ALA ALA A . n 
A 1 177 SER 177 176 176 SER SER A . n 
A 1 178 TRP 178 177 177 TRP TRP A . n 
A 1 179 GLN 179 178 178 GLN GLN A . n 
A 1 180 ALA 180 179 179 ALA ALA A . n 
A 1 181 MET 181 180 180 MET MET A . n 
A 1 182 ALA 182 181 181 ALA ALA A . n 
A 1 183 ARG 183 182 182 ARG ARG A . n 
A 1 184 GLN 184 183 183 GLN GLN A . n 
A 1 185 SER 185 184 184 SER SER A . n 
A 1 186 ALA 186 185 185 ALA ALA A . n 
A 1 187 GLU 187 186 186 GLU GLU A . n 
A 1 188 SER 188 187 187 SER SER A . n 
A 1 189 GLU 189 188 188 GLU GLU A . n 
A 1 190 GLU 190 189 189 GLU GLU A . n 
A 1 191 GLU 191 190 190 GLU GLU A . n 
A 1 192 TRP 192 191 191 TRP TRP A . n 
A 1 193 VAL 193 192 192 VAL VAL A . n 
A 1 194 SER 194 193 193 SER SER A . n 
A 1 195 ARG 195 194 194 ARG ARG A . n 
A 1 196 LEU 196 195 195 LEU LEU A . n 
A 1 197 GLY 197 196 196 GLY GLY A . n 
A 1 198 PRO 198 197 197 PRO PRO A . n 
A 1 199 TYR 199 198 198 TYR TYR A . n 
A 1 200 LEU 200 199 199 LEU LEU A . n 
A 1 201 GLY 201 200 200 GLY GLY A . n 
A 1 202 MET 202 201 201 MET MET A . n 
A 1 203 ALA 203 202 202 ALA ALA A . n 
A 1 204 THR 204 203 203 THR THR A . n 
A 1 205 GLN 205 204 204 GLN GLN A . n 
A 1 206 SER 206 205 205 SER SER A . n 
A 1 207 HIS 207 206 206 HIS HIS A . n 
A 1 208 PRO 208 207 207 PRO PRO A . n 
A 1 209 ALA 209 208 208 ALA ALA A . n 
A 1 210 SER 210 209 209 SER SER A . n 
A 1 211 LEU 211 210 210 LEU LEU A . n 
A 1 212 ALA 212 211 211 ALA ALA A . n 
A 1 213 ASP 213 212 212 ASP ASP A . n 
A 1 214 TYR 214 213 213 TYR TYR A . n 
A 1 215 VAL 215 214 214 VAL VAL A . n 
A 1 216 LYS 216 215 215 LYS LYS A . n 
A 1 217 ARG 217 216 216 ARG ARG A . n 
A 1 218 SER 218 217 217 SER SER A . n 
A 1 219 ALA 219 218 218 ALA ALA A . n 
A 1 220 SER 220 219 219 SER SER A . n 
A 1 221 SER 221 220 220 SER SER A . n 
A 1 222 SER 222 221 221 SER SER A . n 
A 1 223 THR 223 222 222 THR THR A . n 
A 1 224 GLY 224 223 223 GLY GLY A . n 
A 1 225 GLN 225 224 224 GLN GLN A . n 
A 1 226 ARG 226 225 225 ARG ARG A . n 
A 1 227 PHE 227 226 226 PHE PHE A . n 
A 1 228 HIS 228 227 227 HIS HIS A . n 
A 1 229 ASP 229 228 228 ASP ASP A . n 
A 1 230 GLY 230 229 229 GLY GLY A . n 
A 1 231 LEU 231 230 230 LEU LEU A . n 
A 1 232 GLU 232 231 231 GLU GLU A . n 
A 1 233 CYS 233 232 232 CYS CYS A . n 
A 1 234 MET 234 233 233 MET MET A . n 
A 1 235 VAL 235 234 234 VAL VAL A . n 
A 1 236 SER 236 235 235 SER SER A . n 
A 1 237 GLY 237 236 236 GLY GLY A . n 
A 1 238 MET 238 237 237 MET MET A . n 
A 1 239 GLY 239 238 ?   ?   ?   A . n 
A 1 240 GLN 240 239 ?   ?   ?   A . n 
A 1 241 MET 241 240 ?   ?   ?   A . n 
A 1 242 ARG 242 241 ?   ?   ?   A . n 
A 1 243 SER 243 242 ?   ?   ?   A . n 
A 1 244 GLN 244 243 ?   ?   ?   A . n 
A 1 245 ASP 245 244 ?   ?   ?   A . n 
A 1 246 SER 246 245 ?   ?   ?   A . n 
A 1 247 LEU 247 246 ?   ?   ?   A . n 
A 1 248 GLU 248 247 ?   ?   ?   A . n 
A 1 249 HIS 249 248 ?   ?   ?   A . n 
A 1 250 HIS 250 249 ?   ?   ?   A . n 
A 1 251 HIS 251 250 ?   ?   ?   A . n 
A 1 252 HIS 252 251 ?   ?   ?   A . n 
A 1 253 HIS 253 252 ?   ?   ?   A . n 
A 1 254 HIS 254 253 ?   ?   ?   A . n 
# 
loop_
_pdbx_nonpoly_scheme.asym_id 
_pdbx_nonpoly_scheme.entity_id 
_pdbx_nonpoly_scheme.mon_id 
_pdbx_nonpoly_scheme.ndb_seq_num 
_pdbx_nonpoly_scheme.pdb_seq_num 
_pdbx_nonpoly_scheme.auth_seq_num 
_pdbx_nonpoly_scheme.pdb_mon_id 
_pdbx_nonpoly_scheme.auth_mon_id 
_pdbx_nonpoly_scheme.pdb_strand_id 
_pdbx_nonpoly_scheme.pdb_ins_code 
B 2 HOH 1  301 14 HOH HOH A . 
B 2 HOH 2  302 11 HOH HOH A . 
B 2 HOH 3  303 2  HOH HOH A . 
B 2 HOH 4  304 1  HOH HOH A . 
B 2 HOH 5  305 7  HOH HOH A . 
B 2 HOH 6  306 16 HOH HOH A . 
B 2 HOH 7  307 17 HOH HOH A . 
B 2 HOH 8  308 4  HOH HOH A . 
B 2 HOH 9  309 15 HOH HOH A . 
B 2 HOH 10 310 19 HOH HOH A . 
B 2 HOH 11 311 12 HOH HOH A . 
B 2 HOH 12 312 5  HOH HOH A . 
B 2 HOH 13 313 6  HOH HOH A . 
B 2 HOH 14 314 20 HOH HOH A . 
B 2 HOH 15 315 9  HOH HOH A . 
B 2 HOH 16 316 3  HOH HOH A . 
B 2 HOH 17 317 22 HOH HOH A . 
B 2 HOH 18 318 8  HOH HOH A . 
# 
loop_
_pdbx_unobs_or_zero_occ_atoms.id 
_pdbx_unobs_or_zero_occ_atoms.PDB_model_num 
_pdbx_unobs_or_zero_occ_atoms.polymer_flag 
_pdbx_unobs_or_zero_occ_atoms.occupancy_flag 
_pdbx_unobs_or_zero_occ_atoms.auth_asym_id 
_pdbx_unobs_or_zero_occ_atoms.auth_comp_id 
_pdbx_unobs_or_zero_occ_atoms.auth_seq_id 
_pdbx_unobs_or_zero_occ_atoms.PDB_ins_code 
_pdbx_unobs_or_zero_occ_atoms.auth_atom_id 
_pdbx_unobs_or_zero_occ_atoms.label_alt_id 
_pdbx_unobs_or_zero_occ_atoms.label_asym_id 
_pdbx_unobs_or_zero_occ_atoms.label_comp_id 
_pdbx_unobs_or_zero_occ_atoms.label_seq_id 
_pdbx_unobs_or_zero_occ_atoms.label_atom_id 
1  1 Y 1 A GLN 14  ? CG  ? A GLN 15  CG  
2  1 Y 1 A GLN 14  ? CD  ? A GLN 15  CD  
3  1 Y 1 A GLN 14  ? OE1 ? A GLN 15  OE1 
4  1 Y 1 A GLN 14  ? NE2 ? A GLN 15  NE2 
5  1 Y 1 A ARG 51  ? CG  ? A ARG 52  CG  
6  1 Y 1 A ARG 51  ? CD  ? A ARG 52  CD  
7  1 Y 1 A ARG 51  ? NE  ? A ARG 52  NE  
8  1 Y 1 A ARG 51  ? CZ  ? A ARG 52  CZ  
9  1 Y 1 A ARG 51  ? NH1 ? A ARG 52  NH1 
10 1 Y 1 A ARG 51  ? NH2 ? A ARG 52  NH2 
11 1 Y 1 A GLN 57  ? CG  ? A GLN 58  CG  
12 1 Y 1 A GLN 57  ? CD  ? A GLN 58  CD  
13 1 Y 1 A GLN 57  ? OE1 ? A GLN 58  OE1 
14 1 Y 1 A GLN 57  ? NE2 ? A GLN 58  NE2 
15 1 Y 1 A ASP 102 ? CG  ? A ASP 103 CG  
16 1 Y 1 A ASP 102 ? OD1 ? A ASP 103 OD1 
17 1 Y 1 A ASP 102 ? OD2 ? A ASP 103 OD2 
18 1 Y 1 A ARG 154 ? CG  ? A ARG 155 CG  
19 1 Y 1 A ARG 154 ? CD  ? A ARG 155 CD  
20 1 Y 1 A ARG 154 ? NE  ? A ARG 155 NE  
21 1 Y 1 A ARG 154 ? CZ  ? A ARG 155 CZ  
22 1 Y 1 A ARG 154 ? NH1 ? A ARG 155 NH1 
23 1 Y 1 A ARG 154 ? NH2 ? A ARG 155 NH2 
24 1 Y 1 A GLU 189 ? CG  ? A GLU 190 CG  
25 1 Y 1 A GLU 189 ? CD  ? A GLU 190 CD  
26 1 Y 1 A GLU 189 ? OE1 ? A GLU 190 OE1 
27 1 Y 1 A GLU 189 ? OE2 ? A GLU 190 OE2 
28 1 Y 1 A GLN 224 ? CG  ? A GLN 225 CG  
29 1 Y 1 A GLN 224 ? CD  ? A GLN 225 CD  
30 1 Y 1 A GLN 224 ? OE1 ? A GLN 225 OE1 
31 1 Y 1 A GLN 224 ? NE2 ? A GLN 225 NE2 
# 
loop_
_software.citation_id 
_software.classification 
_software.compiler_name 
_software.compiler_version 
_software.contact_author 
_software.contact_author_email 
_software.date 
_software.description 
_software.dependencies 
_software.hardware 
_software.language 
_software.location 
_software.mods 
_software.name 
_software.os 
_software.os_version 
_software.type 
_software.version 
_software.pdbx_ordinal 
? refinement       ? ? ? ? ? ? ? ? ? ? ? PHENIX ? ? ? 1.12_2829 1 
? 'data reduction' ? ? ? ? ? ? ? ? ? ? ? XDS    ? ? ? 20170615  2 
? 'data scaling'   ? ? ? ? ? ? ? ? ? ? ? XSCALE ? ? ? 20170615  3 
? phasing          ? ? ? ? ? ? ? ? ? ? ? PHASER ? ? ? .         4 
# 
_cell.angle_alpha                  90.000 
_cell.angle_alpha_esd              ? 
_cell.angle_beta                   97.990 
_cell.angle_beta_esd               ? 
_cell.angle_gamma                  90.000 
_cell.angle_gamma_esd              ? 
_cell.entry_id                     5OJX 
_cell.details                      ? 
_cell.formula_units_Z              ? 
_cell.length_a                     98.270 
_cell.length_a_esd                 ? 
_cell.length_b                     56.030 
_cell.length_b_esd                 ? 
_cell.length_c                     39.270 
_cell.length_c_esd                 ? 
_cell.volume                       ? 
_cell.volume_esd                   ? 
_cell.Z_PDB                        4 
_cell.reciprocal_angle_alpha       ? 
_cell.reciprocal_angle_beta        ? 
_cell.reciprocal_angle_gamma       ? 
_cell.reciprocal_angle_alpha_esd   ? 
_cell.reciprocal_angle_beta_esd    ? 
_cell.reciprocal_angle_gamma_esd   ? 
_cell.reciprocal_length_a          ? 
_cell.reciprocal_length_b          ? 
_cell.reciprocal_length_c          ? 
_cell.reciprocal_length_a_esd      ? 
_cell.reciprocal_length_b_esd      ? 
_cell.reciprocal_length_c_esd      ? 
_cell.pdbx_unique_axis             ? 
# 
_symmetry.entry_id                         5OJX 
_symmetry.cell_setting                     ? 
_symmetry.Int_Tables_number                5 
_symmetry.space_group_name_Hall            ? 
_symmetry.space_group_name_H-M             'C 1 2 1' 
_symmetry.pdbx_full_space_group_name_H-M   ? 
# 
_exptl.absorpt_coefficient_mu     ? 
_exptl.absorpt_correction_T_max   ? 
_exptl.absorpt_correction_T_min   ? 
_exptl.absorpt_correction_type    ? 
_exptl.absorpt_process_details    ? 
_exptl.entry_id                   5OJX 
_exptl.crystals_number            1 
_exptl.details                    ? 
_exptl.method                     'X-RAY DIFFRACTION' 
_exptl.method_details             ? 
# 
_exptl_crystal.colour                      ? 
_exptl_crystal.density_diffrn              ? 
_exptl_crystal.density_Matthews            1.89 
_exptl_crystal.density_method              ? 
_exptl_crystal.density_percent_sol         35.09 
_exptl_crystal.description                 ? 
_exptl_crystal.F_000                       ? 
_exptl_crystal.id                          1 
_exptl_crystal.preparation                 ? 
_exptl_crystal.size_max                    ? 
_exptl_crystal.size_mid                    ? 
_exptl_crystal.size_min                    ? 
_exptl_crystal.size_rad                    ? 
_exptl_crystal.colour_lustre               ? 
_exptl_crystal.colour_modifier             ? 
_exptl_crystal.colour_primary              ? 
_exptl_crystal.density_meas                ? 
_exptl_crystal.density_meas_esd            ? 
_exptl_crystal.density_meas_gt             ? 
_exptl_crystal.density_meas_lt             ? 
_exptl_crystal.density_meas_temp           ? 
_exptl_crystal.density_meas_temp_esd       ? 
_exptl_crystal.density_meas_temp_gt        ? 
_exptl_crystal.density_meas_temp_lt        ? 
_exptl_crystal.pdbx_crystal_image_url      ? 
_exptl_crystal.pdbx_crystal_image_format   ? 
_exptl_crystal.pdbx_mosaicity              ? 
_exptl_crystal.pdbx_mosaicity_esd          ? 
# 
_exptl_crystal_grow.apparatus       ? 
_exptl_crystal_grow.atmosphere      ? 
_exptl_crystal_grow.crystal_id      1 
_exptl_crystal_grow.details         ? 
_exptl_crystal_grow.method          'VAPOR DIFFUSION, SITTING DROP' 
_exptl_crystal_grow.method_ref      ? 
_exptl_crystal_grow.pH              ? 
_exptl_crystal_grow.pressure        ? 
_exptl_crystal_grow.pressure_esd    ? 
_exptl_crystal_grow.seeding         ? 
_exptl_crystal_grow.seeding_ref     ? 
_exptl_crystal_grow.temp            293 
_exptl_crystal_grow.temp_details    ? 
_exptl_crystal_grow.temp_esd        ? 
_exptl_crystal_grow.time            ? 
_exptl_crystal_grow.pdbx_details    
;5mg/mL PamR2
150 mM NaCl
722mM tri-Lithium citrate
;
_exptl_crystal_grow.pdbx_pH_range   ? 
# 
_diffrn.ambient_environment    ? 
_diffrn.ambient_temp           100 
_diffrn.ambient_temp_details   ? 
_diffrn.ambient_temp_esd       ? 
_diffrn.crystal_id             1 
_diffrn.crystal_support        ? 
_diffrn.crystal_treatment      ? 
_diffrn.details                ? 
_diffrn.id                     1 
_diffrn.ambient_pressure       ? 
_diffrn.ambient_pressure_esd   ? 
_diffrn.ambient_pressure_gt    ? 
_diffrn.ambient_pressure_lt    ? 
_diffrn.ambient_temp_gt        ? 
_diffrn.ambient_temp_lt        ? 
# 
_diffrn_detector.details                      ? 
_diffrn_detector.detector                     PIXEL 
_diffrn_detector.diffrn_id                    1 
_diffrn_detector.type                         'DECTRIS PILATUS3 2M' 
_diffrn_detector.area_resol_mean              ? 
_diffrn_detector.dtime                        ? 
_diffrn_detector.pdbx_frames_total            ? 
_diffrn_detector.pdbx_collection_time_total   ? 
_diffrn_detector.pdbx_collection_date         2017-01-13 
# 
_diffrn_radiation.collimation                      ? 
_diffrn_radiation.diffrn_id                        1 
_diffrn_radiation.filter_edge                      ? 
_diffrn_radiation.inhomogeneity                    ? 
_diffrn_radiation.monochromator                    ? 
_diffrn_radiation.polarisn_norm                    ? 
_diffrn_radiation.polarisn_ratio                   ? 
_diffrn_radiation.probe                            ? 
_diffrn_radiation.type                             ? 
_diffrn_radiation.xray_symbol                      ? 
_diffrn_radiation.wavelength_id                    1 
_diffrn_radiation.pdbx_monochromatic_or_laue_m_l   M 
_diffrn_radiation.pdbx_wavelength_list             ? 
_diffrn_radiation.pdbx_wavelength                  ? 
_diffrn_radiation.pdbx_diffrn_protocol             'SINGLE WAVELENGTH' 
_diffrn_radiation.pdbx_analyzer                    ? 
_diffrn_radiation.pdbx_scattering_type             x-ray 
# 
_diffrn_radiation_wavelength.id           1 
_diffrn_radiation_wavelength.wavelength   0.918400 
_diffrn_radiation_wavelength.wt           1.0 
# 
_diffrn_source.current                     ? 
_diffrn_source.details                     ? 
_diffrn_source.diffrn_id                   1 
_diffrn_source.power                       ? 
_diffrn_source.size                        ? 
_diffrn_source.source                      SYNCHROTRON 
_diffrn_source.target                      ? 
_diffrn_source.type                        'BESSY BEAMLINE 14.1' 
_diffrn_source.voltage                     ? 
_diffrn_source.take-off_angle              ? 
_diffrn_source.pdbx_wavelength_list        0.918400 
_diffrn_source.pdbx_wavelength             ? 
_diffrn_source.pdbx_synchrotron_beamline   14.1 
_diffrn_source.pdbx_synchrotron_site       BESSY 
# 
_reflns.B_iso_Wilson_estimate            48.830 
_reflns.entry_id                         5OJX 
_reflns.data_reduction_details           ? 
_reflns.data_reduction_method            ? 
_reflns.d_resolution_high                2.100 
_reflns.d_resolution_low                 38.889 
_reflns.details                          ? 
_reflns.limit_h_max                      ? 
_reflns.limit_h_min                      ? 
_reflns.limit_k_max                      ? 
_reflns.limit_k_min                      ? 
_reflns.limit_l_max                      ? 
_reflns.limit_l_min                      ? 
_reflns.number_all                       ? 
_reflns.number_obs                       12407 
_reflns.observed_criterion               ? 
_reflns.observed_criterion_F_max         ? 
_reflns.observed_criterion_F_min         ? 
_reflns.observed_criterion_I_max         ? 
_reflns.observed_criterion_I_min         ? 
_reflns.observed_criterion_sigma_F       ? 
_reflns.observed_criterion_sigma_I       -3.000 
_reflns.percent_possible_obs             99.600 
_reflns.R_free_details                   ? 
_reflns.Rmerge_F_all                     ? 
_reflns.Rmerge_F_obs                     ? 
_reflns.Friedel_coverage                 ? 
_reflns.number_gt                        ? 
_reflns.threshold_expression             ? 
_reflns.pdbx_redundancy                  4.288 
_reflns.pdbx_Rmerge_I_obs                0.036 
_reflns.pdbx_Rmerge_I_all                ? 
_reflns.pdbx_Rsym_value                  ? 
_reflns.pdbx_netI_over_av_sigmaI         ? 
_reflns.pdbx_netI_over_sigmaI            20.020 
_reflns.pdbx_res_netI_over_av_sigmaI_2   ? 
_reflns.pdbx_res_netI_over_sigmaI_2      ? 
_reflns.pdbx_chi_squared                 1.012 
_reflns.pdbx_scaling_rejects             ? 
_reflns.pdbx_d_res_high_opt              ? 
_reflns.pdbx_d_res_low_opt               ? 
_reflns.pdbx_d_res_opt_method            ? 
_reflns.phase_calculation_details        ? 
_reflns.pdbx_Rrim_I_all                  0.041 
_reflns.pdbx_Rpim_I_all                  ? 
_reflns.pdbx_d_opt                       ? 
_reflns.pdbx_number_measured_all         ? 
_reflns.pdbx_diffrn_id                   1 
_reflns.pdbx_ordinal                     1 
_reflns.pdbx_CC_half                     1.000 
_reflns.pdbx_R_split                     ? 
# 
loop_
_reflns_shell.d_res_high 
_reflns_shell.d_res_low 
_reflns_shell.meanI_over_sigI_all 
_reflns_shell.meanI_over_sigI_obs 
_reflns_shell.number_measured_all 
_reflns_shell.number_measured_obs 
_reflns_shell.number_possible 
_reflns_shell.number_unique_all 
_reflns_shell.number_unique_obs 
_reflns_shell.percent_possible_all 
_reflns_shell.percent_possible_obs 
_reflns_shell.Rmerge_F_all 
_reflns_shell.Rmerge_F_obs 
_reflns_shell.Rmerge_I_all 
_reflns_shell.Rmerge_I_obs 
_reflns_shell.meanI_over_sigI_gt 
_reflns_shell.meanI_over_uI_all 
_reflns_shell.meanI_over_uI_gt 
_reflns_shell.number_measured_gt 
_reflns_shell.number_unique_gt 
_reflns_shell.percent_possible_gt 
_reflns_shell.Rmerge_F_gt 
_reflns_shell.Rmerge_I_gt 
_reflns_shell.pdbx_redundancy 
_reflns_shell.pdbx_Rsym_value 
_reflns_shell.pdbx_chi_squared 
_reflns_shell.pdbx_netI_over_sigmaI_all 
_reflns_shell.pdbx_netI_over_sigmaI_obs 
_reflns_shell.pdbx_Rrim_I_all 
_reflns_shell.pdbx_Rpim_I_all 
_reflns_shell.pdbx_rejects 
_reflns_shell.pdbx_ordinal 
_reflns_shell.pdbx_diffrn_id 
_reflns_shell.pdbx_CC_half 
_reflns_shell.pdbx_R_split 
2.100  2.200  ? 1.860  ? ? ? ? 1614 100.00  ? ? ? ? 0.717 ? ? ? ? ? ? ? ? 4.473 ? ? ? ? 0.816 ? ? 1  1 0.708 ? 
2.200  2.300  ? 2.870  ? ? ? ? 1324 99.900  ? ? ? ? 0.481 ? ? ? ? ? ? ? ? 4.466 ? ? ? ? 0.547 ? ? 2  1 0.850 ? 
2.300  2.400  ? 4.130  ? ? ? ? 1137 100.000 ? ? ? ? 0.321 ? ? ? ? ? ? ? ? 4.486 ? ? ? ? 0.365 ? ? 3  1 0.934 ? 
2.400  2.500  ? 5.870  ? ? ? ? 967  99.900  ? ? ? ? 0.222 ? ? ? ? ? ? ? ? 4.390 ? ? ? ? 0.253 ? ? 4  1 0.963 ? 
2.500  3.000  ? 11.870 ? ? ? ? 3076 99.500  ? ? ? ? 0.103 ? ? ? ? ? ? ? ? 4.148 ? ? ? ? 0.118 ? ? 5  1 0.993 ? 
3.000  4.000  ? 35.630 ? ? ? ? 2468 99.700  ? ? ? ? 0.031 ? ? ? ? ? ? ? ? 4.292 ? ? ? ? 0.035 ? ? 6  1 0.999 ? 
4.000  5.000  ? 56.590 ? ? ? ? 882  99.000  ? ? ? ? 0.019 ? ? ? ? ? ? ? ? 4.080 ? ? ? ? 0.022 ? ? 7  1 0.999 ? 
5.000  6.000  ? 54.260 ? ? ? ? 386  98.500  ? ? ? ? 0.020 ? ? ? ? ? ? ? ? 3.754 ? ? ? ? 0.023 ? ? 8  1 0.999 ? 
6.000  10.000 ? 64.240 ? ? ? ? 435  98.900  ? ? ? ? 0.015 ? ? ? ? ? ? ? ? 4.301 ? ? ? ? 0.017 ? ? 9  1 0.999 ? 
10.000 38.889 ? 67.890 ? ? ? ? 118  93.700  ? ? ? ? 0.016 ? ? ? ? ? ? ? ? 3.881 ? ? ? ? 0.019 ? ? 10 1 1.000 ? 
# 
_refine.aniso_B[1][1]                            ? 
_refine.aniso_B[1][2]                            ? 
_refine.aniso_B[1][3]                            ? 
_refine.aniso_B[2][2]                            ? 
_refine.aniso_B[2][3]                            ? 
_refine.aniso_B[3][3]                            ? 
_refine.B_iso_max                                88.480 
_refine.B_iso_mean                               57.1754 
_refine.B_iso_min                                33.300 
_refine.correlation_coeff_Fo_to_Fc               ? 
_refine.correlation_coeff_Fo_to_Fc_free          ? 
_refine.details                                  ? 
_refine.diff_density_max                         ? 
_refine.diff_density_max_esd                     ? 
_refine.diff_density_min                         ? 
_refine.diff_density_min_esd                     ? 
_refine.diff_density_rms                         ? 
_refine.diff_density_rms_esd                     ? 
_refine.entry_id                                 5OJX 
_refine.pdbx_refine_id                           'X-RAY DIFFRACTION' 
_refine.ls_abs_structure_details                 ? 
_refine.ls_abs_structure_Flack                   ? 
_refine.ls_abs_structure_Flack_esd               ? 
_refine.ls_abs_structure_Rogers                  ? 
_refine.ls_abs_structure_Rogers_esd              ? 
_refine.ls_d_res_high                            2.1000 
_refine.ls_d_res_low                             38.8890 
_refine.ls_extinction_coef                       ? 
_refine.ls_extinction_coef_esd                   ? 
_refine.ls_extinction_expression                 ? 
_refine.ls_extinction_method                     ? 
_refine.ls_goodness_of_fit_all                   ? 
_refine.ls_goodness_of_fit_all_esd               ? 
_refine.ls_goodness_of_fit_obs                   ? 
_refine.ls_goodness_of_fit_obs_esd               ? 
_refine.ls_hydrogen_treatment                    ? 
_refine.ls_matrix_type                           ? 
_refine.ls_number_constraints                    ? 
_refine.ls_number_parameters                     ? 
_refine.ls_number_reflns_all                     ? 
_refine.ls_number_reflns_obs                     12402 
_refine.ls_number_reflns_R_free                  621 
_refine.ls_number_reflns_R_work                  ? 
_refine.ls_number_restraints                     ? 
_refine.ls_percent_reflns_obs                    99.5800 
_refine.ls_percent_reflns_R_free                 5.0100 
_refine.ls_R_factor_all                          ? 
_refine.ls_R_factor_obs                          0.2298 
_refine.ls_R_factor_R_free                       0.2766 
_refine.ls_R_factor_R_free_error                 ? 
_refine.ls_R_factor_R_free_error_details         ? 
_refine.ls_R_factor_R_work                       0.2273 
_refine.ls_R_Fsqd_factor_obs                     ? 
_refine.ls_R_I_factor_obs                        ? 
_refine.ls_redundancy_reflns_all                 ? 
_refine.ls_redundancy_reflns_obs                 ? 
_refine.ls_restrained_S_all                      ? 
_refine.ls_restrained_S_obs                      ? 
_refine.ls_shift_over_esd_max                    ? 
_refine.ls_shift_over_esd_mean                   ? 
_refine.ls_structure_factor_coef                 ? 
_refine.ls_weighting_details                     ? 
_refine.ls_weighting_scheme                      ? 
_refine.ls_wR_factor_all                         ? 
_refine.ls_wR_factor_obs                         ? 
_refine.ls_wR_factor_R_free                      ? 
_refine.ls_wR_factor_R_work                      ? 
_refine.occupancy_max                            ? 
_refine.occupancy_min                            ? 
_refine.solvent_model_details                    ? 
_refine.solvent_model_param_bsol                 ? 
_refine.solvent_model_param_ksol                 ? 
_refine.ls_R_factor_gt                           ? 
_refine.ls_goodness_of_fit_gt                    ? 
_refine.ls_goodness_of_fit_ref                   ? 
_refine.ls_shift_over_su_max                     ? 
_refine.ls_shift_over_su_max_lt                  ? 
_refine.ls_shift_over_su_mean                    ? 
_refine.ls_shift_over_su_mean_lt                 ? 
_refine.pdbx_ls_sigma_I                          ? 
_refine.pdbx_ls_sigma_F                          1.360 
_refine.pdbx_ls_sigma_Fsqd                       ? 
_refine.pdbx_data_cutoff_high_absF               ? 
_refine.pdbx_data_cutoff_high_rms_absF           ? 
_refine.pdbx_data_cutoff_low_absF                ? 
_refine.pdbx_isotropic_thermal_model             ? 
_refine.pdbx_ls_cross_valid_method               'FREE R-VALUE' 
_refine.pdbx_method_to_determine_struct          'MOLECULAR REPLACEMENT' 
_refine.pdbx_starting_model                      2Y30 
_refine.pdbx_stereochemistry_target_values       ? 
_refine.pdbx_R_Free_selection_details            ? 
_refine.pdbx_stereochem_target_val_spec_case     ? 
_refine.pdbx_overall_ESU_R                       ? 
_refine.pdbx_overall_ESU_R_Free                  ? 
_refine.pdbx_solvent_vdw_probe_radii             1.1100 
_refine.pdbx_solvent_ion_probe_radii             ? 
_refine.pdbx_solvent_shrinkage_radii             0.9000 
_refine.pdbx_real_space_R                        ? 
_refine.pdbx_density_correlation                 ? 
_refine.pdbx_pd_number_of_powder_patterns        ? 
_refine.pdbx_pd_number_of_points                 ? 
_refine.pdbx_pd_meas_number_of_points            ? 
_refine.pdbx_pd_proc_ls_prof_R_factor            ? 
_refine.pdbx_pd_proc_ls_prof_wR_factor           ? 
_refine.pdbx_pd_Marquardt_correlation_coeff      ? 
_refine.pdbx_pd_Fsqrd_R_factor                   ? 
_refine.pdbx_pd_ls_matrix_band_width             ? 
_refine.pdbx_overall_phase_error                 36.5700 
_refine.pdbx_overall_SU_R_free_Cruickshank_DPI   ? 
_refine.pdbx_overall_SU_R_free_Blow_DPI          ? 
_refine.pdbx_overall_SU_R_Blow_DPI               ? 
_refine.pdbx_TLS_residual_ADP_flag               ? 
_refine.pdbx_diffrn_id                           1 
_refine.overall_SU_B                             ? 
_refine.overall_SU_ML                            0.3300 
_refine.overall_SU_R_Cruickshank_DPI             ? 
_refine.overall_SU_R_free                        ? 
_refine.overall_FOM_free_R_set                   ? 
_refine.overall_FOM_work_R_set                   ? 
_refine.pdbx_average_fsc_overall                 ? 
_refine.pdbx_average_fsc_work                    ? 
_refine.pdbx_average_fsc_free                    ? 
# 
_refine_hist.cycle_id                         final 
_refine_hist.pdbx_refine_id                   'X-RAY DIFFRACTION' 
_refine_hist.d_res_high                       2.1000 
_refine_hist.d_res_low                        38.8890 
_refine_hist.pdbx_number_atoms_ligand         0 
_refine_hist.number_atoms_solvent             18 
_refine_hist.number_atoms_total               1652 
_refine_hist.pdbx_number_residues_total       215 
_refine_hist.pdbx_B_iso_mean_solvent          49.80 
_refine_hist.pdbx_number_atoms_protein        1634 
_refine_hist.pdbx_number_atoms_nucleic_acid   0 
# 
loop_
_refine_ls_restr.pdbx_refine_id 
_refine_ls_restr.criterion 
_refine_ls_restr.dev_ideal 
_refine_ls_restr.dev_ideal_target 
_refine_ls_restr.number 
_refine_ls_restr.rejects 
_refine_ls_restr.type 
_refine_ls_restr.weight 
_refine_ls_restr.pdbx_restraint_function 
'X-RAY DIFFRACTION' ? 0.007  ? 1672 ? f_bond_d           ? ? 
'X-RAY DIFFRACTION' ? 0.912  ? 2273 ? f_angle_d          ? ? 
'X-RAY DIFFRACTION' ? 0.046  ? 251  ? f_chiral_restr     ? ? 
'X-RAY DIFFRACTION' ? 0.006  ? 294  ? f_plane_restr      ? ? 
'X-RAY DIFFRACTION' ? 19.136 ? 997  ? f_dihedral_angle_d ? ? 
# 
loop_
_refine_ls_shell.pdbx_refine_id 
_refine_ls_shell.d_res_high 
_refine_ls_shell.d_res_low 
_refine_ls_shell.number_reflns_all 
_refine_ls_shell.number_reflns_obs 
_refine_ls_shell.number_reflns_R_free 
_refine_ls_shell.number_reflns_R_work 
_refine_ls_shell.percent_reflns_obs 
_refine_ls_shell.percent_reflns_R_free 
_refine_ls_shell.R_factor_all 
_refine_ls_shell.R_factor_obs 
_refine_ls_shell.R_factor_R_free 
_refine_ls_shell.R_factor_R_free_error 
_refine_ls_shell.R_factor_R_work 
_refine_ls_shell.redundancy_reflns_all 
_refine_ls_shell.redundancy_reflns_obs 
_refine_ls_shell.wR_factor_all 
_refine_ls_shell.wR_factor_obs 
_refine_ls_shell.wR_factor_R_free 
_refine_ls_shell.wR_factor_R_work 
_refine_ls_shell.pdbx_total_number_of_bins_used 
_refine_ls_shell.pdbx_phase_error 
_refine_ls_shell.pdbx_fsc_work 
_refine_ls_shell.pdbx_fsc_free 
'X-RAY DIFFRACTION' 2.1001 2.3114  3093 . 155 2938 100.0000 . . . 0.3696 0.0000 0.3110 . . . . . . 4 . . . 
'X-RAY DIFFRACTION' 2.3114 2.6458  3082 . 154 2928 100.0000 . . . 0.3340 0.0000 0.2873 . . . . . . 4 . . . 
'X-RAY DIFFRACTION' 2.6458 3.3331  3092 . 155 2937 99.0000  . . . 0.4171 0.0000 0.2837 . . . . . . 4 . . . 
'X-RAY DIFFRACTION' 3.3331 38.8958 3135 . 157 2978 99.0000  . . . 0.2167 0.0000 0.1886 . . . . . . 4 . . . 
# 
_struct.entry_id                     5OJX 
_struct.title                        
'Crystal structure of regulator protein 2 (PamR2) from the pamamycin biosynthetic gene cluster of Streptomyces alboniger' 
_struct.pdbx_model_details           ? 
_struct.pdbx_formula_weight          ? 
_struct.pdbx_formula_weight_method   ? 
_struct.pdbx_model_type_details      ? 
_struct.pdbx_CASP_flag               N 
# 
_struct_keywords.entry_id        5OJX 
_struct_keywords.text            
;transcription regulator, TetR family transcription regulator, Streptomyces alboniger, regulator protein 2, pamamycin biosynthesis, TRANSCRIPTION
;
_struct_keywords.pdbx_keywords   TRANSCRIPTION 
# 
loop_
_struct_asym.id 
_struct_asym.pdbx_blank_PDB_chainid_flag 
_struct_asym.pdbx_modified 
_struct_asym.entity_id 
_struct_asym.details 
A N N 1 ? 
B N N 2 ? 
# 
_struct_ref.id                         1 
_struct_ref.db_name                    UNP 
_struct_ref.db_code                    A0A0D3RJT7_STRAD 
_struct_ref.pdbx_db_accession          A0A0D3RJT7 
_struct_ref.pdbx_db_isoform            ? 
_struct_ref.entity_id                  1 
_struct_ref.pdbx_seq_one_letter_code   
;NETSGRENTPKGQPGSIWLREVKQRPARQPLSREQIVQAAVRLLDEGGVRNLRMRQLADSLNSAPMSLYWHVSTKDDLLE
LAIDAVFPDPPSRSGTGDWRDDIKAGATDLFEVLLRHSWMIELMGGHPPVGPRALAHTSAIIEILEQAHFSPRQLDSALS
AIYYYTVGAALSEASWQAMARQSAESEEEWVSRLGPYLGMATQSHPASLADYVKRSASSSTGQRFHDGLECMVSGMGQMR
SQDS
;
_struct_ref.pdbx_align_begin           2 
# 
_struct_ref_seq.align_id                      1 
_struct_ref_seq.ref_id                        1 
_struct_ref_seq.pdbx_PDB_id_code              5OJX 
_struct_ref_seq.pdbx_strand_id                A 
_struct_ref_seq.seq_align_beg                 3 
_struct_ref_seq.pdbx_seq_align_beg_ins_code   ? 
_struct_ref_seq.seq_align_end                 246 
_struct_ref_seq.pdbx_seq_align_end_ins_code   ? 
_struct_ref_seq.pdbx_db_accession             A0A0D3RJT7 
_struct_ref_seq.db_align_beg                  2 
_struct_ref_seq.pdbx_db_align_beg_ins_code    ? 
_struct_ref_seq.db_align_end                  245 
_struct_ref_seq.pdbx_db_align_end_ins_code    ? 
_struct_ref_seq.pdbx_auth_seq_align_beg       2 
_struct_ref_seq.pdbx_auth_seq_align_end       245 
# 
loop_
_struct_ref_seq_dif.align_id 
_struct_ref_seq_dif.pdbx_pdb_id_code 
_struct_ref_seq_dif.mon_id 
_struct_ref_seq_dif.pdbx_pdb_strand_id 
_struct_ref_seq_dif.seq_num 
_struct_ref_seq_dif.pdbx_pdb_ins_code 
_struct_ref_seq_dif.pdbx_seq_db_name 
_struct_ref_seq_dif.pdbx_seq_db_accession_code 
_struct_ref_seq_dif.db_mon_id 
_struct_ref_seq_dif.pdbx_seq_db_seq_num 
_struct_ref_seq_dif.details 
_struct_ref_seq_dif.pdbx_auth_seq_num 
_struct_ref_seq_dif.pdbx_ordinal 
1 5OJX MET A 1   ? UNP A0A0D3RJT7 ? ? 'initiating methionine' 0   1  
1 5OJX VAL A 2   ? UNP A0A0D3RJT7 ? ? 'cloning artifact'      1   2  
1 5OJX LEU A 247 ? UNP A0A0D3RJT7 ? ? 'expression tag'        246 3  
1 5OJX GLU A 248 ? UNP A0A0D3RJT7 ? ? 'expression tag'        247 4  
1 5OJX HIS A 249 ? UNP A0A0D3RJT7 ? ? 'expression tag'        248 5  
1 5OJX HIS A 250 ? UNP A0A0D3RJT7 ? ? 'expression tag'        249 6  
1 5OJX HIS A 251 ? UNP A0A0D3RJT7 ? ? 'expression tag'        250 7  
1 5OJX HIS A 252 ? UNP A0A0D3RJT7 ? ? 'expression tag'        251 8  
1 5OJX HIS A 253 ? UNP A0A0D3RJT7 ? ? 'expression tag'        252 9  
1 5OJX HIS A 254 ? UNP A0A0D3RJT7 ? ? 'expression tag'        253 10 
# 
_pdbx_struct_assembly.id                   1 
_pdbx_struct_assembly.details              author_and_software_defined_assembly 
_pdbx_struct_assembly.method_details       PISA 
_pdbx_struct_assembly.oligomeric_details   dimeric 
_pdbx_struct_assembly.oligomeric_count     2 
# 
loop_
_pdbx_struct_assembly_prop.biol_id 
_pdbx_struct_assembly_prop.type 
_pdbx_struct_assembly_prop.value 
_pdbx_struct_assembly_prop.details 
1 'ABSA (A^2)' 4840  ? 
1 MORE         -49   ? 
1 'SSA (A^2)'  19590 ? 
# 
_pdbx_struct_assembly_gen.assembly_id       1 
_pdbx_struct_assembly_gen.oper_expression   1,2 
_pdbx_struct_assembly_gen.asym_id_list      A,B 
# 
_pdbx_struct_assembly_auth_evidence.id                     1 
_pdbx_struct_assembly_auth_evidence.assembly_id            1 
_pdbx_struct_assembly_auth_evidence.experimental_support   'gel filtration' 
_pdbx_struct_assembly_auth_evidence.details                'elutes as a dimer on SEC' 
# 
loop_
_pdbx_struct_oper_list.id 
_pdbx_struct_oper_list.type 
_pdbx_struct_oper_list.name 
_pdbx_struct_oper_list.symmetry_operation 
_pdbx_struct_oper_list.matrix[1][1] 
_pdbx_struct_oper_list.matrix[1][2] 
_pdbx_struct_oper_list.matrix[1][3] 
_pdbx_struct_oper_list.vector[1] 
_pdbx_struct_oper_list.matrix[2][1] 
_pdbx_struct_oper_list.matrix[2][2] 
_pdbx_struct_oper_list.matrix[2][3] 
_pdbx_struct_oper_list.vector[2] 
_pdbx_struct_oper_list.matrix[3][1] 
_pdbx_struct_oper_list.matrix[3][2] 
_pdbx_struct_oper_list.matrix[3][3] 
_pdbx_struct_oper_list.vector[3] 
1 'identity operation'         1_555 x,y,z     1.0000000000  0.0000000000  0.0000000000  0.0000000000   0.0000000000  1.0000000000  0.0000000000 0.0000000000 0.0000000000  0.0000000000 1.0000000000 0.0000000000  
2 'crystal symmetry operation' 2_556 -x,y,-z+1 -0.7629820189 -0.2494068117 -0.5963679076 -14.5029191652 -0.2494068117 -0.7375567988 0.6275398082 4.8488362010 -0.5963679076 0.6275398082 0.5005388176 -7.7918099541 
# 
loop_
_struct_conf.conf_type_id 
_struct_conf.id 
_struct_conf.pdbx_PDB_helix_id 
_struct_conf.beg_label_comp_id 
_struct_conf.beg_label_asym_id 
_struct_conf.beg_label_seq_id 
_struct_conf.pdbx_beg_PDB_ins_code 
_struct_conf.end_label_comp_id 
_struct_conf.end_label_asym_id 
_struct_conf.end_label_seq_id 
_struct_conf.pdbx_end_PDB_ins_code 
_struct_conf.beg_auth_comp_id 
_struct_conf.beg_auth_asym_id 
_struct_conf.beg_auth_seq_id 
_struct_conf.end_auth_comp_id 
_struct_conf.end_auth_asym_id 
_struct_conf.end_auth_seq_id 
_struct_conf.pdbx_PDB_helix_class 
_struct_conf.details 
_struct_conf.pdbx_PDB_helix_length 
HELX_P HELX_P1  AA1 GLY A 17  ? GLU A 23  ? GLY A 16  GLU A 22  5 ? 7  
HELX_P HELX_P2  AA2 SER A 34  ? GLY A 49  ? SER A 33  GLY A 48  1 ? 16 
HELX_P HELX_P3  AA3 ARG A 55  ? LEU A 63  ? ARG A 54  LEU A 62  1 ? 9  
HELX_P HELX_P4  AA4 ALA A 66  ? VAL A 74  ? ALA A 65  VAL A 73  1 ? 9  
HELX_P HELX_P5  AA5 THR A 76  ? VAL A 88  ? THR A 75  VAL A 87  1 ? 13 
HELX_P HELX_P6  AA6 ASP A 100 ? HIS A 119 ? ASP A 99  HIS A 118 1 ? 20 
HELX_P HELX_P7  AA7 TRP A 121 ? HIS A 129 ? TRP A 120 HIS A 128 1 ? 9  
HELX_P HELX_P8  AA8 GLY A 133 ? GLN A 149 ? GLY A 132 GLN A 148 1 ? 17 
HELX_P HELX_P9  AA9 SER A 153 ? TRP A 178 ? SER A 152 TRP A 177 1 ? 26 
HELX_P HELX_P10 AB1 SER A 188 ? HIS A 207 ? SER A 187 HIS A 206 1 ? 20 
HELX_P HELX_P11 AB2 PRO A 208 ? SER A 221 ? PRO A 207 SER A 220 1 ? 14 
HELX_P HELX_P12 AB3 GLY A 224 ? SER A 236 ? GLY A 223 SER A 235 1 ? 13 
# 
_struct_conf_type.id          HELX_P 
_struct_conf_type.criteria    ? 
_struct_conf_type.reference   ? 
# 
loop_
_pdbx_validate_torsion.id 
_pdbx_validate_torsion.PDB_model_num 
_pdbx_validate_torsion.auth_comp_id 
_pdbx_validate_torsion.auth_asym_id 
_pdbx_validate_torsion.auth_seq_id 
_pdbx_validate_torsion.PDB_ins_code 
_pdbx_validate_torsion.label_alt_id 
_pdbx_validate_torsion.phi 
_pdbx_validate_torsion.psi 
1 1 ARG A 21  ? ? -96.09  41.77  
2 1 LEU A 53  ? ? -69.32  85.91  
3 1 THR A 97  ? ? -59.53  -5.63  
4 1 HIS A 118 ? ? -118.63 64.53  
5 1 THR A 222 ? ? -46.00  106.32 
6 1 CYS A 232 ? ? -48.62  -6.46  
# 
loop_
_pdbx_unobs_or_zero_occ_residues.id 
_pdbx_unobs_or_zero_occ_residues.PDB_model_num 
_pdbx_unobs_or_zero_occ_residues.polymer_flag 
_pdbx_unobs_or_zero_occ_residues.occupancy_flag 
_pdbx_unobs_or_zero_occ_residues.auth_asym_id 
_pdbx_unobs_or_zero_occ_residues.auth_comp_id 
_pdbx_unobs_or_zero_occ_residues.auth_seq_id 
_pdbx_unobs_or_zero_occ_residues.PDB_ins_code 
_pdbx_unobs_or_zero_occ_residues.label_asym_id 
_pdbx_unobs_or_zero_occ_residues.label_comp_id 
_pdbx_unobs_or_zero_occ_residues.label_seq_id 
1  1 Y 1 A MET 0   ? A MET 1   
2  1 Y 1 A VAL 1   ? A VAL 2   
3  1 Y 1 A ASN 2   ? A ASN 3   
4  1 Y 1 A GLU 3   ? A GLU 4   
5  1 Y 1 A THR 4   ? A THR 5   
6  1 Y 1 A SER 5   ? A SER 6   
7  1 Y 1 A GLY 6   ? A GLY 7   
8  1 Y 1 A ARG 7   ? A ARG 8   
9  1 Y 1 A GLU 8   ? A GLU 9   
10 1 Y 1 A ASN 9   ? A ASN 10  
11 1 Y 1 A THR 10  ? A THR 11  
12 1 Y 1 A PRO 11  ? A PRO 12  
13 1 Y 1 A LYS 12  ? A LYS 13  
14 1 Y 1 A GLY 13  ? A GLY 14  
15 1 Y 1 A VAL 23  ? A VAL 24  
16 1 Y 1 A LYS 24  ? A LYS 25  
17 1 Y 1 A GLN 25  ? A GLN 26  
18 1 Y 1 A ARG 26  ? A ARG 27  
19 1 Y 1 A PRO 27  ? A PRO 28  
20 1 Y 1 A ALA 28  ? A ALA 29  
21 1 Y 1 A ARG 29  ? A ARG 30  
22 1 Y 1 A GLN 30  ? A GLN 31  
23 1 Y 1 A PRO 31  ? A PRO 32  
24 1 Y 1 A GLY 238 ? A GLY 239 
25 1 Y 1 A GLN 239 ? A GLN 240 
26 1 Y 1 A MET 240 ? A MET 241 
27 1 Y 1 A ARG 241 ? A ARG 242 
28 1 Y 1 A SER 242 ? A SER 243 
29 1 Y 1 A GLN 243 ? A GLN 244 
30 1 Y 1 A ASP 244 ? A ASP 245 
31 1 Y 1 A SER 245 ? A SER 246 
32 1 Y 1 A LEU 246 ? A LEU 247 
33 1 Y 1 A GLU 247 ? A GLU 248 
34 1 Y 1 A HIS 248 ? A HIS 249 
35 1 Y 1 A HIS 249 ? A HIS 250 
36 1 Y 1 A HIS 250 ? A HIS 251 
37 1 Y 1 A HIS 251 ? A HIS 252 
38 1 Y 1 A HIS 252 ? A HIS 253 
39 1 Y 1 A HIS 253 ? A HIS 254 
# 
loop_
_chem_comp_atom.comp_id 
_chem_comp_atom.atom_id 
_chem_comp_atom.type_symbol 
_chem_comp_atom.pdbx_aromatic_flag 
_chem_comp_atom.pdbx_stereo_config 
_chem_comp_atom.pdbx_ordinal 
ALA N    N N N 1   
ALA CA   C N S 2   
ALA C    C N N 3   
ALA O    O N N 4   
ALA CB   C N N 5   
ALA OXT  O N N 6   
ALA H    H N N 7   
ALA H2   H N N 8   
ALA HA   H N N 9   
ALA HB1  H N N 10  
ALA HB2  H N N 11  
ALA HB3  H N N 12  
ALA HXT  H N N 13  
ARG N    N N N 14  
ARG CA   C N S 15  
ARG C    C N N 16  
ARG O    O N N 17  
ARG CB   C N N 18  
ARG CG   C N N 19  
ARG CD   C N N 20  
ARG NE   N N N 21  
ARG CZ   C N N 22  
ARG NH1  N N N 23  
ARG NH2  N N N 24  
ARG OXT  O N N 25  
ARG H    H N N 26  
ARG H2   H N N 27  
ARG HA   H N N 28  
ARG HB2  H N N 29  
ARG HB3  H N N 30  
ARG HG2  H N N 31  
ARG HG3  H N N 32  
ARG HD2  H N N 33  
ARG HD3  H N N 34  
ARG HE   H N N 35  
ARG HH11 H N N 36  
ARG HH12 H N N 37  
ARG HH21 H N N 38  
ARG HH22 H N N 39  
ARG HXT  H N N 40  
ASN N    N N N 41  
ASN CA   C N S 42  
ASN C    C N N 43  
ASN O    O N N 44  
ASN CB   C N N 45  
ASN CG   C N N 46  
ASN OD1  O N N 47  
ASN ND2  N N N 48  
ASN OXT  O N N 49  
ASN H    H N N 50  
ASN H2   H N N 51  
ASN HA   H N N 52  
ASN HB2  H N N 53  
ASN HB3  H N N 54  
ASN HD21 H N N 55  
ASN HD22 H N N 56  
ASN HXT  H N N 57  
ASP N    N N N 58  
ASP CA   C N S 59  
ASP C    C N N 60  
ASP O    O N N 61  
ASP CB   C N N 62  
ASP CG   C N N 63  
ASP OD1  O N N 64  
ASP OD2  O N N 65  
ASP OXT  O N N 66  
ASP H    H N N 67  
ASP H2   H N N 68  
ASP HA   H N N 69  
ASP HB2  H N N 70  
ASP HB3  H N N 71  
ASP HD2  H N N 72  
ASP HXT  H N N 73  
CYS N    N N N 74  
CYS CA   C N R 75  
CYS C    C N N 76  
CYS O    O N N 77  
CYS CB   C N N 78  
CYS SG   S N N 79  
CYS OXT  O N N 80  
CYS H    H N N 81  
CYS H2   H N N 82  
CYS HA   H N N 83  
CYS HB2  H N N 84  
CYS HB3  H N N 85  
CYS HG   H N N 86  
CYS HXT  H N N 87  
GLN N    N N N 88  
GLN CA   C N S 89  
GLN C    C N N 90  
GLN O    O N N 91  
GLN CB   C N N 92  
GLN CG   C N N 93  
GLN CD   C N N 94  
GLN OE1  O N N 95  
GLN NE2  N N N 96  
GLN OXT  O N N 97  
GLN H    H N N 98  
GLN H2   H N N 99  
GLN HA   H N N 100 
GLN HB2  H N N 101 
GLN HB3  H N N 102 
GLN HG2  H N N 103 
GLN HG3  H N N 104 
GLN HE21 H N N 105 
GLN HE22 H N N 106 
GLN HXT  H N N 107 
GLU N    N N N 108 
GLU CA   C N S 109 
GLU C    C N N 110 
GLU O    O N N 111 
GLU CB   C N N 112 
GLU CG   C N N 113 
GLU CD   C N N 114 
GLU OE1  O N N 115 
GLU OE2  O N N 116 
GLU OXT  O N N 117 
GLU H    H N N 118 
GLU H2   H N N 119 
GLU HA   H N N 120 
GLU HB2  H N N 121 
GLU HB3  H N N 122 
GLU HG2  H N N 123 
GLU HG3  H N N 124 
GLU HE2  H N N 125 
GLU HXT  H N N 126 
GLY N    N N N 127 
GLY CA   C N N 128 
GLY C    C N N 129 
GLY O    O N N 130 
GLY OXT  O N N 131 
GLY H    H N N 132 
GLY H2   H N N 133 
GLY HA2  H N N 134 
GLY HA3  H N N 135 
GLY HXT  H N N 136 
HIS N    N N N 137 
HIS CA   C N S 138 
HIS C    C N N 139 
HIS O    O N N 140 
HIS CB   C N N 141 
HIS CG   C Y N 142 
HIS ND1  N Y N 143 
HIS CD2  C Y N 144 
HIS CE1  C Y N 145 
HIS NE2  N Y N 146 
HIS OXT  O N N 147 
HIS H    H N N 148 
HIS H2   H N N 149 
HIS HA   H N N 150 
HIS HB2  H N N 151 
HIS HB3  H N N 152 
HIS HD1  H N N 153 
HIS HD2  H N N 154 
HIS HE1  H N N 155 
HIS HE2  H N N 156 
HIS HXT  H N N 157 
HOH O    O N N 158 
HOH H1   H N N 159 
HOH H2   H N N 160 
ILE N    N N N 161 
ILE CA   C N S 162 
ILE C    C N N 163 
ILE O    O N N 164 
ILE CB   C N S 165 
ILE CG1  C N N 166 
ILE CG2  C N N 167 
ILE CD1  C N N 168 
ILE OXT  O N N 169 
ILE H    H N N 170 
ILE H2   H N N 171 
ILE HA   H N N 172 
ILE HB   H N N 173 
ILE HG12 H N N 174 
ILE HG13 H N N 175 
ILE HG21 H N N 176 
ILE HG22 H N N 177 
ILE HG23 H N N 178 
ILE HD11 H N N 179 
ILE HD12 H N N 180 
ILE HD13 H N N 181 
ILE HXT  H N N 182 
LEU N    N N N 183 
LEU CA   C N S 184 
LEU C    C N N 185 
LEU O    O N N 186 
LEU CB   C N N 187 
LEU CG   C N N 188 
LEU CD1  C N N 189 
LEU CD2  C N N 190 
LEU OXT  O N N 191 
LEU H    H N N 192 
LEU H2   H N N 193 
LEU HA   H N N 194 
LEU HB2  H N N 195 
LEU HB3  H N N 196 
LEU HG   H N N 197 
LEU HD11 H N N 198 
LEU HD12 H N N 199 
LEU HD13 H N N 200 
LEU HD21 H N N 201 
LEU HD22 H N N 202 
LEU HD23 H N N 203 
LEU HXT  H N N 204 
LYS N    N N N 205 
LYS CA   C N S 206 
LYS C    C N N 207 
LYS O    O N N 208 
LYS CB   C N N 209 
LYS CG   C N N 210 
LYS CD   C N N 211 
LYS CE   C N N 212 
LYS NZ   N N N 213 
LYS OXT  O N N 214 
LYS H    H N N 215 
LYS H2   H N N 216 
LYS HA   H N N 217 
LYS HB2  H N N 218 
LYS HB3  H N N 219 
LYS HG2  H N N 220 
LYS HG3  H N N 221 
LYS HD2  H N N 222 
LYS HD3  H N N 223 
LYS HE2  H N N 224 
LYS HE3  H N N 225 
LYS HZ1  H N N 226 
LYS HZ2  H N N 227 
LYS HZ3  H N N 228 
LYS HXT  H N N 229 
MET N    N N N 230 
MET CA   C N S 231 
MET C    C N N 232 
MET O    O N N 233 
MET CB   C N N 234 
MET CG   C N N 235 
MET SD   S N N 236 
MET CE   C N N 237 
MET OXT  O N N 238 
MET H    H N N 239 
MET H2   H N N 240 
MET HA   H N N 241 
MET HB2  H N N 242 
MET HB3  H N N 243 
MET HG2  H N N 244 
MET HG3  H N N 245 
MET HE1  H N N 246 
MET HE2  H N N 247 
MET HE3  H N N 248 
MET HXT  H N N 249 
PHE N    N N N 250 
PHE CA   C N S 251 
PHE C    C N N 252 
PHE O    O N N 253 
PHE CB   C N N 254 
PHE CG   C Y N 255 
PHE CD1  C Y N 256 
PHE CD2  C Y N 257 
PHE CE1  C Y N 258 
PHE CE2  C Y N 259 
PHE CZ   C Y N 260 
PHE OXT  O N N 261 
PHE H    H N N 262 
PHE H2   H N N 263 
PHE HA   H N N 264 
PHE HB2  H N N 265 
PHE HB3  H N N 266 
PHE HD1  H N N 267 
PHE HD2  H N N 268 
PHE HE1  H N N 269 
PHE HE2  H N N 270 
PHE HZ   H N N 271 
PHE HXT  H N N 272 
PRO N    N N N 273 
PRO CA   C N S 274 
PRO C    C N N 275 
PRO O    O N N 276 
PRO CB   C N N 277 
PRO CG   C N N 278 
PRO CD   C N N 279 
PRO OXT  O N N 280 
PRO H    H N N 281 
PRO HA   H N N 282 
PRO HB2  H N N 283 
PRO HB3  H N N 284 
PRO HG2  H N N 285 
PRO HG3  H N N 286 
PRO HD2  H N N 287 
PRO HD3  H N N 288 
PRO HXT  H N N 289 
SER N    N N N 290 
SER CA   C N S 291 
SER C    C N N 292 
SER O    O N N 293 
SER CB   C N N 294 
SER OG   O N N 295 
SER OXT  O N N 296 
SER H    H N N 297 
SER H2   H N N 298 
SER HA   H N N 299 
SER HB2  H N N 300 
SER HB3  H N N 301 
SER HG   H N N 302 
SER HXT  H N N 303 
THR N    N N N 304 
THR CA   C N S 305 
THR C    C N N 306 
THR O    O N N 307 
THR CB   C N R 308 
THR OG1  O N N 309 
THR CG2  C N N 310 
THR OXT  O N N 311 
THR H    H N N 312 
THR H2   H N N 313 
THR HA   H N N 314 
THR HB   H N N 315 
THR HG1  H N N 316 
THR HG21 H N N 317 
THR HG22 H N N 318 
THR HG23 H N N 319 
THR HXT  H N N 320 
TRP N    N N N 321 
TRP CA   C N S 322 
TRP C    C N N 323 
TRP O    O N N 324 
TRP CB   C N N 325 
TRP CG   C Y N 326 
TRP CD1  C Y N 327 
TRP CD2  C Y N 328 
TRP NE1  N Y N 329 
TRP CE2  C Y N 330 
TRP CE3  C Y N 331 
TRP CZ2  C Y N 332 
TRP CZ3  C Y N 333 
TRP CH2  C Y N 334 
TRP OXT  O N N 335 
TRP H    H N N 336 
TRP H2   H N N 337 
TRP HA   H N N 338 
TRP HB2  H N N 339 
TRP HB3  H N N 340 
TRP HD1  H N N 341 
TRP HE1  H N N 342 
TRP HE3  H N N 343 
TRP HZ2  H N N 344 
TRP HZ3  H N N 345 
TRP HH2  H N N 346 
TRP HXT  H N N 347 
TYR N    N N N 348 
TYR CA   C N S 349 
TYR C    C N N 350 
TYR O    O N N 351 
TYR CB   C N N 352 
TYR CG   C Y N 353 
TYR CD1  C Y N 354 
TYR CD2  C Y N 355 
TYR CE1  C Y N 356 
TYR CE2  C Y N 357 
TYR CZ   C Y N 358 
TYR OH   O N N 359 
TYR OXT  O N N 360 
TYR H    H N N 361 
TYR H2   H N N 362 
TYR HA   H N N 363 
TYR HB2  H N N 364 
TYR HB3  H N N 365 
TYR HD1  H N N 366 
TYR HD2  H N N 367 
TYR HE1  H N N 368 
TYR HE2  H N N 369 
TYR HH   H N N 370 
TYR HXT  H N N 371 
VAL N    N N N 372 
VAL CA   C N S 373 
VAL C    C N N 374 
VAL O    O N N 375 
VAL CB   C N N 376 
VAL CG1  C N N 377 
VAL CG2  C N N 378 
VAL OXT  O N N 379 
VAL H    H N N 380 
VAL H2   H N N 381 
VAL HA   H N N 382 
VAL HB   H N N 383 
VAL HG11 H N N 384 
VAL HG12 H N N 385 
VAL HG13 H N N 386 
VAL HG21 H N N 387 
VAL HG22 H N N 388 
VAL HG23 H N N 389 
VAL HXT  H N N 390 
# 
loop_
_chem_comp_bond.comp_id 
_chem_comp_bond.atom_id_1 
_chem_comp_bond.atom_id_2 
_chem_comp_bond.value_order 
_chem_comp_bond.pdbx_aromatic_flag 
_chem_comp_bond.pdbx_stereo_config 
_chem_comp_bond.pdbx_ordinal 
ALA N   CA   sing N N 1   
ALA N   H    sing N N 2   
ALA N   H2   sing N N 3   
ALA CA  C    sing N N 4   
ALA CA  CB   sing N N 5   
ALA CA  HA   sing N N 6   
ALA C   O    doub N N 7   
ALA C   OXT  sing N N 8   
ALA CB  HB1  sing N N 9   
ALA CB  HB2  sing N N 10  
ALA CB  HB3  sing N N 11  
ALA OXT HXT  sing N N 12  
ARG N   CA   sing N N 13  
ARG N   H    sing N N 14  
ARG N   H2   sing N N 15  
ARG CA  C    sing N N 16  
ARG CA  CB   sing N N 17  
ARG CA  HA   sing N N 18  
ARG C   O    doub N N 19  
ARG C   OXT  sing N N 20  
ARG CB  CG   sing N N 21  
ARG CB  HB2  sing N N 22  
ARG CB  HB3  sing N N 23  
ARG CG  CD   sing N N 24  
ARG CG  HG2  sing N N 25  
ARG CG  HG3  sing N N 26  
ARG CD  NE   sing N N 27  
ARG CD  HD2  sing N N 28  
ARG CD  HD3  sing N N 29  
ARG NE  CZ   sing N N 30  
ARG NE  HE   sing N N 31  
ARG CZ  NH1  sing N N 32  
ARG CZ  NH2  doub N N 33  
ARG NH1 HH11 sing N N 34  
ARG NH1 HH12 sing N N 35  
ARG NH2 HH21 sing N N 36  
ARG NH2 HH22 sing N N 37  
ARG OXT HXT  sing N N 38  
ASN N   CA   sing N N 39  
ASN N   H    sing N N 40  
ASN N   H2   sing N N 41  
ASN CA  C    sing N N 42  
ASN CA  CB   sing N N 43  
ASN CA  HA   sing N N 44  
ASN C   O    doub N N 45  
ASN C   OXT  sing N N 46  
ASN CB  CG   sing N N 47  
ASN CB  HB2  sing N N 48  
ASN CB  HB3  sing N N 49  
ASN CG  OD1  doub N N 50  
ASN CG  ND2  sing N N 51  
ASN ND2 HD21 sing N N 52  
ASN ND2 HD22 sing N N 53  
ASN OXT HXT  sing N N 54  
ASP N   CA   sing N N 55  
ASP N   H    sing N N 56  
ASP N   H2   sing N N 57  
ASP CA  C    sing N N 58  
ASP CA  CB   sing N N 59  
ASP CA  HA   sing N N 60  
ASP C   O    doub N N 61  
ASP C   OXT  sing N N 62  
ASP CB  CG   sing N N 63  
ASP CB  HB2  sing N N 64  
ASP CB  HB3  sing N N 65  
ASP CG  OD1  doub N N 66  
ASP CG  OD2  sing N N 67  
ASP OD2 HD2  sing N N 68  
ASP OXT HXT  sing N N 69  
CYS N   CA   sing N N 70  
CYS N   H    sing N N 71  
CYS N   H2   sing N N 72  
CYS CA  C    sing N N 73  
CYS CA  CB   sing N N 74  
CYS CA  HA   sing N N 75  
CYS C   O    doub N N 76  
CYS C   OXT  sing N N 77  
CYS CB  SG   sing N N 78  
CYS CB  HB2  sing N N 79  
CYS CB  HB3  sing N N 80  
CYS SG  HG   sing N N 81  
CYS OXT HXT  sing N N 82  
GLN N   CA   sing N N 83  
GLN N   H    sing N N 84  
GLN N   H2   sing N N 85  
GLN CA  C    sing N N 86  
GLN CA  CB   sing N N 87  
GLN CA  HA   sing N N 88  
GLN C   O    doub N N 89  
GLN C   OXT  sing N N 90  
GLN CB  CG   sing N N 91  
GLN CB  HB2  sing N N 92  
GLN CB  HB3  sing N N 93  
GLN CG  CD   sing N N 94  
GLN CG  HG2  sing N N 95  
GLN CG  HG3  sing N N 96  
GLN CD  OE1  doub N N 97  
GLN CD  NE2  sing N N 98  
GLN NE2 HE21 sing N N 99  
GLN NE2 HE22 sing N N 100 
GLN OXT HXT  sing N N 101 
GLU N   CA   sing N N 102 
GLU N   H    sing N N 103 
GLU N   H2   sing N N 104 
GLU CA  C    sing N N 105 
GLU CA  CB   sing N N 106 
GLU CA  HA   sing N N 107 
GLU C   O    doub N N 108 
GLU C   OXT  sing N N 109 
GLU CB  CG   sing N N 110 
GLU CB  HB2  sing N N 111 
GLU CB  HB3  sing N N 112 
GLU CG  CD   sing N N 113 
GLU CG  HG2  sing N N 114 
GLU CG  HG3  sing N N 115 
GLU CD  OE1  doub N N 116 
GLU CD  OE2  sing N N 117 
GLU OE2 HE2  sing N N 118 
GLU OXT HXT  sing N N 119 
GLY N   CA   sing N N 120 
GLY N   H    sing N N 121 
GLY N   H2   sing N N 122 
GLY CA  C    sing N N 123 
GLY CA  HA2  sing N N 124 
GLY CA  HA3  sing N N 125 
GLY C   O    doub N N 126 
GLY C   OXT  sing N N 127 
GLY OXT HXT  sing N N 128 
HIS N   CA   sing N N 129 
HIS N   H    sing N N 130 
HIS N   H2   sing N N 131 
HIS CA  C    sing N N 132 
HIS CA  CB   sing N N 133 
HIS CA  HA   sing N N 134 
HIS C   O    doub N N 135 
HIS C   OXT  sing N N 136 
HIS CB  CG   sing N N 137 
HIS CB  HB2  sing N N 138 
HIS CB  HB3  sing N N 139 
HIS CG  ND1  sing Y N 140 
HIS CG  CD2  doub Y N 141 
HIS ND1 CE1  doub Y N 142 
HIS ND1 HD1  sing N N 143 
HIS CD2 NE2  sing Y N 144 
HIS CD2 HD2  sing N N 145 
HIS CE1 NE2  sing Y N 146 
HIS CE1 HE1  sing N N 147 
HIS NE2 HE2  sing N N 148 
HIS OXT HXT  sing N N 149 
HOH O   H1   sing N N 150 
HOH O   H2   sing N N 151 
ILE N   CA   sing N N 152 
ILE N   H    sing N N 153 
ILE N   H2   sing N N 154 
ILE CA  C    sing N N 155 
ILE CA  CB   sing N N 156 
ILE CA  HA   sing N N 157 
ILE C   O    doub N N 158 
ILE C   OXT  sing N N 159 
ILE CB  CG1  sing N N 160 
ILE CB  CG2  sing N N 161 
ILE CB  HB   sing N N 162 
ILE CG1 CD1  sing N N 163 
ILE CG1 HG12 sing N N 164 
ILE CG1 HG13 sing N N 165 
ILE CG2 HG21 sing N N 166 
ILE CG2 HG22 sing N N 167 
ILE CG2 HG23 sing N N 168 
ILE CD1 HD11 sing N N 169 
ILE CD1 HD12 sing N N 170 
ILE CD1 HD13 sing N N 171 
ILE OXT HXT  sing N N 172 
LEU N   CA   sing N N 173 
LEU N   H    sing N N 174 
LEU N   H2   sing N N 175 
LEU CA  C    sing N N 176 
LEU CA  CB   sing N N 177 
LEU CA  HA   sing N N 178 
LEU C   O    doub N N 179 
LEU C   OXT  sing N N 180 
LEU CB  CG   sing N N 181 
LEU CB  HB2  sing N N 182 
LEU CB  HB3  sing N N 183 
LEU CG  CD1  sing N N 184 
LEU CG  CD2  sing N N 185 
LEU CG  HG   sing N N 186 
LEU CD1 HD11 sing N N 187 
LEU CD1 HD12 sing N N 188 
LEU CD1 HD13 sing N N 189 
LEU CD2 HD21 sing N N 190 
LEU CD2 HD22 sing N N 191 
LEU CD2 HD23 sing N N 192 
LEU OXT HXT  sing N N 193 
LYS N   CA   sing N N 194 
LYS N   H    sing N N 195 
LYS N   H2   sing N N 196 
LYS CA  C    sing N N 197 
LYS CA  CB   sing N N 198 
LYS CA  HA   sing N N 199 
LYS C   O    doub N N 200 
LYS C   OXT  sing N N 201 
LYS CB  CG   sing N N 202 
LYS CB  HB2  sing N N 203 
LYS CB  HB3  sing N N 204 
LYS CG  CD   sing N N 205 
LYS CG  HG2  sing N N 206 
LYS CG  HG3  sing N N 207 
LYS CD  CE   sing N N 208 
LYS CD  HD2  sing N N 209 
LYS CD  HD3  sing N N 210 
LYS CE  NZ   sing N N 211 
LYS CE  HE2  sing N N 212 
LYS CE  HE3  sing N N 213 
LYS NZ  HZ1  sing N N 214 
LYS NZ  HZ2  sing N N 215 
LYS NZ  HZ3  sing N N 216 
LYS OXT HXT  sing N N 217 
MET N   CA   sing N N 218 
MET N   H    sing N N 219 
MET N   H2   sing N N 220 
MET CA  C    sing N N 221 
MET CA  CB   sing N N 222 
MET CA  HA   sing N N 223 
MET C   O    doub N N 224 
MET C   OXT  sing N N 225 
MET CB  CG   sing N N 226 
MET CB  HB2  sing N N 227 
MET CB  HB3  sing N N 228 
MET CG  SD   sing N N 229 
MET CG  HG2  sing N N 230 
MET CG  HG3  sing N N 231 
MET SD  CE   sing N N 232 
MET CE  HE1  sing N N 233 
MET CE  HE2  sing N N 234 
MET CE  HE3  sing N N 235 
MET OXT HXT  sing N N 236 
PHE N   CA   sing N N 237 
PHE N   H    sing N N 238 
PHE N   H2   sing N N 239 
PHE CA  C    sing N N 240 
PHE CA  CB   sing N N 241 
PHE CA  HA   sing N N 242 
PHE C   O    doub N N 243 
PHE C   OXT  sing N N 244 
PHE CB  CG   sing N N 245 
PHE CB  HB2  sing N N 246 
PHE CB  HB3  sing N N 247 
PHE CG  CD1  doub Y N 248 
PHE CG  CD2  sing Y N 249 
PHE CD1 CE1  sing Y N 250 
PHE CD1 HD1  sing N N 251 
PHE CD2 CE2  doub Y N 252 
PHE CD2 HD2  sing N N 253 
PHE CE1 CZ   doub Y N 254 
PHE CE1 HE1  sing N N 255 
PHE CE2 CZ   sing Y N 256 
PHE CE2 HE2  sing N N 257 
PHE CZ  HZ   sing N N 258 
PHE OXT HXT  sing N N 259 
PRO N   CA   sing N N 260 
PRO N   CD   sing N N 261 
PRO N   H    sing N N 262 
PRO CA  C    sing N N 263 
PRO CA  CB   sing N N 264 
PRO CA  HA   sing N N 265 
PRO C   O    doub N N 266 
PRO C   OXT  sing N N 267 
PRO CB  CG   sing N N 268 
PRO CB  HB2  sing N N 269 
PRO CB  HB3  sing N N 270 
PRO CG  CD   sing N N 271 
PRO CG  HG2  sing N N 272 
PRO CG  HG3  sing N N 273 
PRO CD  HD2  sing N N 274 
PRO CD  HD3  sing N N 275 
PRO OXT HXT  sing N N 276 
SER N   CA   sing N N 277 
SER N   H    sing N N 278 
SER N   H2   sing N N 279 
SER CA  C    sing N N 280 
SER CA  CB   sing N N 281 
SER CA  HA   sing N N 282 
SER C   O    doub N N 283 
SER C   OXT  sing N N 284 
SER CB  OG   sing N N 285 
SER CB  HB2  sing N N 286 
SER CB  HB3  sing N N 287 
SER OG  HG   sing N N 288 
SER OXT HXT  sing N N 289 
THR N   CA   sing N N 290 
THR N   H    sing N N 291 
THR N   H2   sing N N 292 
THR CA  C    sing N N 293 
THR CA  CB   sing N N 294 
THR CA  HA   sing N N 295 
THR C   O    doub N N 296 
THR C   OXT  sing N N 297 
THR CB  OG1  sing N N 298 
THR CB  CG2  sing N N 299 
THR CB  HB   sing N N 300 
THR OG1 HG1  sing N N 301 
THR CG2 HG21 sing N N 302 
THR CG2 HG22 sing N N 303 
THR CG2 HG23 sing N N 304 
THR OXT HXT  sing N N 305 
TRP N   CA   sing N N 306 
TRP N   H    sing N N 307 
TRP N   H2   sing N N 308 
TRP CA  C    sing N N 309 
TRP CA  CB   sing N N 310 
TRP CA  HA   sing N N 311 
TRP C   O    doub N N 312 
TRP C   OXT  sing N N 313 
TRP CB  CG   sing N N 314 
TRP CB  HB2  sing N N 315 
TRP CB  HB3  sing N N 316 
TRP CG  CD1  doub Y N 317 
TRP CG  CD2  sing Y N 318 
TRP CD1 NE1  sing Y N 319 
TRP CD1 HD1  sing N N 320 
TRP CD2 CE2  doub Y N 321 
TRP CD2 CE3  sing Y N 322 
TRP NE1 CE2  sing Y N 323 
TRP NE1 HE1  sing N N 324 
TRP CE2 CZ2  sing Y N 325 
TRP CE3 CZ3  doub Y N 326 
TRP CE3 HE3  sing N N 327 
TRP CZ2 CH2  doub Y N 328 
TRP CZ2 HZ2  sing N N 329 
TRP CZ3 CH2  sing Y N 330 
TRP CZ3 HZ3  sing N N 331 
TRP CH2 HH2  sing N N 332 
TRP OXT HXT  sing N N 333 
TYR N   CA   sing N N 334 
TYR N   H    sing N N 335 
TYR N   H2   sing N N 336 
TYR CA  C    sing N N 337 
TYR CA  CB   sing N N 338 
TYR CA  HA   sing N N 339 
TYR C   O    doub N N 340 
TYR C   OXT  sing N N 341 
TYR CB  CG   sing N N 342 
TYR CB  HB2  sing N N 343 
TYR CB  HB3  sing N N 344 
TYR CG  CD1  doub Y N 345 
TYR CG  CD2  sing Y N 346 
TYR CD1 CE1  sing Y N 347 
TYR CD1 HD1  sing N N 348 
TYR CD2 CE2  doub Y N 349 
TYR CD2 HD2  sing N N 350 
TYR CE1 CZ   doub Y N 351 
TYR CE1 HE1  sing N N 352 
TYR CE2 CZ   sing Y N 353 
TYR CE2 HE2  sing N N 354 
TYR CZ  OH   sing N N 355 
TYR OH  HH   sing N N 356 
TYR OXT HXT  sing N N 357 
VAL N   CA   sing N N 358 
VAL N   H    sing N N 359 
VAL N   H2   sing N N 360 
VAL CA  C    sing N N 361 
VAL CA  CB   sing N N 362 
VAL CA  HA   sing N N 363 
VAL C   O    doub N N 364 
VAL C   OXT  sing N N 365 
VAL CB  CG1  sing N N 366 
VAL CB  CG2  sing N N 367 
VAL CB  HB   sing N N 368 
VAL CG1 HG11 sing N N 369 
VAL CG1 HG12 sing N N 370 
VAL CG1 HG13 sing N N 371 
VAL CG2 HG21 sing N N 372 
VAL CG2 HG22 sing N N 373 
VAL CG2 HG23 sing N N 374 
VAL OXT HXT  sing N N 375 
# 
_pdbx_audit_support.funding_organization   'Helmholtz Association' 
_pdbx_audit_support.country                Germany 
_pdbx_audit_support.grant_number           VH-NG-727 
_pdbx_audit_support.ordinal                1 
# 
_pdbx_initial_refinement_model.id               1 
_pdbx_initial_refinement_model.entity_id_list   ? 
_pdbx_initial_refinement_model.type             'experimental model' 
_pdbx_initial_refinement_model.source_name      PDB 
_pdbx_initial_refinement_model.accession_code   2Y30 
_pdbx_initial_refinement_model.details          ? 
# 
_atom_sites.entry_id                    5OJX 
_atom_sites.fract_transf_matrix[1][1]   -0.00029327 
_atom_sites.fract_transf_matrix[1][2]   0.00943420 
_atom_sites.fract_transf_matrix[1][3]   -0.00406203 
_atom_sites.fract_transf_matrix[2][1]   0.00614420 
_atom_sites.fract_transf_matrix[2][2]   -0.00646535 
_atom_sites.fract_transf_matrix[2][3]   -0.01545960 
_atom_sites.fract_transf_matrix[3][1]   -0.02399898 
_atom_sites.fract_transf_matrix[3][2]   -0.00081402 
_atom_sites.fract_transf_matrix[3][3]   -0.00919762 
_atom_sites.fract_transf_vector[1]      -0.040831 
_atom_sites.fract_transf_vector[2]      0.022838 
_atom_sites.fract_transf_vector[3]      0.292106 
# 
loop_
_atom_type.symbol 
C 
N 
O 
S 
# 
loop_
_atom_site.group_PDB 
_atom_site.id 
_atom_site.type_symbol 
_atom_site.label_atom_id 
_atom_site.label_alt_id 
_atom_site.label_comp_id 
_atom_site.label_asym_id 
_atom_site.label_entity_id 
_atom_site.label_seq_id 
_atom_site.pdbx_PDB_ins_code 
_atom_site.Cartn_x 
_atom_site.Cartn_y 
_atom_site.Cartn_z 
_atom_site.occupancy 
_atom_site.B_iso_or_equiv 
_atom_site.pdbx_formal_charge 
_atom_site.auth_seq_id 
_atom_site.auth_comp_id 
_atom_site.auth_asym_id 
_atom_site.auth_atom_id 
_atom_site.pdbx_PDB_model_num 
ATOM   1    N N   . GLN A 1 15  ? -9.258  -18.118 -10.990 1.00 66.45 ? 14  GLN A N   1 
ATOM   2    C CA  . GLN A 1 15  ? -10.142 -18.002 -9.839  1.00 73.72 ? 14  GLN A CA  1 
ATOM   3    C C   . GLN A 1 15  ? -9.452  -17.233 -8.692  1.00 75.02 ? 14  GLN A C   1 
ATOM   4    O O   . GLN A 1 15  ? -9.009  -17.847 -7.716  1.00 71.05 ? 14  GLN A O   1 
ATOM   5    C CB  . GLN A 1 15  ? -10.590 -19.393 -9.376  1.00 81.08 ? 14  GLN A CB  1 
ATOM   6    N N   . PRO A 1 16  ? -9.392  -15.869 -8.817  1.00 80.28 ? 15  PRO A N   1 
ATOM   7    C CA  . PRO A 1 16  ? -8.556  -15.044 -7.917  1.00 76.62 ? 15  PRO A CA  1 
ATOM   8    C C   . PRO A 1 16  ? -8.646  -15.368 -6.427  1.00 74.76 ? 15  PRO A C   1 
ATOM   9    O O   . PRO A 1 16  ? -9.718  -15.295 -5.815  1.00 72.24 ? 15  PRO A O   1 
ATOM   10   C CB  . PRO A 1 16  ? -9.057  -13.620 -8.199  1.00 75.99 ? 15  PRO A CB  1 
ATOM   11   C CG  . PRO A 1 16  ? -9.497  -13.664 -9.635  1.00 80.16 ? 15  PRO A CG  1 
ATOM   12   C CD  . PRO A 1 16  ? -10.065 -15.054 -9.850  1.00 80.03 ? 15  PRO A CD  1 
ATOM   13   N N   . GLY A 1 17  ? -7.492  -15.694 -5.834  1.00 70.21 ? 16  GLY A N   1 
ATOM   14   C CA  . GLY A 1 17  ? -7.395  -16.150 -4.463  1.00 67.57 ? 16  GLY A CA  1 
ATOM   15   C C   . GLY A 1 17  ? -7.071  -17.623 -4.325  1.00 64.19 ? 16  GLY A C   1 
ATOM   16   O O   . GLY A 1 17  ? -6.571  -18.043 -3.270  1.00 53.46 ? 16  GLY A O   1 
ATOM   17   N N   . SER A 1 18  ? -7.310  -18.415 -5.375  1.00 58.97 ? 17  SER A N   1 
ATOM   18   C CA  . SER A 1 18  ? -7.198  -19.862 -5.263  1.00 58.98 ? 17  SER A CA  1 
ATOM   19   C C   . SER A 1 18  ? -5.769  -20.348 -5.054  1.00 53.58 ? 17  SER A C   1 
ATOM   20   O O   . SER A 1 18  ? -5.592  -21.487 -4.616  1.00 54.86 ? 17  SER A O   1 
ATOM   21   C CB  . SER A 1 18  ? -7.791  -20.541 -6.502  1.00 65.17 ? 17  SER A CB  1 
ATOM   22   O OG  . SER A 1 18  ? -7.575  -19.770 -7.665  1.00 62.65 ? 17  SER A OG  1 
ATOM   23   N N   . ILE A 1 19  ? -4.750  -19.535 -5.351  1.00 54.85 ? 18  ILE A N   1 
ATOM   24   C CA  . ILE A 1 19  ? -3.370  -19.995 -5.152  1.00 57.59 ? 18  ILE A CA  1 
ATOM   25   C C   . ILE A 1 19  ? -3.167  -20.463 -3.718  1.00 56.36 ? 18  ILE A C   1 
ATOM   26   O O   . ILE A 1 19  ? -2.448  -21.441 -3.460  1.00 58.80 ? 18  ILE A O   1 
ATOM   27   C CB  . ILE A 1 19  ? -2.365  -18.886 -5.523  1.00 61.07 ? 18  ILE A CB  1 
ATOM   28   C CG1 . ILE A 1 19  ? -0.927  -19.297 -5.165  1.00 54.28 ? 18  ILE A CG1 1 
ATOM   29   C CG2 . ILE A 1 19  ? -2.714  -17.592 -4.790  1.00 58.92 ? 18  ILE A CG2 1 
ATOM   30   C CD1 . ILE A 1 19  ? -0.458  -20.601 -5.764  1.00 64.13 ? 18  ILE A CD1 1 
ATOM   31   N N   . TRP A 1 20  ? -3.820  -19.791 -2.765  1.00 50.69 ? 19  TRP A N   1 
ATOM   32   C CA  . TRP A 1 20  ? -3.610  -20.100 -1.351  1.00 55.54 ? 19  TRP A CA  1 
ATOM   33   C C   . TRP A 1 20  ? -4.306  -21.390 -0.940  1.00 52.94 ? 19  TRP A C   1 
ATOM   34   O O   . TRP A 1 20  ? -3.842  -22.058 -0.011  1.00 47.01 ? 19  TRP A O   1 
ATOM   35   C CB  . TRP A 1 20  ? -4.066  -18.914 -0.485  1.00 43.50 ? 19  TRP A CB  1 
ATOM   36   C CG  . TRP A 1 20  ? -3.226  -17.729 -0.832  1.00 47.57 ? 19  TRP A CG  1 
ATOM   37   C CD1 . TRP A 1 20  ? -3.622  -16.581 -1.467  1.00 46.98 ? 19  TRP A CD1 1 
ATOM   38   C CD2 . TRP A 1 20  ? -1.810  -17.624 -0.648  1.00 41.80 ? 19  TRP A CD2 1 
ATOM   39   N NE1 . TRP A 1 20  ? -2.542  -15.751 -1.639  1.00 51.77 ? 19  TRP A NE1 1 
ATOM   40   C CE2 . TRP A 1 20  ? -1.416  -16.375 -1.152  1.00 46.74 ? 19  TRP A CE2 1 
ATOM   41   C CE3 . TRP A 1 20  ? -0.843  -18.461 -0.078  1.00 42.15 ? 19  TRP A CE3 1 
ATOM   42   C CZ2 . TRP A 1 20  ? -0.093  -15.939 -1.108  1.00 46.91 ? 19  TRP A CZ2 1 
ATOM   43   C CZ3 . TRP A 1 20  ? 0.471   -18.036 -0.036  1.00 44.41 ? 19  TRP A CZ3 1 
ATOM   44   C CH2 . TRP A 1 20  ? 0.833   -16.781 -0.539  1.00 48.34 ? 19  TRP A CH2 1 
ATOM   45   N N   . LEU A 1 21  ? -5.404  -21.756 -1.624  1.00 52.00 ? 20  LEU A N   1 
ATOM   46   C CA  . LEU A 1 21  ? -6.056  -23.040 -1.372  1.00 52.90 ? 20  LEU A CA  1 
ATOM   47   C C   . LEU A 1 21  ? -5.123  -24.208 -1.678  1.00 55.69 ? 20  LEU A C   1 
ATOM   48   O O   . LEU A 1 21  ? -5.226  -25.270 -1.057  1.00 58.24 ? 20  LEU A O   1 
ATOM   49   C CB  . LEU A 1 21  ? -7.352  -23.145 -2.187  1.00 48.64 ? 20  LEU A CB  1 
ATOM   50   C CG  . LEU A 1 21  ? -8.509  -22.174 -1.860  1.00 53.35 ? 20  LEU A CG  1 
ATOM   51   C CD1 . LEU A 1 21  ? -9.677  -22.307 -2.832  1.00 51.26 ? 20  LEU A CD1 1 
ATOM   52   C CD2 . LEU A 1 21  ? -9.009  -22.401 -0.465  1.00 50.20 ? 20  LEU A CD2 1 
ATOM   53   N N   . ARG A 1 22  ? -4.194  -24.020 -2.609  1.00 59.15 ? 21  ARG A N   1 
ATOM   54   C CA  . ARG A 1 22  ? -3.287  -25.066 -3.075  1.00 59.85 ? 21  ARG A CA  1 
ATOM   55   C C   . ARG A 1 22  ? -1.956  -25.021 -2.365  1.00 65.41 ? 21  ARG A C   1 
ATOM   56   O O   . ARG A 1 22  ? -0.921  -25.165 -3.015  1.00 65.73 ? 21  ARG A O   1 
ATOM   57   C CB  . ARG A 1 22  ? -3.087  -24.930 -4.577  1.00 55.62 ? 21  ARG A CB  1 
ATOM   58   C CG  . ARG A 1 22  ? -4.370  -24.908 -5.356  1.00 56.41 ? 21  ARG A CG  1 
ATOM   59   C CD  . ARG A 1 22  ? -4.099  -24.789 -6.837  1.00 61.59 ? 21  ARG A CD  1 
ATOM   60   N NE  . ARG A 1 22  ? -4.091  -23.404 -7.303  1.00 63.43 ? 21  ARG A NE  1 
ATOM   61   C CZ  . ARG A 1 22  ? -3.035  -22.788 -7.837  1.00 63.86 ? 21  ARG A CZ  1 
ATOM   62   N NH1 . ARG A 1 22  ? -3.149  -21.527 -8.241  1.00 60.59 ? 21  ARG A NH1 1 
ATOM   63   N NH2 . ARG A 1 22  ? -1.867  -23.423 -7.971  1.00 60.97 ? 21  ARG A NH2 1 
ATOM   64   N N   . GLU A 1 23  ? -1.951  -24.799 -1.052  1.00 62.25 ? 22  GLU A N   1 
ATOM   65   C CA  . GLU A 1 23  ? -0.715  -24.616 -0.301  1.00 65.22 ? 22  GLU A CA  1 
ATOM   66   C C   . GLU A 1 23  ? 0.105   -23.465 -0.888  1.00 70.20 ? 22  GLU A C   1 
ATOM   67   O O   . GLU A 1 23  ? 0.673   -22.650 -0.157  1.00 73.37 ? 22  GLU A O   1 
ATOM   68   C CB  . GLU A 1 23  ? 0.105   -25.911 -0.289  1.00 70.36 ? 22  GLU A CB  1 
ATOM   69   C CG  . GLU A 1 23  ? 0.904   -26.121 0.979   1.00 73.94 ? 22  GLU A CG  1 
ATOM   70   C CD  . GLU A 1 23  ? 1.521   -27.502 1.056   1.00 78.38 ? 22  GLU A CD  1 
ATOM   71   O OE1 . GLU A 1 23  ? 0.954   -28.452 0.465   1.00 75.88 ? 22  GLU A OE1 1 
ATOM   72   O OE2 . GLU A 1 23  ? 2.580   -27.633 1.710   1.00 80.84 ? 22  GLU A OE2 1 
ATOM   73   N N   . LEU A 1 33  ? 16.986  -23.808 -6.142  1.00 64.81 ? 32  LEU A N   1 
ATOM   74   C CA  . LEU A 1 33  ? 16.009  -22.758 -6.418  1.00 62.18 ? 32  LEU A CA  1 
ATOM   75   C C   . LEU A 1 33  ? 14.697  -22.989 -5.664  1.00 63.16 ? 32  LEU A C   1 
ATOM   76   O O   . LEU A 1 33  ? 14.054  -24.029 -5.823  1.00 64.05 ? 32  LEU A O   1 
ATOM   77   C CB  . LEU A 1 33  ? 15.732  -22.672 -7.917  1.00 63.59 ? 32  LEU A CB  1 
ATOM   78   C CG  . LEU A 1 33  ? 14.967  -21.421 -8.344  1.00 64.24 ? 32  LEU A CG  1 
ATOM   79   C CD1 . LEU A 1 33  ? 15.725  -20.189 -7.888  1.00 58.30 ? 32  LEU A CD1 1 
ATOM   80   C CD2 . LEU A 1 33  ? 14.737  -21.382 -9.853  1.00 58.61 ? 32  LEU A CD2 1 
ATOM   81   N N   . SER A 1 34  ? 14.301  -22.015 -4.846  1.00 60.98 ? 33  SER A N   1 
ATOM   82   C CA  . SER A 1 34  ? 13.107  -22.109 -4.017  1.00 62.39 ? 33  SER A CA  1 
ATOM   83   C C   . SER A 1 34  ? 12.107  -21.025 -4.400  1.00 58.21 ? 33  SER A C   1 
ATOM   84   O O   . SER A 1 34  ? 12.420  -20.072 -5.123  1.00 55.55 ? 33  SER A O   1 
ATOM   85   C CB  . SER A 1 34  ? 13.455  -21.990 -2.528  1.00 56.35 ? 33  SER A CB  1 
ATOM   86   O OG  . SER A 1 34  ? 13.934  -20.688 -2.245  1.00 57.98 ? 33  SER A OG  1 
ATOM   87   N N   . ARG A 1 35  ? 10.883  -21.177 -3.890  1.00 58.51 ? 34  ARG A N   1 
ATOM   88   C CA  . ARG A 1 35  ? 9.831   -20.216 -4.215  1.00 58.11 ? 34  ARG A CA  1 
ATOM   89   C C   . ARG A 1 35  ? 10.044  -18.887 -3.501  1.00 52.92 ? 34  ARG A C   1 
ATOM   90   O O   . ARG A 1 35  ? 9.685   -17.835 -4.035  1.00 46.87 ? 34  ARG A O   1 
ATOM   91   C CB  . ARG A 1 35  ? 8.458   -20.793 -3.858  1.00 60.81 ? 34  ARG A CB  1 
ATOM   92   C CG  . ARG A 1 35  ? 7.323   -20.264 -4.732  1.00 61.55 ? 34  ARG A CG  1 
ATOM   93   C CD  . ARG A 1 35  ? 5.991   -20.905 -4.382  1.00 61.22 ? 34  ARG A CD  1 
ATOM   94   N NE  . ARG A 1 35  ? 5.406   -20.315 -3.180  1.00 66.22 ? 34  ARG A NE  1 
ATOM   95   C CZ  . ARG A 1 35  ? 4.390   -20.841 -2.503  1.00 70.42 ? 34  ARG A CZ  1 
ATOM   96   N NH1 . ARG A 1 35  ? 3.840   -21.984 -2.899  1.00 72.06 ? 34  ARG A NH1 1 
ATOM   97   N NH2 . ARG A 1 35  ? 3.923   -20.221 -1.426  1.00 64.14 ? 34  ARG A NH2 1 
ATOM   98   N N   . GLU A 1 36  ? 10.596  -18.916 -2.290  1.00 56.17 ? 35  GLU A N   1 
ATOM   99   C CA  . GLU A 1 36  ? 10.890  -17.668 -1.596  1.00 56.58 ? 35  GLU A CA  1 
ATOM   100  C C   . GLU A 1 36  ? 11.852  -16.843 -2.414  1.00 51.91 ? 35  GLU A C   1 
ATOM   101  O O   . GLU A 1 36  ? 11.710  -15.621 -2.523  1.00 46.00 ? 35  GLU A O   1 
ATOM   102  C CB  . GLU A 1 36  ? 11.490  -17.948 -0.218  1.00 55.57 ? 35  GLU A CB  1 
ATOM   103  C CG  . GLU A 1 36  ? 10.545  -18.620 0.768   1.00 60.82 ? 35  GLU A CG  1 
ATOM   104  C CD  . GLU A 1 36  ? 10.176  -20.051 0.390   1.00 65.44 ? 35  GLU A CD  1 
ATOM   105  O OE1 . GLU A 1 36  ? 11.046  -20.792 -0.146  1.00 60.72 ? 35  GLU A OE1 1 
ATOM   106  O OE2 . GLU A 1 36  ? 8.997   -20.418 0.622   1.00 67.51 ? 35  GLU A OE2 1 
ATOM   107  N N   . GLN A 1 37  ? 12.827  -17.525 -3.015  1.00 53.28 ? 36  GLN A N   1 
ATOM   108  C CA  . GLN A 1 37  ? 13.824  -16.900 -3.865  1.00 52.05 ? 36  GLN A CA  1 
ATOM   109  C C   . GLN A 1 37  ? 13.179  -16.226 -5.071  1.00 50.11 ? 36  GLN A C   1 
ATOM   110  O O   . GLN A 1 37  ? 13.515  -15.086 -5.418  1.00 48.53 ? 36  GLN A O   1 
ATOM   111  C CB  . GLN A 1 37  ? 14.799  -17.986 -4.294  1.00 55.26 ? 36  GLN A CB  1 
ATOM   112  C CG  . GLN A 1 37  ? 16.123  -17.521 -4.762  1.00 58.69 ? 36  GLN A CG  1 
ATOM   113  C CD  . GLN A 1 37  ? 17.040  -18.704 -5.024  1.00 65.38 ? 36  GLN A CD  1 
ATOM   114  O OE1 . GLN A 1 37  ? 16.882  -19.773 -4.424  1.00 67.91 ? 36  GLN A OE1 1 
ATOM   115  N NE2 . GLN A 1 37  ? 17.984  -18.526 -5.934  1.00 63.58 ? 36  GLN A NE2 1 
ATOM   116  N N   . ILE A 1 38  ? 12.257  -16.925 -5.733  1.00 49.28 ? 37  ILE A N   1 
ATOM   117  C CA  . ILE A 1 38  ? 11.610  -16.370 -6.925  1.00 47.13 ? 37  ILE A CA  1 
ATOM   118  C C   . ILE A 1 38  ? 10.754  -15.167 -6.554  1.00 43.93 ? 37  ILE A C   1 
ATOM   119  O O   . ILE A 1 38  ? 10.806  -14.110 -7.196  1.00 42.20 ? 37  ILE A O   1 
ATOM   120  C CB  . ILE A 1 38  ? 10.753  -17.447 -7.605  1.00 45.11 ? 37  ILE A CB  1 
ATOM   121  C CG1 . ILE A 1 38  ? 11.625  -18.607 -8.080  1.00 48.56 ? 37  ILE A CG1 1 
ATOM   122  C CG2 . ILE A 1 38  ? 9.901   -16.831 -8.714  1.00 42.91 ? 37  ILE A CG2 1 
ATOM   123  C CD1 . ILE A 1 38  ? 10.961  -19.933 -7.915  1.00 54.65 ? 37  ILE A CD1 1 
ATOM   124  N N   . VAL A 1 39  ? 9.906   -15.344 -5.543  1.00 43.79 ? 38  VAL A N   1 
ATOM   125  C CA  . VAL A 1 39  ? 8.978   -14.292 -5.137  1.00 45.00 ? 38  VAL A CA  1 
ATOM   126  C C   . VAL A 1 39  ? 9.738   -13.016 -4.819  1.00 36.77 ? 38  VAL A C   1 
ATOM   127  O O   . VAL A 1 39  ? 9.347   -11.922 -5.234  1.00 41.06 ? 38  VAL A O   1 
ATOM   128  C CB  . VAL A 1 39  ? 8.127   -14.781 -3.949  1.00 41.81 ? 38  VAL A CB  1 
ATOM   129  C CG1 . VAL A 1 39  ? 7.290   -13.617 -3.366  1.00 40.13 ? 38  VAL A CG1 1 
ATOM   130  C CG2 . VAL A 1 39  ? 7.223   -15.934 -4.419  1.00 43.13 ? 38  VAL A CG2 1 
ATOM   131  N N   . GLN A 1 40  ? 10.863  -13.145 -4.117  1.00 40.15 ? 39  GLN A N   1 
ATOM   132  C CA  . GLN A 1 40  ? 11.667  -11.977 -3.764  1.00 45.60 ? 39  GLN A CA  1 
ATOM   133  C C   . GLN A 1 40  ? 12.286  -11.326 -4.993  1.00 46.24 ? 39  GLN A C   1 
ATOM   134  O O   . GLN A 1 40  ? 12.332  -10.094 -5.089  1.00 45.23 ? 39  GLN A O   1 
ATOM   135  C CB  . GLN A 1 40  ? 12.766  -12.367 -2.773  1.00 47.99 ? 39  GLN A CB  1 
ATOM   136  C CG  . GLN A 1 40  ? 13.691  -11.224 -2.429  1.00 50.23 ? 39  GLN A CG  1 
ATOM   137  C CD  . GLN A 1 40  ? 13.007  -10.165 -1.562  1.00 53.33 ? 39  GLN A CD  1 
ATOM   138  O OE1 . GLN A 1 40  ? 12.584  -9.102  -2.049  1.00 51.64 ? 39  GLN A OE1 1 
ATOM   139  N NE2 . GLN A 1 40  ? 12.904  -10.456 -0.271  1.00 52.03 ? 39  GLN A NE2 1 
ATOM   140  N N   . ALA A 1 41  ? 12.781  -12.130 -5.939  1.00 45.14 ? 40  ALA A N   1 
ATOM   141  C CA  . ALA A 1 41  ? 13.270  -11.545 -7.189  1.00 44.97 ? 40  ALA A CA  1 
ATOM   142  C C   . ALA A 1 41  ? 12.140  -10.857 -7.944  1.00 42.82 ? 40  ALA A C   1 
ATOM   143  O O   . ALA A 1 41  ? 12.327  -9.769  -8.506  1.00 46.08 ? 40  ALA A O   1 
ATOM   144  C CB  . ALA A 1 41  ? 13.952  -12.618 -8.060  1.00 42.03 ? 40  ALA A CB  1 
ATOM   145  N N   . ALA A 1 42  ? 10.945  -11.451 -7.942  1.00 42.24 ? 41  ALA A N   1 
ATOM   146  C CA  . ALA A 1 42  ? 9.814   -10.773 -8.565  1.00 40.60 ? 41  ALA A CA  1 
ATOM   147  C C   . ALA A 1 42  ? 9.548   -9.426  -7.897  1.00 46.77 ? 41  ALA A C   1 
ATOM   148  O O   . ALA A 1 42  ? 9.346   -8.415  -8.579  1.00 46.28 ? 41  ALA A O   1 
ATOM   149  C CB  . ALA A 1 42  ? 8.571   -11.662 -8.523  1.00 43.04 ? 41  ALA A CB  1 
ATOM   150  N N   . VAL A 1 43  ? 9.566   -9.378  -6.554  1.00 43.97 ? 42  VAL A N   1 
ATOM   151  C CA  . VAL A 1 43  ? 9.225   -8.123  -5.879  1.00 42.03 ? 42  VAL A CA  1 
ATOM   152  C C   . VAL A 1 43  ? 10.213  -7.029  -6.242  1.00 44.03 ? 42  VAL A C   1 
ATOM   153  O O   . VAL A 1 43  ? 9.827   -5.871  -6.455  1.00 49.48 ? 42  VAL A O   1 
ATOM   154  C CB  . VAL A 1 43  ? 9.141   -8.310  -4.352  1.00 40.81 ? 42  VAL A CB  1 
ATOM   155  C CG1 . VAL A 1 43  ? 9.156   -6.938  -3.659  1.00 41.96 ? 42  VAL A CG1 1 
ATOM   156  C CG2 . VAL A 1 43  ? 7.883   -9.102  -3.978  1.00 37.15 ? 42  VAL A CG2 1 
ATOM   157  N N   . ARG A 1 44  ? 11.502  -7.357  -6.273  1.00 45.93 ? 43  ARG A N   1 
ATOM   158  C CA  . ARG A 1 44  ? 12.478  -6.399  -6.779  1.00 54.26 ? 43  ARG A CA  1 
ATOM   159  C C   . ARG A 1 44  ? 12.164  -5.990  -8.210  1.00 53.84 ? 43  ARG A C   1 
ATOM   160  O O   . ARG A 1 44  ? 12.240  -4.805  -8.552  1.00 59.16 ? 43  ARG A O   1 
ATOM   161  C CB  . ARG A 1 44  ? 13.878  -6.986  -6.693  1.00 56.77 ? 43  ARG A CB  1 
ATOM   162  C CG  . ARG A 1 44  ? 14.247  -7.296  -5.281  1.00 60.98 ? 43  ARG A CG  1 
ATOM   163  C CD  . ARG A 1 44  ? 15.659  -7.826  -5.145  1.00 65.52 ? 43  ARG A CD  1 
ATOM   164  N NE  . ARG A 1 44  ? 15.919  -8.153  -3.745  1.00 68.98 ? 43  ARG A NE  1 
ATOM   165  C CZ  . ARG A 1 44  ? 16.130  -7.245  -2.793  1.00 74.41 ? 43  ARG A CZ  1 
ATOM   166  N NH1 . ARG A 1 44  ? 16.338  -7.639  -1.539  1.00 71.45 ? 43  ARG A NH1 1 
ATOM   167  N NH2 . ARG A 1 44  ? 16.135  -5.943  -3.088  1.00 72.10 ? 43  ARG A NH2 1 
ATOM   168  N N   . LEU A 1 45  ? 11.822  -6.951  -9.066  1.00 54.17 ? 44  LEU A N   1 
ATOM   169  C CA  . LEU A 1 45  ? 11.411  -6.583  -10.418 1.00 56.47 ? 44  LEU A CA  1 
ATOM   170  C C   . LEU A 1 45  ? 10.196  -5.670  -10.383 1.00 57.97 ? 44  LEU A C   1 
ATOM   171  O O   . LEU A 1 45  ? 10.100  -4.724  -11.172 1.00 57.01 ? 44  LEU A O   1 
ATOM   172  C CB  . LEU A 1 45  ? 11.095  -7.826  -11.243 1.00 54.66 ? 44  LEU A CB  1 
ATOM   173  C CG  . LEU A 1 45  ? 12.130  -8.309  -12.252 1.00 63.07 ? 44  LEU A CG  1 
ATOM   174  C CD1 . LEU A 1 45  ? 13.245  -9.052  -11.531 1.00 61.91 ? 44  LEU A CD1 1 
ATOM   175  C CD2 . LEU A 1 45  ? 11.443  -9.183  -13.284 1.00 58.03 ? 44  LEU A CD2 1 
ATOM   176  N N   . LEU A 1 46  ? 9.249   -5.945  -9.481  1.00 53.38 ? 45  LEU A N   1 
ATOM   177  C CA  . LEU A 1 46  ? 8.064   -5.104  -9.398  1.00 51.57 ? 45  LEU A CA  1 
ATOM   178  C C   . LEU A 1 46  ? 8.410   -3.731  -8.869  1.00 53.12 ? 45  LEU A C   1 
ATOM   179  O O   . LEU A 1 46  ? 7.842   -2.732  -9.319  1.00 54.06 ? 45  LEU A O   1 
ATOM   180  C CB  . LEU A 1 46  ? 7.016   -5.765  -8.516  1.00 49.95 ? 45  LEU A CB  1 
ATOM   181  C CG  . LEU A 1 46  ? 6.417   -6.979  -9.194  1.00 49.79 ? 45  LEU A CG  1 
ATOM   182  C CD1 . LEU A 1 46  ? 5.878   -7.947  -8.166  1.00 45.50 ? 45  LEU A CD1 1 
ATOM   183  C CD2 . LEU A 1 46  ? 5.337   -6.508  -10.150 1.00 53.77 ? 45  LEU A CD2 1 
ATOM   184  N N   . ASP A 1 47  ? 9.331   -3.668  -7.900  1.00 53.53 ? 46  ASP A N   1 
ATOM   185  C CA  . ASP A 1 47  ? 9.679   -2.391  -7.275  1.00 55.58 ? 46  ASP A CA  1 
ATOM   186  C C   . ASP A 1 47  ? 10.265  -1.412  -8.294  1.00 61.01 ? 46  ASP A C   1 
ATOM   187  O O   . ASP A 1 47  ? 9.992   -0.206  -8.234  1.00 59.95 ? 46  ASP A O   1 
ATOM   188  C CB  . ASP A 1 47  ? 10.679  -2.605  -6.127  1.00 48.37 ? 46  ASP A CB  1 
ATOM   189  C CG  . ASP A 1 47  ? 10.031  -3.144  -4.845  1.00 48.22 ? 46  ASP A CG  1 
ATOM   190  O OD1 . ASP A 1 47  ? 8.793   -3.243  -4.786  1.00 46.93 ? 46  ASP A OD1 1 
ATOM   191  O OD2 . ASP A 1 47  ? 10.775  -3.474  -3.894  1.00 45.55 ? 46  ASP A OD2 1 
ATOM   192  N N   . GLU A 1 48  ? 11.080  -1.907  -9.232  1.00 62.10 ? 47  GLU A N   1 
ATOM   193  C CA  . GLU A 1 48  ? 11.803  -0.989  -10.108 1.00 67.75 ? 47  GLU A CA  1 
ATOM   194  C C   . GLU A 1 48  ? 11.071  -0.691  -11.403 1.00 66.46 ? 47  GLU A C   1 
ATOM   195  O O   . GLU A 1 48  ? 11.194  0.423   -11.927 1.00 72.05 ? 47  GLU A O   1 
ATOM   196  C CB  . GLU A 1 48  ? 13.208  -1.514  -10.408 1.00 67.31 ? 47  GLU A CB  1 
ATOM   197  C CG  . GLU A 1 48  ? 13.305  -2.658  -11.367 1.00 68.88 ? 47  GLU A CG  1 
ATOM   198  C CD  . GLU A 1 48  ? 14.658  -3.328  -11.269 1.00 78.42 ? 47  GLU A CD  1 
ATOM   199  O OE1 . GLU A 1 48  ? 15.224  -3.338  -10.145 1.00 81.31 ? 47  GLU A OE1 1 
ATOM   200  O OE2 . GLU A 1 48  ? 15.157  -3.837  -12.300 1.00 77.92 ? 47  GLU A OE2 1 
ATOM   201  N N   . GLY A 1 49  ? 10.296  -1.627  -11.925 1.00 66.57 ? 48  GLY A N   1 
ATOM   202  C CA  . GLY A 1 49  ? 9.430   -1.285  -13.033 1.00 64.72 ? 48  GLY A CA  1 
ATOM   203  C C   . GLY A 1 49  ? 8.005   -1.195  -12.546 1.00 68.93 ? 48  GLY A C   1 
ATOM   204  O O   . GLY A 1 49  ? 7.631   -0.239  -11.859 1.00 74.27 ? 48  GLY A O   1 
ATOM   205  N N   . GLY A 1 50  ? 7.209   -2.198  -12.876 1.00 68.06 ? 49  GLY A N   1 
ATOM   206  C CA  . GLY A 1 50  ? 5.879   -2.303  -12.320 1.00 63.88 ? 49  GLY A CA  1 
ATOM   207  C C   . GLY A 1 50  ? 5.284   -3.627  -12.716 1.00 66.13 ? 49  GLY A C   1 
ATOM   208  O O   . GLY A 1 50  ? 6.003   -4.568  -13.059 1.00 68.96 ? 49  GLY A O   1 
ATOM   209  N N   . VAL A 1 51  ? 3.959   -3.692  -12.689 1.00 61.24 ? 50  VAL A N   1 
ATOM   210  C CA  . VAL A 1 51  ? 3.293   -4.914  -13.125 1.00 64.82 ? 50  VAL A CA  1 
ATOM   211  C C   . VAL A 1 51  ? 3.686   -5.252  -14.559 1.00 70.21 ? 50  VAL A C   1 
ATOM   212  O O   . VAL A 1 51  ? 3.829   -6.426  -14.917 1.00 70.91 ? 50  VAL A O   1 
ATOM   213  C CB  . VAL A 1 51  ? 1.772   -4.775  -12.967 1.00 68.16 ? 50  VAL A CB  1 
ATOM   214  C CG1 . VAL A 1 51  ? 1.110   -6.144  -13.030 1.00 69.62 ? 50  VAL A CG1 1 
ATOM   215  C CG2 . VAL A 1 51  ? 1.457   -4.065  -11.651 1.00 68.90 ? 50  VAL A CG2 1 
ATOM   216  N N   . ARG A 1 52  ? 3.898   -4.231  -15.394 1.00 72.60 ? 51  ARG A N   1 
ATOM   217  C CA  . ARG A 1 52  ? 4.255   -4.476  -16.791 1.00 75.69 ? 51  ARG A CA  1 
ATOM   218  C C   . ARG A 1 52  ? 5.719   -4.878  -16.945 1.00 76.72 ? 51  ARG A C   1 
ATOM   219  O O   . ARG A 1 52  ? 6.062   -5.618  -17.877 1.00 80.27 ? 51  ARG A O   1 
ATOM   220  C CB  . ARG A 1 52  ? 3.950   -3.237  -17.637 1.00 76.10 ? 51  ARG A CB  1 
ATOM   221  N N   . ASN A 1 53  ? 6.588   -4.411  -16.045 1.00 74.28 ? 52  ASN A N   1 
ATOM   222  C CA  . ASN A 1 53  ? 7.996   -4.788  -16.096 1.00 75.29 ? 52  ASN A CA  1 
ATOM   223  C C   . ASN A 1 53  ? 8.221   -6.239  -15.688 1.00 75.96 ? 52  ASN A C   1 
ATOM   224  O O   . ASN A 1 53  ? 9.231   -6.836  -16.079 1.00 79.73 ? 52  ASN A O   1 
ATOM   225  C CB  . ASN A 1 53  ? 8.817   -3.858  -15.197 1.00 75.95 ? 52  ASN A CB  1 
ATOM   226  C CG  . ASN A 1 53  ? 10.314  -4.162  -15.235 1.00 77.74 ? 52  ASN A CG  1 
ATOM   227  O OD1 . ASN A 1 53  ? 10.865  -4.522  -16.281 1.00 77.97 ? 52  ASN A OD1 1 
ATOM   228  N ND2 . ASN A 1 53  ? 10.978  -4.008  -14.088 1.00 71.88 ? 52  ASN A ND2 1 
ATOM   229  N N   . LEU A 1 54  ? 7.310   -6.822  -14.914 1.00 77.71 ? 53  LEU A N   1 
ATOM   230  C CA  . LEU A 1 54  ? 7.485   -8.198  -14.470 1.00 73.06 ? 53  LEU A CA  1 
ATOM   231  C C   . LEU A 1 54  ? 7.345   -9.176  -15.629 1.00 75.76 ? 53  LEU A C   1 
ATOM   232  O O   . LEU A 1 54  ? 6.259   -9.714  -15.882 1.00 76.65 ? 53  LEU A O   1 
ATOM   233  C CB  . LEU A 1 54  ? 6.486   -8.544  -13.374 1.00 68.12 ? 53  LEU A CB  1 
ATOM   234  C CG  . LEU A 1 54  ? 6.795   -9.894  -12.734 1.00 66.08 ? 53  LEU A CG  1 
ATOM   235  C CD1 . LEU A 1 54  ? 8.058   -9.809  -11.879 1.00 61.23 ? 53  LEU A CD1 1 
ATOM   236  C CD2 . LEU A 1 54  ? 5.614   -10.394 -11.928 1.00 63.94 ? 53  LEU A CD2 1 
ATOM   237  N N   . ARG A 1 55  ? 8.441   -9.407  -16.338 1.00 73.72 ? 54  ARG A N   1 
ATOM   238  C CA  . ARG A 1 55  ? 8.479   -10.358 -17.433 1.00 70.98 ? 54  ARG A CA  1 
ATOM   239  C C   . ARG A 1 55  ? 9.130   -11.646 -16.959 1.00 68.33 ? 54  ARG A C   1 
ATOM   240  O O   . ARG A 1 55  ? 10.218  -11.620 -16.371 1.00 62.85 ? 54  ARG A O   1 
ATOM   241  C CB  . ARG A 1 55  ? 9.236   -9.770  -18.620 1.00 74.84 ? 54  ARG A CB  1 
ATOM   242  C CG  . ARG A 1 55  ? 8.438   -8.704  -19.310 1.00 79.16 ? 54  ARG A CG  1 
ATOM   243  C CD  . ARG A 1 55  ? 7.018   -9.200  -19.480 1.00 80.37 ? 54  ARG A CD  1 
ATOM   244  N NE  . ARG A 1 55  ? 6.253   -8.347  -20.375 1.00 85.01 ? 54  ARG A NE  1 
ATOM   245  C CZ  . ARG A 1 55  ? 4.953   -8.488  -20.602 1.00 88.48 ? 54  ARG A CZ  1 
ATOM   246  N NH1 . ARG A 1 55  ? 4.275   -9.451  -19.988 1.00 85.84 ? 54  ARG A NH1 1 
ATOM   247  N NH2 . ARG A 1 55  ? 4.332   -7.661  -21.436 1.00 87.72 ? 54  ARG A NH2 1 
ATOM   248  N N   . MET A 1 56  ? 8.460   -12.770 -17.225 1.00 68.75 ? 55  MET A N   1 
ATOM   249  C CA  . MET A 1 56  ? 8.951   -14.052 -16.740 1.00 67.89 ? 55  MET A CA  1 
ATOM   250  C C   . MET A 1 56  ? 10.329  -14.367 -17.305 1.00 66.66 ? 55  MET A C   1 
ATOM   251  O O   . MET A 1 56  ? 11.123  -15.061 -16.656 1.00 61.97 ? 55  MET A O   1 
ATOM   252  C CB  . MET A 1 56  ? 7.942   -15.152 -17.073 1.00 71.06 ? 55  MET A CB  1 
ATOM   253  C CG  . MET A 1 56  ? 6.530   -14.905 -16.491 1.00 74.75 ? 55  MET A CG  1 
ATOM   254  S SD  . MET A 1 56  ? 6.467   -14.638 -14.686 1.00 81.37 ? 55  MET A SD  1 
ATOM   255  C CE  . MET A 1 56  ? 6.719   -16.297 -14.044 1.00 68.74 ? 55  MET A CE  1 
ATOM   256  N N   . ARG A 1 57  ? 10.640  -13.832 -18.485 1.00 64.59 ? 56  ARG A N   1 
ATOM   257  C CA  . ARG A 1 57  ? 11.956  -14.043 -19.078 1.00 65.92 ? 56  ARG A CA  1 
ATOM   258  C C   . ARG A 1 57  ? 13.040  -13.368 -18.251 1.00 63.09 ? 56  ARG A C   1 
ATOM   259  O O   . ARG A 1 57  ? 14.023  -14.009 -17.860 1.00 60.00 ? 56  ARG A O   1 
ATOM   260  C CB  . ARG A 1 57  ? 11.980  -13.521 -20.519 1.00 67.74 ? 56  ARG A CB  1 
ATOM   261  C CG  . ARG A 1 57  ? 10.788  -13.928 -21.377 1.00 72.90 ? 56  ARG A CG  1 
ATOM   262  C CD  . ARG A 1 57  ? 9.750   -12.812 -21.517 1.00 75.13 ? 56  ARG A CD  1 
ATOM   263  N NE  . ARG A 1 57  ? 8.676   -13.238 -22.406 1.00 80.18 ? 56  ARG A NE  1 
ATOM   264  C CZ  . ARG A 1 57  ? 7.586   -13.883 -22.002 1.00 82.47 ? 56  ARG A CZ  1 
ATOM   265  N NH1 . ARG A 1 57  ? 6.669   -14.243 -22.890 1.00 85.71 ? 56  ARG A NH1 1 
ATOM   266  N NH2 . ARG A 1 57  ? 7.410   -14.160 -20.713 1.00 78.09 ? 56  ARG A NH2 1 
ATOM   267  N N   . GLN A 1 58  ? 12.881  -12.068 -17.982 1.00 59.65 ? 57  GLN A N   1 
ATOM   268  C CA  . GLN A 1 58  ? 13.880  -11.359 -17.187 1.00 62.64 ? 57  GLN A CA  1 
ATOM   269  C C   . GLN A 1 58  ? 13.953  -11.903 -15.761 1.00 57.82 ? 57  GLN A C   1 
ATOM   270  O O   . GLN A 1 58  ? 15.022  -11.888 -15.143 1.00 53.99 ? 57  GLN A O   1 
ATOM   271  C CB  . GLN A 1 58  ? 13.580  -9.855  -17.178 1.00 62.10 ? 57  GLN A CB  1 
ATOM   272  N N   . LEU A 1 59  ? 12.842  -12.404 -15.225 1.00 58.71 ? 58  LEU A N   1 
ATOM   273  C CA  . LEU A 1 59  ? 12.909  -13.007 -13.899 1.00 57.51 ? 58  LEU A CA  1 
ATOM   274  C C   . LEU A 1 59  ? 13.846  -14.202 -13.910 1.00 55.35 ? 58  LEU A C   1 
ATOM   275  O O   . LEU A 1 59  ? 14.714  -14.342 -13.040 1.00 49.39 ? 58  LEU A O   1 
ATOM   276  C CB  . LEU A 1 59  ? 11.519  -13.418 -13.427 1.00 54.85 ? 58  LEU A CB  1 
ATOM   277  C CG  . LEU A 1 59  ? 11.544  -13.922 -11.984 1.00 55.12 ? 58  LEU A CG  1 
ATOM   278  C CD1 . LEU A 1 59  ? 12.100  -12.828 -11.085 1.00 52.90 ? 58  LEU A CD1 1 
ATOM   279  C CD2 . LEU A 1 59  ? 10.160  -14.330 -11.526 1.00 54.70 ? 58  LEU A CD2 1 
ATOM   280  N N   . ALA A 1 60  ? 13.693  -15.068 -14.908 1.00 57.01 ? 59  ALA A N   1 
ATOM   281  C CA  . ALA A 1 60  ? 14.571  -16.224 -15.034 1.00 55.49 ? 59  ALA A CA  1 
ATOM   282  C C   . ALA A 1 60  ? 16.039  -15.817 -15.078 1.00 53.74 ? 59  ALA A C   1 
ATOM   283  O O   . ALA A 1 60  ? 16.886  -16.448 -14.436 1.00 56.36 ? 59  ALA A O   1 
ATOM   284  C CB  . ALA A 1 60  ? 14.193  -17.021 -16.280 1.00 57.39 ? 59  ALA A CB  1 
ATOM   285  N N   . ASP A 1 61  ? 16.360  -14.750 -15.806 1.00 56.07 ? 60  ASP A N   1 
ATOM   286  C CA  . ASP A 1 61  ? 17.761  -14.359 -15.951 1.00 58.25 ? 60  ASP A CA  1 
ATOM   287  C C   . ASP A 1 61  ? 18.322  -13.814 -14.644 1.00 61.36 ? 60  ASP A C   1 
ATOM   288  O O   . ASP A 1 61  ? 19.382  -14.255 -14.180 1.00 59.34 ? 60  ASP A O   1 
ATOM   289  C CB  . ASP A 1 61  ? 17.895  -13.340 -17.076 1.00 60.43 ? 60  ASP A CB  1 
ATOM   290  C CG  . ASP A 1 61  ? 17.485  -13.918 -18.416 1.00 65.46 ? 60  ASP A CG  1 
ATOM   291  O OD1 . ASP A 1 61  ? 17.750  -15.125 -18.642 1.00 68.19 ? 60  ASP A OD1 1 
ATOM   292  O OD2 . ASP A 1 61  ? 16.875  -13.184 -19.224 1.00 64.84 ? 60  ASP A OD2 1 
ATOM   293  N N   . SER A 1 62  ? 17.619  -12.855 -14.034 1.00 57.65 ? 61  SER A N   1 
ATOM   294  C CA  . SER A 1 62  ? 17.992  -12.355 -12.712 1.00 55.05 ? 61  SER A CA  1 
ATOM   295  C C   . SER A 1 62  ? 18.226  -13.476 -11.708 1.00 55.68 ? 61  SER A C   1 
ATOM   296  O O   . SER A 1 62  ? 19.019  -13.318 -10.773 1.00 55.91 ? 61  SER A O   1 
ATOM   297  C CB  . SER A 1 62  ? 16.893  -11.452 -12.186 1.00 58.01 ? 61  SER A CB  1 
ATOM   298  O OG  . SER A 1 62  ? 15.723  -12.235 -12.030 1.00 61.49 ? 61  SER A OG  1 
ATOM   299  N N   . LEU A 1 63  ? 17.514  -14.591 -11.849 1.00 53.65 ? 62  LEU A N   1 
ATOM   300  C CA  . LEU A 1 63  ? 17.754  -15.770 -11.028 1.00 56.75 ? 62  LEU A CA  1 
ATOM   301  C C   . LEU A 1 63  ? 18.667  -16.786 -11.706 1.00 62.42 ? 62  LEU A C   1 
ATOM   302  O O   . LEU A 1 63  ? 18.861  -17.875 -11.158 1.00 63.91 ? 62  LEU A O   1 
ATOM   303  C CB  . LEU A 1 63  ? 16.434  -16.460 -10.673 1.00 55.21 ? 62  LEU A CB  1 
ATOM   304  C CG  . LEU A 1 63  ? 15.438  -15.885 -9.678  1.00 54.38 ? 62  LEU A CG  1 
ATOM   305  C CD1 . LEU A 1 63  ? 14.160  -16.652 -9.849  1.00 48.97 ? 62  LEU A CD1 1 
ATOM   306  C CD2 . LEU A 1 63  ? 15.956  -16.062 -8.263  1.00 51.80 ? 62  LEU A CD2 1 
ATOM   307  N N   . ASN A 1 64  ? 19.192  -16.475 -12.894 1.00 60.18 ? 63  ASN A N   1 
ATOM   308  C CA  . ASN A 1 64  ? 20.113  -17.352 -13.626 1.00 62.98 ? 63  ASN A CA  1 
ATOM   309  C C   . ASN A 1 64  ? 19.519  -18.752 -13.800 1.00 63.34 ? 63  ASN A C   1 
ATOM   310  O O   . ASN A 1 64  ? 20.106  -19.765 -13.416 1.00 64.11 ? 63  ASN A O   1 
ATOM   311  C CB  . ASN A 1 64  ? 21.483  -17.413 -12.934 1.00 67.89 ? 63  ASN A CB  1 
ATOM   312  C CG  . ASN A 1 64  ? 22.547  -18.124 -13.788 1.00 76.92 ? 63  ASN A CG  1 
ATOM   313  O OD1 . ASN A 1 64  ? 23.138  -19.126 -13.368 1.00 77.97 ? 63  ASN A OD1 1 
ATOM   314  N ND2 . ASN A 1 64  ? 22.785  -17.607 -14.993 1.00 72.17 ? 63  ASN A ND2 1 
ATOM   315  N N   . SER A 1 65  ? 18.333  -18.790 -14.403 1.00 58.29 ? 64  SER A N   1 
ATOM   316  C CA  . SER A 1 65  ? 17.559  -20.014 -14.453 1.00 59.08 ? 64  SER A CA  1 
ATOM   317  C C   . SER A 1 65  ? 16.804  -20.082 -15.768 1.00 60.97 ? 64  SER A C   1 
ATOM   318  O O   . SER A 1 65  ? 16.642  -19.081 -16.469 1.00 60.82 ? 64  SER A O   1 
ATOM   319  C CB  . SER A 1 65  ? 16.588  -20.099 -13.270 1.00 61.33 ? 64  SER A CB  1 
ATOM   320  O OG  . SER A 1 65  ? 15.736  -21.224 -13.402 1.00 67.29 ? 64  SER A OG  1 
ATOM   321  N N   . ALA A 1 66  ? 16.360  -21.274 -16.097 1.00 60.34 ? 65  ALA A N   1 
ATOM   322  C CA  . ALA A 1 66  ? 15.529  -21.399 -17.280 1.00 60.87 ? 65  ALA A CA  1 
ATOM   323  C C   . ALA A 1 66  ? 14.096  -21.037 -16.919 1.00 62.19 ? 65  ALA A C   1 
ATOM   324  O O   . ALA A 1 66  ? 13.659  -21.323 -15.803 1.00 60.09 ? 65  ALA A O   1 
ATOM   325  C CB  . ALA A 1 66  ? 15.576  -22.820 -17.824 1.00 62.50 ? 65  ALA A CB  1 
ATOM   326  N N   . PRO A 1 67  ? 13.350  -20.403 -17.831 1.00 62.55 ? 66  PRO A N   1 
ATOM   327  C CA  . PRO A 1 67  ? 11.943  -20.098 -17.531 1.00 60.71 ? 66  PRO A CA  1 
ATOM   328  C C   . PRO A 1 67  ? 11.176  -21.306 -17.046 1.00 60.45 ? 66  PRO A C   1 
ATOM   329  O O   . PRO A 1 67  ? 10.297  -21.179 -16.187 1.00 61.98 ? 66  PRO A O   1 
ATOM   330  C CB  . PRO A 1 67  ? 11.406  -19.578 -18.871 1.00 61.97 ? 66  PRO A CB  1 
ATOM   331  C CG  . PRO A 1 67  ? 12.613  -19.058 -19.585 1.00 59.70 ? 66  PRO A CG  1 
ATOM   332  C CD  . PRO A 1 67  ? 13.735  -19.953 -19.181 1.00 63.66 ? 66  PRO A CD  1 
ATOM   333  N N   . MET A 1 68  ? 11.520  -22.493 -17.539 1.00 62.24 ? 67  MET A N   1 
ATOM   334  C CA  . MET A 1 68  ? 10.796  -23.692 -17.138 1.00 63.49 ? 67  MET A CA  1 
ATOM   335  C C   . MET A 1 68  ? 10.986  -23.986 -15.656 1.00 60.01 ? 67  MET A C   1 
ATOM   336  O O   . MET A 1 68  ? 10.056  -24.448 -14.983 1.00 62.50 ? 67  MET A O   1 
ATOM   337  C CB  . MET A 1 68  ? 11.255  -24.871 -17.991 1.00 61.71 ? 67  MET A CB  1 
ATOM   338  C CG  . MET A 1 68  ? 10.225  -25.970 -18.130 1.00 64.14 ? 67  MET A CG  1 
ATOM   339  S SD  . MET A 1 68  ? 8.768   -25.431 -19.051 1.00 84.39 ? 67  MET A SD  1 
ATOM   340  C CE  . MET A 1 68  ? 7.559   -25.433 -17.729 1.00 65.55 ? 67  MET A CE  1 
ATOM   341  N N   . SER A 1 69  ? 12.184  -23.729 -15.125 1.00 55.88 ? 68  SER A N   1 
ATOM   342  C CA  . SER A 1 69  ? 12.405  -23.941 -13.696 1.00 60.43 ? 68  SER A CA  1 
ATOM   343  C C   . SER A 1 69  ? 11.527  -23.022 -12.840 1.00 58.73 ? 68  SER A C   1 
ATOM   344  O O   . SER A 1 69  ? 11.090  -23.425 -11.758 1.00 61.84 ? 68  SER A O   1 
ATOM   345  C CB  . SER A 1 69  ? 13.885  -23.750 -13.358 1.00 56.33 ? 68  SER A CB  1 
ATOM   346  O OG  . SER A 1 69  ? 14.717  -24.472 -14.253 1.00 63.54 ? 68  SER A OG  1 
ATOM   347  N N   . LEU A 1 70  ? 11.256  -21.796 -13.300 1.00 59.49 ? 69  LEU A N   1 
ATOM   348  C CA  . LEU A 1 70  ? 10.313  -20.925 -12.597 1.00 58.65 ? 69  LEU A CA  1 
ATOM   349  C C   . LEU A 1 70  ? 8.913   -21.520 -12.606 1.00 62.24 ? 69  LEU A C   1 
ATOM   350  O O   . LEU A 1 70  ? 8.301   -21.728 -11.553 1.00 63.39 ? 69  LEU A O   1 
ATOM   351  C CB  . LEU A 1 70  ? 10.269  -19.547 -13.240 1.00 53.83 ? 69  LEU A CB  1 
ATOM   352  C CG  . LEU A 1 70  ? 11.558  -18.775 -13.447 1.00 60.04 ? 69  LEU A CG  1 
ATOM   353  C CD1 . LEU A 1 70  ? 11.210  -17.341 -13.856 1.00 60.62 ? 69  LEU A CD1 1 
ATOM   354  C CD2 . LEU A 1 70  ? 12.397  -18.816 -12.195 1.00 57.99 ? 69  LEU A CD2 1 
ATOM   355  N N   . TYR A 1 71  ? 8.400   -21.800 -13.806 1.00 63.34 ? 70  TYR A N   1 
ATOM   356  C CA  . TYR A 1 71  ? 7.085   -22.373 -14.070 1.00 62.92 ? 70  TYR A CA  1 
ATOM   357  C C   . TYR A 1 71  ? 6.837   -23.605 -13.209 1.00 63.63 ? 70  TYR A C   1 
ATOM   358  O O   . TYR A 1 71  ? 5.691   -23.940 -12.889 1.00 67.04 ? 70  TYR A O   1 
ATOM   359  C CB  . TYR A 1 71  ? 7.018   -22.692 -15.563 1.00 65.74 ? 70  TYR A CB  1 
ATOM   360  C CG  . TYR A 1 71  ? 5.682   -23.020 -16.185 1.00 70.33 ? 70  TYR A CG  1 
ATOM   361  C CD1 . TYR A 1 71  ? 5.033   -24.229 -15.927 1.00 69.84 ? 70  TYR A CD1 1 
ATOM   362  C CD2 . TYR A 1 71  ? 5.110   -22.158 -17.114 1.00 73.46 ? 70  TYR A CD2 1 
ATOM   363  C CE1 . TYR A 1 71  ? 3.828   -24.540 -16.538 1.00 66.46 ? 70  TYR A CE1 1 
ATOM   364  C CE2 . TYR A 1 71  ? 3.913   -22.462 -17.730 1.00 72.77 ? 70  TYR A CE2 1 
ATOM   365  C CZ  . TYR A 1 71  ? 3.279   -23.653 -17.438 1.00 71.05 ? 70  TYR A CZ  1 
ATOM   366  O OH  . TYR A 1 71  ? 2.081   -23.946 -18.041 1.00 74.26 ? 70  TYR A OH  1 
ATOM   367  N N   . TRP A 1 72  ? 7.915   -24.282 -12.816 1.00 65.61 ? 71  TRP A N   1 
ATOM   368  C CA  . TRP A 1 72  ? 7.786   -25.462 -11.974 1.00 61.24 ? 71  TRP A CA  1 
ATOM   369  C C   . TRP A 1 72  ? 7.333   -25.099 -10.565 1.00 66.66 ? 71  TRP A C   1 
ATOM   370  O O   . TRP A 1 72  ? 6.538   -25.824 -9.951  1.00 61.05 ? 71  TRP A O   1 
ATOM   371  C CB  . TRP A 1 72  ? 9.114   -26.204 -11.921 1.00 62.33 ? 71  TRP A CB  1 
ATOM   372  C CG  . TRP A 1 72  ? 8.975   -27.466 -11.176 1.00 66.57 ? 71  TRP A CG  1 
ATOM   373  C CD1 . TRP A 1 72  ? 9.226   -27.670 -9.850  1.00 55.20 ? 71  TRP A CD1 1 
ATOM   374  C CD2 . TRP A 1 72  ? 8.484   -28.705 -11.694 1.00 59.60 ? 71  TRP A CD2 1 
ATOM   375  N NE1 . TRP A 1 72  ? 8.947   -28.970 -9.518  1.00 61.55 ? 71  TRP A NE1 1 
ATOM   376  C CE2 . TRP A 1 72  ? 8.489   -29.628 -10.631 1.00 58.16 ? 71  TRP A CE2 1 
ATOM   377  C CE3 . TRP A 1 72  ? 8.056   -29.127 -12.959 1.00 59.69 ? 71  TRP A CE3 1 
ATOM   378  C CZ2 . TRP A 1 72  ? 8.078   -30.950 -10.791 1.00 59.83 ? 71  TRP A CZ2 1 
ATOM   379  C CZ3 . TRP A 1 72  ? 7.650   -30.445 -13.120 1.00 57.65 ? 71  TRP A CZ3 1 
ATOM   380  C CH2 . TRP A 1 72  ? 7.664   -31.339 -12.042 1.00 60.26 ? 71  TRP A CH2 1 
ATOM   381  N N   . HIS A 1 73  ? 7.858   -23.994 -10.027 1.00 66.64 ? 72  HIS A N   1 
ATOM   382  C CA  . HIS A 1 73  ? 7.515   -23.492 -8.702  1.00 66.56 ? 72  HIS A CA  1 
ATOM   383  C C   . HIS A 1 73  ? 6.293   -22.575 -8.730  1.00 65.35 ? 72  HIS A C   1 
ATOM   384  O O   . HIS A 1 73  ? 5.454   -22.636 -7.830  1.00 68.06 ? 72  HIS A O   1 
ATOM   385  C CB  . HIS A 1 73  ? 8.699   -22.720 -8.101  1.00 65.58 ? 72  HIS A CB  1 
ATOM   386  C CG  . HIS A 1 73  ? 9.906   -23.557 -7.773  1.00 63.22 ? 72  HIS A CG  1 
ATOM   387  N ND1 . HIS A 1 73  ? 10.994  -23.660 -8.617  1.00 63.75 ? 72  HIS A ND1 1 
ATOM   388  C CD2 . HIS A 1 73  ? 10.222  -24.274 -6.666  1.00 63.53 ? 72  HIS A CD2 1 
ATOM   389  C CE1 . HIS A 1 73  ? 11.916  -24.425 -8.057  1.00 61.70 ? 72  HIS A CE1 1 
ATOM   390  N NE2 . HIS A 1 73  ? 11.472  -24.812 -6.873  1.00 62.57 ? 72  HIS A NE2 1 
ATOM   391  N N   . VAL A 1 74  ? 6.173   -21.723 -9.749  1.00 65.74 ? 73  VAL A N   1 
ATOM   392  C CA  . VAL A 1 74  ? 5.120   -20.718 -9.824  1.00 68.90 ? 73  VAL A CA  1 
ATOM   393  C C   . VAL A 1 74  ? 4.368   -20.915 -11.131 1.00 71.83 ? 73  VAL A C   1 
ATOM   394  O O   . VAL A 1 74  ? 4.861   -20.544 -12.206 1.00 70.49 ? 73  VAL A O   1 
ATOM   395  C CB  . VAL A 1 74  ? 5.676   -19.294 -9.721  1.00 65.67 ? 73  VAL A CB  1 
ATOM   396  C CG1 . VAL A 1 74  ? 4.564   -18.283 -9.951  1.00 63.09 ? 73  VAL A CG1 1 
ATOM   397  C CG2 . VAL A 1 74  ? 6.302   -19.091 -8.355  1.00 57.40 ? 73  VAL A CG2 1 
ATOM   398  N N   . SER A 1 75  ? 3.149   -21.451 -11.025 1.00 75.52 ? 74  SER A N   1 
ATOM   399  C CA  . SER A 1 75  ? 2.411   -21.924 -12.193 1.00 74.60 ? 74  SER A CA  1 
ATOM   400  C C   . SER A 1 75  ? 2.284   -20.844 -13.268 1.00 73.42 ? 74  SER A C   1 
ATOM   401  O O   . SER A 1 75  ? 2.631   -21.073 -14.434 1.00 72.93 ? 74  SER A O   1 
ATOM   402  C CB  . SER A 1 75  ? 1.038   -22.429 -11.743 1.00 76.53 ? 74  SER A CB  1 
ATOM   403  O OG  . SER A 1 75  ? 0.227   -22.809 -12.840 1.00 85.25 ? 74  SER A OG  1 
ATOM   404  N N   . THR A 1 76  ? 1.798   -19.658 -12.897 1.00 70.37 ? 75  THR A N   1 
ATOM   405  C CA  . THR A 1 76  ? 1.540   -18.581 -13.851 1.00 68.12 ? 75  THR A CA  1 
ATOM   406  C C   . THR A 1 76  ? 1.884   -17.230 -13.234 1.00 70.26 ? 75  THR A C   1 
ATOM   407  O O   . THR A 1 76  ? 2.060   -17.102 -12.015 1.00 62.08 ? 75  THR A O   1 
ATOM   408  C CB  . THR A 1 76  ? 0.077   -18.567 -14.300 1.00 72.01 ? 75  THR A CB  1 
ATOM   409  O OG1 . THR A 1 76  ? -0.769  -18.694 -13.150 1.00 70.54 ? 75  THR A OG1 1 
ATOM   410  C CG2 . THR A 1 76  ? -0.198  -19.712 -15.273 1.00 75.14 ? 75  THR A CG2 1 
ATOM   411  N N   . LYS A 1 77  ? 1.965   -16.209 -14.099 1.00 66.11 ? 76  LYS A N   1 
ATOM   412  C CA  . LYS A 1 77  ? 2.300   -14.873 -13.619 1.00 64.59 ? 76  LYS A CA  1 
ATOM   413  C C   . LYS A 1 77  ? 1.269   -14.392 -12.608 1.00 65.67 ? 76  LYS A C   1 
ATOM   414  O O   . LYS A 1 77  ? 1.624   -13.966 -11.502 1.00 60.15 ? 76  LYS A O   1 
ATOM   415  C CB  . LYS A 1 77  ? 2.412   -13.888 -14.779 1.00 65.16 ? 76  LYS A CB  1 
ATOM   416  C CG  . LYS A 1 77  ? 3.355   -12.717 -14.474 1.00 67.97 ? 76  LYS A CG  1 
ATOM   417  C CD  . LYS A 1 77  ? 3.500   -11.734 -15.631 1.00 65.55 ? 76  LYS A CD  1 
ATOM   418  C CE  . LYS A 1 77  ? 2.462   -10.621 -15.523 1.00 68.41 ? 76  LYS A CE  1 
ATOM   419  N NZ  . LYS A 1 77  ? 3.078   -9.261  -15.408 1.00 67.93 ? 76  LYS A NZ  1 
ATOM   420  N N   . ASP A 1 78  ? -0.016  -14.472 -12.973 1.00 66.20 ? 77  ASP A N   1 
ATOM   421  C CA  . ASP A 1 78  ? -1.126  -14.179 -12.069 1.00 67.25 ? 77  ASP A CA  1 
ATOM   422  C C   . ASP A 1 78  ? -0.862  -14.741 -10.682 1.00 64.17 ? 77  ASP A C   1 
ATOM   423  O O   . ASP A 1 78  ? -1.106  -14.064 -9.676  1.00 66.53 ? 77  ASP A O   1 
ATOM   424  C CB  . ASP A 1 78  ? -2.439  -14.745 -12.612 1.00 69.68 ? 77  ASP A CB  1 
ATOM   425  C CG  . ASP A 1 78  ? -3.256  -13.713 -13.357 1.00 73.66 ? 77  ASP A CG  1 
ATOM   426  O OD1 . ASP A 1 78  ? -2.683  -12.687 -13.794 1.00 71.72 ? 77  ASP A OD1 1 
ATOM   427  O OD2 . ASP A 1 78  ? -4.480  -13.926 -13.493 1.00 83.17 ? 77  ASP A OD2 1 
ATOM   428  N N   . ASP A 1 79  ? -0.335  -15.967 -10.616 1.00 60.45 ? 78  ASP A N   1 
ATOM   429  C CA  . ASP A 1 79  ? -0.045  -16.558 -9.318  1.00 61.32 ? 78  ASP A CA  1 
ATOM   430  C C   . ASP A 1 79  ? 1.164   -15.906 -8.661  1.00 61.34 ? 78  ASP A C   1 
ATOM   431  O O   . ASP A 1 79  ? 1.158   -15.666 -7.446  1.00 54.81 ? 78  ASP A O   1 
ATOM   432  C CB  . ASP A 1 79  ? 0.154   -18.057 -9.454  1.00 63.31 ? 78  ASP A CB  1 
ATOM   433  C CG  . ASP A 1 79  ? -1.150  -18.791 -9.474  1.00 66.20 ? 78  ASP A CG  1 
ATOM   434  O OD1 . ASP A 1 79  ? -2.028  -18.387 -10.262 1.00 67.00 ? 78  ASP A OD1 1 
ATOM   435  O OD2 . ASP A 1 79  ? -1.304  -19.751 -8.696  1.00 67.59 ? 78  ASP A OD2 1 
ATOM   436  N N   . LEU A 1 80  ? 2.208   -15.607 -9.439  1.00 54.78 ? 79  LEU A N   1 
ATOM   437  C CA  . LEU A 1 80  ? 3.365   -14.936 -8.858  1.00 57.27 ? 79  LEU A CA  1 
ATOM   438  C C   . LEU A 1 80  ? 2.963   -13.608 -8.227  1.00 50.63 ? 79  LEU A C   1 
ATOM   439  O O   . LEU A 1 80  ? 3.490   -13.222 -7.180  1.00 49.22 ? 79  LEU A O   1 
ATOM   440  C CB  . LEU A 1 80  ? 4.436   -14.713 -9.919  1.00 56.11 ? 79  LEU A CB  1 
ATOM   441  C CG  . LEU A 1 80  ? 5.751   -14.077 -9.467  1.00 53.14 ? 79  LEU A CG  1 
ATOM   442  C CD1 . LEU A 1 80  ? 6.381   -14.867 -8.339  1.00 47.71 ? 79  LEU A CD1 1 
ATOM   443  C CD2 . LEU A 1 80  ? 6.701   -14.001 -10.647 1.00 54.10 ? 79  LEU A CD2 1 
ATOM   444  N N   . LEU A 1 81  ? 2.039   -12.897 -8.866  1.00 50.29 ? 80  LEU A N   1 
ATOM   445  C CA  . LEU A 1 81  ? 1.550   -11.641 -8.324  1.00 54.84 ? 80  LEU A CA  1 
ATOM   446  C C   . LEU A 1 81  ? 0.892   -11.859 -6.967  1.00 51.84 ? 80  LEU A C   1 
ATOM   447  O O   . LEU A 1 81  ? 1.173   -11.136 -6.007  1.00 52.96 ? 80  LEU A O   1 
ATOM   448  C CB  . LEU A 1 81  ? 0.585   -11.008 -9.317  1.00 56.67 ? 80  LEU A CB  1 
ATOM   449  C CG  . LEU A 1 81  ? 1.250   -10.568 -10.611 1.00 55.82 ? 80  LEU A CG  1 
ATOM   450  C CD1 . LEU A 1 81  ? 0.207   -10.238 -11.669 1.00 63.26 ? 80  LEU A CD1 1 
ATOM   451  C CD2 . LEU A 1 81  ? 2.120   -9.366  -10.346 1.00 57.83 ? 80  LEU A CD2 1 
ATOM   452  N N   . GLU A 1 82  ? 0.046   -12.882 -6.855  1.00 52.52 ? 81  GLU A N   1 
ATOM   453  C CA  . GLU A 1 82  ? -0.608  -13.147 -5.581  1.00 56.01 ? 81  GLU A CA  1 
ATOM   454  C C   . GLU A 1 82  ? 0.406   -13.495 -4.509  1.00 54.97 ? 81  GLU A C   1 
ATOM   455  O O   . GLU A 1 82  ? 0.281   -13.060 -3.351  1.00 52.76 ? 81  GLU A O   1 
ATOM   456  C CB  . GLU A 1 82  ? -1.634  -14.267 -5.736  1.00 60.00 ? 81  GLU A CB  1 
ATOM   457  C CG  . GLU A 1 82  ? -2.830  -13.846 -6.564  1.00 64.70 ? 81  GLU A CG  1 
ATOM   458  C CD  . GLU A 1 82  ? -4.067  -14.650 -6.248  1.00 69.72 ? 81  GLU A CD  1 
ATOM   459  O OE1 . GLU A 1 82  ? -4.121  -15.832 -6.652  1.00 71.01 ? 81  GLU A OE1 1 
ATOM   460  O OE2 . GLU A 1 82  ? -4.984  -14.096 -5.595  1.00 68.38 ? 81  GLU A OE2 1 
ATOM   461  N N   . LEU A 1 83  ? 1.420   -14.272 -4.870  1.00 47.23 ? 82  LEU A N   1 
ATOM   462  C CA  . LEU A 1 83  ? 2.492   -14.564 -3.928  1.00 46.88 ? 82  LEU A CA  1 
ATOM   463  C C   . LEU A 1 83  ? 3.221   -13.291 -3.528  1.00 46.55 ? 82  LEU A C   1 
ATOM   464  O O   . LEU A 1 83  ? 3.584   -13.115 -2.354  1.00 48.10 ? 82  LEU A O   1 
ATOM   465  C CB  . LEU A 1 83  ? 3.477   -15.563 -4.546  1.00 50.09 ? 82  LEU A CB  1 
ATOM   466  C CG  . LEU A 1 83  ? 3.002   -16.988 -4.815  1.00 54.92 ? 82  LEU A CG  1 
ATOM   467  C CD1 . LEU A 1 83  ? 4.042   -17.759 -5.634  1.00 53.16 ? 82  LEU A CD1 1 
ATOM   468  C CD2 . LEU A 1 83  ? 2.745   -17.698 -3.503  1.00 48.49 ? 82  LEU A CD2 1 
ATOM   469  N N   . ALA A 1 84  ? 3.435   -12.392 -4.493  1.00 42.74 ? 83  ALA A N   1 
ATOM   470  C CA  . ALA A 1 84  ? 4.161   -11.155 -4.229  1.00 41.17 ? 83  ALA A CA  1 
ATOM   471  C C   . ALA A 1 84  ? 3.403   -10.277 -3.249  1.00 40.33 ? 83  ALA A C   1 
ATOM   472  O O   . ALA A 1 84  ? 4.002   -9.710  -2.334  1.00 34.63 ? 83  ALA A O   1 
ATOM   473  C CB  . ALA A 1 84  ? 4.382   -10.383 -5.518  1.00 40.85 ? 83  ALA A CB  1 
ATOM   474  N N   . ILE A 1 85  ? 2.094   -10.116 -3.471  1.00 39.97 ? 84  ILE A N   1 
ATOM   475  C CA  . ILE A 1 85  ? 1.274   -9.242  -2.631  1.00 48.25 ? 84  ILE A CA  1 
ATOM   476  C C   . ILE A 1 85  ? 1.419   -9.625  -1.176  1.00 42.65 ? 84  ILE A C   1 
ATOM   477  O O   . ILE A 1 85  ? 1.657   -8.774  -0.309  1.00 43.73 ? 84  ILE A O   1 
ATOM   478  C CB  . ILE A 1 85  ? -0.204  -9.299  -3.051  1.00 48.31 ? 84  ILE A CB  1 
ATOM   479  C CG1 . ILE A 1 85  ? -0.388  -8.618  -4.388  1.00 48.36 ? 84  ILE A CG1 1 
ATOM   480  C CG2 . ILE A 1 85  ? -1.057  -8.585  -1.986  1.00 51.12 ? 84  ILE A CG2 1 
ATOM   481  C CD1 . ILE A 1 85  ? 0.048   -7.181  -4.345  1.00 52.58 ? 84  ILE A CD1 1 
ATOM   482  N N   . ASP A 1 86  ? 1.271   -10.918 -0.889  1.00 42.91 ? 85  ASP A N   1 
ATOM   483  C CA  . ASP A 1 86  ? 1.305   -11.383 0.491   1.00 43.06 ? 85  ASP A CA  1 
ATOM   484  C C   . ASP A 1 86  ? 2.706   -11.310 1.069   1.00 43.04 ? 85  ASP A C   1 
ATOM   485  O O   . ASP A 1 86  ? 2.875   -11.005 2.256   1.00 42.01 ? 85  ASP A O   1 
ATOM   486  C CB  . ASP A 1 86  ? 0.784   -12.812 0.579   1.00 41.28 ? 85  ASP A CB  1 
ATOM   487  C CG  . ASP A 1 86  ? 0.326   -13.162 1.968   1.00 44.16 ? 85  ASP A CG  1 
ATOM   488  O OD1 . ASP A 1 86  ? -0.734  -12.643 2.365   1.00 46.22 ? 85  ASP A OD1 1 
ATOM   489  O OD2 . ASP A 1 86  ? 1.023   -13.921 2.664   1.00 47.64 ? 85  ASP A OD2 1 
ATOM   490  N N   . ALA A 1 87  ? 3.723   -11.617 0.257   1.00 39.14 ? 86  ALA A N   1 
ATOM   491  C CA  . ALA A 1 87  ? 5.079   -11.654 0.779   1.00 39.96 ? 86  ALA A CA  1 
ATOM   492  C C   . ALA A 1 87  ? 5.466   -10.321 1.405   1.00 37.40 ? 86  ALA A C   1 
ATOM   493  O O   . ALA A 1 87  ? 6.202   -10.289 2.396   1.00 39.22 ? 86  ALA A O   1 
ATOM   494  C CB  . ALA A 1 87  ? 6.074   -12.035 -0.323  1.00 38.36 ? 86  ALA A CB  1 
ATOM   495  N N   . VAL A 1 88  ? 4.981   -9.207  0.842   1.00 38.21 ? 87  VAL A N   1 
ATOM   496  C CA  . VAL A 1 88  ? 5.399   -7.891  1.331   1.00 40.54 ? 87  VAL A CA  1 
ATOM   497  C C   . VAL A 1 88  ? 4.456   -7.317  2.369   1.00 38.36 ? 87  VAL A C   1 
ATOM   498  O O   . VAL A 1 88  ? 4.748   -6.245  2.917   1.00 37.29 ? 87  VAL A O   1 
ATOM   499  C CB  . VAL A 1 88  ? 5.556   -6.860  0.195   1.00 33.30 ? 87  VAL A CB  1 
ATOM   500  C CG1 . VAL A 1 88  ? 6.727   -7.265  -0.742  1.00 40.62 ? 87  VAL A CG1 1 
ATOM   501  C CG2 . VAL A 1 88  ? 4.284   -6.721  -0.555  1.00 40.08 ? 87  VAL A CG2 1 
ATOM   502  N N   . PHE A 1 89  ? 3.347   -7.981  2.656   1.00 37.34 ? 88  PHE A N   1 
ATOM   503  C CA  . PHE A 1 89  ? 2.453   -7.487  3.695   1.00 40.28 ? 88  PHE A CA  1 
ATOM   504  C C   . PHE A 1 89  ? 3.239   -7.295  4.989   1.00 39.08 ? 88  PHE A C   1 
ATOM   505  O O   . PHE A 1 89  ? 4.116   -8.110  5.298   1.00 37.84 ? 88  PHE A O   1 
ATOM   506  C CB  . PHE A 1 89  ? 1.303   -8.471  3.908   1.00 38.44 ? 88  PHE A CB  1 
ATOM   507  C CG  . PHE A 1 89  ? -0.050  -7.843  3.824   1.00 41.65 ? 88  PHE A CG  1 
ATOM   508  C CD1 . PHE A 1 89  ? -0.609  -7.528  2.594   1.00 44.94 ? 88  PHE A CD1 1 
ATOM   509  C CD2 . PHE A 1 89  ? -0.770  -7.554  4.976   1.00 44.52 ? 88  PHE A CD2 1 
ATOM   510  C CE1 . PHE A 1 89  ? -1.868  -6.951  2.513   1.00 44.24 ? 88  PHE A CE1 1 
ATOM   511  C CE2 . PHE A 1 89  ? -2.035  -6.958  4.902   1.00 44.83 ? 88  PHE A CE2 1 
ATOM   512  C CZ  . PHE A 1 89  ? -2.579  -6.666  3.666   1.00 46.48 ? 88  PHE A CZ  1 
ATOM   513  N N   . PRO A 1 90  ? 2.971   -6.236  5.759   1.00 42.63 ? 89  PRO A N   1 
ATOM   514  C CA  . PRO A 1 90  ? 3.681   -6.057  7.040   1.00 39.74 ? 89  PRO A CA  1 
ATOM   515  C C   . PRO A 1 90  ? 3.331   -7.150  8.045   1.00 38.02 ? 89  PRO A C   1 
ATOM   516  O O   . PRO A 1 90  ? 2.357   -7.903  7.904   1.00 37.26 ? 89  PRO A O   1 
ATOM   517  C CB  . PRO A 1 90  ? 3.211   -4.684  7.516   1.00 38.94 ? 89  PRO A CB  1 
ATOM   518  C CG  . PRO A 1 90  ? 1.855   -4.532  6.892   1.00 42.08 ? 89  PRO A CG  1 
ATOM   519  C CD  . PRO A 1 90  ? 1.976   -5.171  5.530   1.00 39.57 ? 89  PRO A CD  1 
ATOM   520  N N   . ASP A 1 91  ? 4.159   -7.234  9.088   1.00 39.84 ? 90  ASP A N   1 
ATOM   521  C CA  . ASP A 1 91  ? 3.891   -8.149  10.189  1.00 43.84 ? 90  ASP A CA  1 
ATOM   522  C C   . ASP A 1 91  ? 2.630   -7.717  10.926  1.00 40.53 ? 90  ASP A C   1 
ATOM   523  O O   . ASP A 1 91  ? 2.248   -6.550  10.861  1.00 43.15 ? 90  ASP A O   1 
ATOM   524  C CB  . ASP A 1 91  ? 5.069   -8.165  11.153  1.00 48.41 ? 90  ASP A CB  1 
ATOM   525  C CG  . ASP A 1 91  ? 6.289   -8.839  10.563  1.00 53.04 ? 90  ASP A CG  1 
ATOM   526  O OD1 . ASP A 1 91  ? 6.167   -10.008 10.113  1.00 53.39 ? 90  ASP A OD1 1 
ATOM   527  O OD2 . ASP A 1 91  ? 7.358   -8.188  10.538  1.00 57.09 ? 90  ASP A OD2 1 
ATOM   528  N N   . PRO A 1 92  ? 1.941   -8.648  11.589  1.00 39.06 ? 91  PRO A N   1 
ATOM   529  C CA  . PRO A 1 92  ? 0.765   -8.272  12.412  1.00 43.40 ? 91  PRO A CA  1 
ATOM   530  C C   . PRO A 1 92  ? 1.119   -7.186  13.413  1.00 46.78 ? 91  PRO A C   1 
ATOM   531  O O   . PRO A 1 92  ? 2.154   -7.262  14.095  1.00 47.71 ? 91  PRO A O   1 
ATOM   532  C CB  . PRO A 1 92  ? 0.391   -9.578  13.126  1.00 43.04 ? 91  PRO A CB  1 
ATOM   533  C CG  . PRO A 1 92  ? 0.963   -10.672 12.242  1.00 41.10 ? 91  PRO A CG  1 
ATOM   534  C CD  . PRO A 1 92  ? 2.151   -10.104 11.529  1.00 37.72 ? 91  PRO A CD  1 
ATOM   535  N N   . PRO A 1 93  ? 0.293   -6.150  13.517  1.00 51.26 ? 92  PRO A N   1 
ATOM   536  C CA  . PRO A 1 93  ? 0.588   -5.046  14.444  1.00 50.99 ? 92  PRO A CA  1 
ATOM   537  C C   . PRO A 1 93  ? 0.790   -5.560  15.863  1.00 52.56 ? 92  PRO A C   1 
ATOM   538  O O   . PRO A 1 93  ? 0.090   -6.462  16.323  1.00 49.22 ? 92  PRO A O   1 
ATOM   539  C CB  . PRO A 1 93  ? -0.652  -4.160  14.342  1.00 50.85 ? 92  PRO A CB  1 
ATOM   540  C CG  . PRO A 1 93  ? -1.280  -4.517  13.003  1.00 49.72 ? 92  PRO A CG  1 
ATOM   541  C CD  . PRO A 1 93  ? -0.975  -5.965  12.790  1.00 50.35 ? 92  PRO A CD  1 
ATOM   542  N N   . SER A 1 94  ? 1.797   -5.017  16.536  1.00 53.59 ? 93  SER A N   1 
ATOM   543  C CA  . SER A 1 94  ? 2.019   -5.374  17.928  1.00 61.61 ? 93  SER A CA  1 
ATOM   544  C C   . SER A 1 94  ? 0.873   -4.846  18.781  1.00 65.26 ? 93  SER A C   1 
ATOM   545  O O   . SER A 1 94  ? 0.307   -3.778  18.513  1.00 63.19 ? 93  SER A O   1 
ATOM   546  C CB  . SER A 1 94  ? 3.360   -4.827  18.439  1.00 61.21 ? 93  SER A CB  1 
ATOM   547  O OG  . SER A 1 94  ? 3.403   -3.409  18.407  1.00 65.64 ? 93  SER A OG  1 
ATOM   548  N N   . ARG A 1 95  ? 0.519   -5.617  19.795  1.00 67.25 ? 94  ARG A N   1 
ATOM   549  C CA  . ARG A 1 95  ? -0.574  -5.281  20.695  1.00 68.95 ? 94  ARG A CA  1 
ATOM   550  C C   . ARG A 1 95  ? 0.059   -4.939  22.043  1.00 72.09 ? 94  ARG A C   1 
ATOM   551  O O   . ARG A 1 95  ? 0.374   -5.832  22.832  1.00 73.61 ? 94  ARG A O   1 
ATOM   552  C CB  . ARG A 1 95  ? -1.559  -6.438  20.784  1.00 64.79 ? 94  ARG A CB  1 
ATOM   553  C CG  . ARG A 1 95  ? -2.870  -6.039  21.401  1.00 70.63 ? 94  ARG A CG  1 
ATOM   554  C CD  . ARG A 1 95  ? -3.713  -7.249  21.713  1.00 70.52 ? 94  ARG A CD  1 
ATOM   555  N NE  . ARG A 1 95  ? -3.746  -7.491  23.148  1.00 78.17 ? 94  ARG A NE  1 
ATOM   556  C CZ  . ARG A 1 95  ? -3.154  -8.515  23.755  1.00 82.68 ? 94  ARG A CZ  1 
ATOM   557  N NH1 . ARG A 1 95  ? -2.481  -9.419  23.046  1.00 83.66 ? 94  ARG A NH1 1 
ATOM   558  N NH2 . ARG A 1 95  ? -3.246  -8.638  25.078  1.00 76.51 ? 94  ARG A NH2 1 
ATOM   559  N N   . SER A 1 96  ? 0.262   -3.644  22.285  1.00 72.89 ? 95  SER A N   1 
ATOM   560  C CA  . SER A 1 96  ? 1.008   -3.196  23.453  1.00 71.58 ? 95  SER A CA  1 
ATOM   561  C C   . SER A 1 96  ? 0.272   -3.564  24.734  1.00 75.67 ? 95  SER A C   1 
ATOM   562  O O   . SER A 1 96  ? -0.965  -3.585  24.779  1.00 73.77 ? 95  SER A O   1 
ATOM   563  C CB  . SER A 1 96  ? 1.239   -1.685  23.395  1.00 71.84 ? 95  SER A CB  1 
ATOM   564  O OG  . SER A 1 96  ? 0.018   -0.978  23.567  1.00 67.52 ? 95  SER A OG  1 
ATOM   565  N N   . GLY A 1 97  ? 1.043   -3.873  25.780  1.00 73.79 ? 96  GLY A N   1 
ATOM   566  C CA  . GLY A 1 97  ? 0.438   -4.290  27.033  1.00 71.44 ? 96  GLY A CA  1 
ATOM   567  C C   . GLY A 1 97  ? -0.404  -3.201  27.665  1.00 74.93 ? 96  GLY A C   1 
ATOM   568  O O   . GLY A 1 97  ? -1.428  -3.489  28.291  1.00 71.33 ? 96  GLY A O   1 
ATOM   569  N N   . THR A 1 98  ? -0.016  -1.938  27.461  1.00 74.39 ? 97  THR A N   1 
ATOM   570  C CA  . THR A 1 98  ? -0.654  -0.780  28.073  1.00 73.37 ? 97  THR A CA  1 
ATOM   571  C C   . THR A 1 98  ? -2.132  -0.670  27.705  1.00 73.21 ? 97  THR A C   1 
ATOM   572  O O   . THR A 1 98  ? -2.833  0.204   28.228  1.00 68.56 ? 97  THR A O   1 
ATOM   573  C CB  . THR A 1 98  ? 0.098   0.501   27.679  1.00 76.18 ? 97  THR A CB  1 
ATOM   574  O OG1 . THR A 1 98  ? -0.476  1.629   28.355  1.00 81.73 ? 97  THR A OG1 1 
ATOM   575  C CG2 . THR A 1 98  ? 0.042   0.733   26.175  1.00 70.67 ? 97  THR A CG2 1 
ATOM   576  N N   . GLY A 1 99  ? -2.613  -1.541  26.810  1.00 71.39 ? 98  GLY A N   1 
ATOM   577  C CA  . GLY A 1 99  ? -4.026  -1.607  26.476  1.00 64.69 ? 98  GLY A CA  1 
ATOM   578  C C   . GLY A 1 99  ? -4.460  -0.437  25.631  1.00 62.97 ? 98  GLY A C   1 
ATOM   579  O O   . GLY A 1 99  ? -5.654  -0.237  25.364  1.00 62.52 ? 98  GLY A O   1 
ATOM   580  N N   . ASP A 1 100 ? -3.475  0.354   25.217  1.00 54.19 ? 99  ASP A N   1 
ATOM   581  C CA  . ASP A 1 100 ? -3.730  1.500   24.372  1.00 58.12 ? 99  ASP A CA  1 
ATOM   582  C C   . ASP A 1 100 ? -3.909  0.987   22.940  1.00 63.46 ? 99  ASP A C   1 
ATOM   583  O O   . ASP A 1 100 ? -3.065  1.168   22.062  1.00 55.22 ? 99  ASP A O   1 
ATOM   584  C CB  . ASP A 1 100 ? -2.599  2.503   24.496  1.00 60.75 ? 99  ASP A CB  1 
ATOM   585  C CG  . ASP A 1 100 ? -2.981  3.853   23.968  1.00 67.61 ? 99  ASP A CG  1 
ATOM   586  O OD1 . ASP A 1 100 ? -4.123  3.966   23.462  1.00 68.62 ? 99  ASP A OD1 1 
ATOM   587  O OD2 . ASP A 1 100 ? -2.154  4.793   24.056  1.00 69.31 ? 99  ASP A OD2 1 
ATOM   588  N N   . TRP A 1 101 ? -5.034  0.293   22.737  1.00 63.92 ? 100 TRP A N   1 
ATOM   589  C CA  . TRP A 1 101 ? -5.384  -0.201  21.412  1.00 61.99 ? 100 TRP A CA  1 
ATOM   590  C C   . TRP A 1 101 ? -5.433  0.928   20.399  1.00 61.09 ? 100 TRP A C   1 
ATOM   591  O O   . TRP A 1 101 ? -5.181  0.709   19.212  1.00 61.57 ? 100 TRP A O   1 
ATOM   592  C CB  . TRP A 1 101 ? -6.724  -0.931  21.464  1.00 62.18 ? 100 TRP A CB  1 
ATOM   593  C CG  . TRP A 1 101 ? -7.848  -0.080  21.948  1.00 65.82 ? 100 TRP A CG  1 
ATOM   594  C CD1 . TRP A 1 101 ? -8.280  0.049   23.233  1.00 65.40 ? 100 TRP A CD1 1 
ATOM   595  C CD2 . TRP A 1 101 ? -8.691  0.766   21.152  1.00 65.24 ? 100 TRP A CD2 1 
ATOM   596  N NE1 . TRP A 1 101 ? -9.344  0.915   23.289  1.00 66.82 ? 100 TRP A NE1 1 
ATOM   597  C CE2 . TRP A 1 101 ? -9.615  1.371   22.026  1.00 64.74 ? 100 TRP A CE2 1 
ATOM   598  C CE3 . TRP A 1 101 ? -8.752  1.070   19.781  1.00 65.46 ? 100 TRP A CE3 1 
ATOM   599  C CZ2 . TRP A 1 101 ? -10.594 2.262   21.582  1.00 65.32 ? 100 TRP A CZ2 1 
ATOM   600  C CZ3 . TRP A 1 101 ? -9.726  1.957   19.337  1.00 65.11 ? 100 TRP A CZ3 1 
ATOM   601  C CH2 . TRP A 1 101 ? -10.634 2.545   20.239  1.00 67.98 ? 100 TRP A CH2 1 
ATOM   602  N N   . ARG A 1 102 ? -5.741  2.142   20.846  1.00 58.86 ? 101 ARG A N   1 
ATOM   603  C CA  . ARG A 1 102 ? -5.661  3.303   19.970  1.00 56.99 ? 101 ARG A CA  1 
ATOM   604  C C   . ARG A 1 102 ? -4.262  3.441   19.372  1.00 59.53 ? 101 ARG A C   1 
ATOM   605  O O   . ARG A 1 102 ? -4.093  3.539   18.150  1.00 55.52 ? 101 ARG A O   1 
ATOM   606  C CB  . ARG A 1 102 ? -6.064  4.546   20.764  1.00 69.51 ? 101 ARG A CB  1 
ATOM   607  C CG  . ARG A 1 102 ? -6.324  5.816   19.973  1.00 70.89 ? 101 ARG A CG  1 
ATOM   608  C CD  . ARG A 1 102 ? -7.106  6.865   20.804  1.00 74.54 ? 101 ARG A CD  1 
ATOM   609  N NE  . ARG A 1 102 ? -8.512  6.509   21.033  1.00 78.51 ? 101 ARG A NE  1 
ATOM   610  C CZ  . ARG A 1 102 ? -8.971  5.857   22.105  1.00 75.42 ? 101 ARG A CZ  1 
ATOM   611  N NH1 . ARG A 1 102 ? -8.143  5.473   23.066  1.00 74.24 ? 101 ARG A NH1 1 
ATOM   612  N NH2 . ARG A 1 102 ? -10.264 5.586   22.214  1.00 74.82 ? 101 ARG A NH2 1 
ATOM   613  N N   . ASP A 1 103 ? -3.235  3.431   20.223  1.00 61.49 ? 102 ASP A N   1 
ATOM   614  C CA  . ASP A 1 103 ? -1.873  3.479   19.704  1.00 58.69 ? 102 ASP A CA  1 
ATOM   615  C C   . ASP A 1 103 ? -1.565  2.243   18.880  1.00 55.84 ? 102 ASP A C   1 
ATOM   616  O O   . ASP A 1 103 ? -0.810  2.325   17.908  1.00 59.49 ? 102 ASP A O   1 
ATOM   617  C CB  . ASP A 1 103 ? -0.865  3.626   20.848  1.00 61.34 ? 102 ASP A CB  1 
ATOM   618  N N   . ASP A 1 104 ? -2.146  1.096   19.245  1.00 55.02 ? 103 ASP A N   1 
ATOM   619  C CA  . ASP A 1 104 ? -1.895  -0.141  18.514  1.00 54.03 ? 103 ASP A CA  1 
ATOM   620  C C   . ASP A 1 104 ? -2.487  -0.084  17.108  1.00 58.84 ? 103 ASP A C   1 
ATOM   621  O O   . ASP A 1 104 ? -1.807  -0.400  16.124  1.00 55.01 ? 103 ASP A O   1 
ATOM   622  C CB  . ASP A 1 104 ? -2.475  -1.325  19.282  1.00 59.10 ? 103 ASP A CB  1 
ATOM   623  C CG  . ASP A 1 104 ? -1.648  -1.696  20.499  1.00 62.34 ? 103 ASP A CG  1 
ATOM   624  O OD1 . ASP A 1 104 ? -0.471  -1.288  20.565  1.00 61.01 ? 103 ASP A OD1 1 
ATOM   625  O OD2 . ASP A 1 104 ? -2.173  -2.412  21.378  1.00 61.49 ? 103 ASP A OD2 1 
ATOM   626  N N   . ILE A 1 105 ? -3.763  0.294   17.001  1.00 51.75 ? 104 ILE A N   1 
ATOM   627  C CA  . ILE A 1 105 ? -4.395  0.447   15.694  1.00 54.95 ? 104 ILE A CA  1 
ATOM   628  C C   . ILE A 1 105 ? -3.630  1.452   14.841  1.00 53.18 ? 104 ILE A C   1 
ATOM   629  O O   . ILE A 1 105 ? -3.360  1.205   13.656  1.00 51.80 ? 104 ILE A O   1 
ATOM   630  C CB  . ILE A 1 105 ? -5.867  0.854   15.867  1.00 50.98 ? 104 ILE A CB  1 
ATOM   631  C CG1 . ILE A 1 105 ? -6.687  -0.327  16.390  1.00 53.44 ? 104 ILE A CG1 1 
ATOM   632  C CG2 . ILE A 1 105 ? -6.430  1.365   14.561  1.00 55.20 ? 104 ILE A CG2 1 
ATOM   633  C CD1 . ILE A 1 105 ? -6.666  -1.570  15.493  1.00 46.62 ? 104 ILE A CD1 1 
ATOM   634  N N   . LYS A 1 106 ? -3.254  2.588   15.432  1.00 50.01 ? 105 LYS A N   1 
ATOM   635  C CA  . LYS A 1 106 ? -2.471  3.590   14.715  1.00 54.95 ? 105 LYS A CA  1 
ATOM   636  C C   . LYS A 1 106 ? -1.202  2.998   14.131  1.00 56.11 ? 105 LYS A C   1 
ATOM   637  O O   . LYS A 1 106 ? -0.795  3.352   13.014  1.00 53.66 ? 105 LYS A O   1 
ATOM   638  C CB  . LYS A 1 106 ? -2.100  4.742   15.647  1.00 54.57 ? 105 LYS A CB  1 
ATOM   639  C CG  . LYS A 1 106 ? -3.004  5.951   15.538  1.00 60.94 ? 105 LYS A CG  1 
ATOM   640  C CD  . LYS A 1 106 ? -2.688  6.949   16.638  1.00 60.05 ? 105 LYS A CD  1 
ATOM   641  C CE  . LYS A 1 106 ? -3.955  7.347   17.341  1.00 66.18 ? 105 LYS A CE  1 
ATOM   642  N NZ  . LYS A 1 106 ? -4.834  8.105   16.410  1.00 69.31 ? 105 LYS A NZ  1 
ATOM   643  N N   . ALA A 1 107 ? -0.537  2.124   14.893  1.00 53.04 ? 106 ALA A N   1 
ATOM   644  C CA  . ALA A 1 107 ? 0.736   1.583   14.439  1.00 52.16 ? 106 ALA A CA  1 
ATOM   645  C C   . ALA A 1 107 ? 0.536   0.675   13.244  1.00 51.90 ? 106 ALA A C   1 
ATOM   646  O O   . ALA A 1 107 ? 1.235   0.809   12.237  1.00 53.65 ? 106 ALA A O   1 
ATOM   647  C CB  . ALA A 1 107 ? 1.424   0.825   15.567  1.00 55.19 ? 106 ALA A CB  1 
ATOM   648  N N   . GLY A 1 108 ? -0.418  -0.257  13.340  1.00 51.19 ? 107 GLY A N   1 
ATOM   649  C CA  . GLY A 1 108 ? -0.616  -1.218  12.271  1.00 51.81 ? 107 GLY A CA  1 
ATOM   650  C C   . GLY A 1 108 ? -1.062  -0.572  10.976  1.00 49.89 ? 107 GLY A C   1 
ATOM   651  O O   . GLY A 1 108 ? -0.655  -0.995  9.891   1.00 52.77 ? 107 GLY A O   1 
ATOM   652  N N   . ALA A 1 109 ? -1.905  0.464   11.069  1.00 49.65 ? 108 ALA A N   1 
ATOM   653  C CA  . ALA A 1 109 ? -2.261  1.245   9.890   1.00 48.60 ? 108 ALA A CA  1 
ATOM   654  C C   . ALA A 1 109 ? -1.030  1.919   9.300   1.00 50.99 ? 108 ALA A C   1 
ATOM   655  O O   . ALA A 1 109 ? -0.804  1.885   8.081   1.00 47.75 ? 108 ALA A O   1 
ATOM   656  C CB  . ALA A 1 109 ? -3.319  2.287   10.248  1.00 50.82 ? 108 ALA A CB  1 
ATOM   657  N N   . THR A 1 110 ? -0.213  2.531   10.158  1.00 45.93 ? 109 THR A N   1 
ATOM   658  C CA  . THR A 1 110 ? 1.015   3.151   9.670   1.00 46.77 ? 109 THR A CA  1 
ATOM   659  C C   . THR A 1 110 ? 1.946   2.123   9.022   1.00 47.88 ? 109 THR A C   1 
ATOM   660  O O   . THR A 1 110 ? 2.531   2.389   7.967   1.00 48.23 ? 109 THR A O   1 
ATOM   661  C CB  . THR A 1 110 ? 1.695   3.877   10.815  1.00 48.03 ? 109 THR A CB  1 
ATOM   662  O OG1 . THR A 1 110 ? 0.697   4.676   11.469  1.00 56.11 ? 109 THR A OG1 1 
ATOM   663  C CG2 . THR A 1 110 ? 2.785   4.777   10.313  1.00 49.75 ? 109 THR A CG2 1 
ATOM   664  N N   . ASP A 1 111 ? 2.089   0.942   9.632   1.00 46.71 ? 110 ASP A N   1 
ATOM   665  C CA  . ASP A 1 111 ? 2.928   -0.097  9.047   1.00 50.08 ? 110 ASP A CA  1 
ATOM   666  C C   . ASP A 1 111 ? 2.450   -0.436  7.645   1.00 46.29 ? 110 ASP A C   1 
ATOM   667  O O   . ASP A 1 111 ? 3.240   -0.473  6.701   1.00 50.89 ? 110 ASP A O   1 
ATOM   668  C CB  . ASP A 1 111 ? 2.924   -1.362  9.910   1.00 49.59 ? 110 ASP A CB  1 
ATOM   669  C CG  . ASP A 1 111 ? 3.778   -1.237  11.160  1.00 51.95 ? 110 ASP A CG  1 
ATOM   670  O OD1 . ASP A 1 111 ? 4.608   -0.303  11.242  1.00 54.59 ? 110 ASP A OD1 1 
ATOM   671  O OD2 . ASP A 1 111 ? 3.608   -2.092  12.063  1.00 54.58 ? 110 ASP A OD2 1 
ATOM   672  N N   . LEU A 1 112 ? 1.149   -0.690  7.501   1.00 42.94 ? 111 LEU A N   1 
ATOM   673  C CA  . LEU A 1 112 ? 0.591   -1.026  6.203   1.00 41.17 ? 111 LEU A CA  1 
ATOM   674  C C   . LEU A 1 112 ? 0.776   0.117   5.208   1.00 43.16 ? 111 LEU A C   1 
ATOM   675  O O   . LEU A 1 112 ? 1.173   -0.103  4.054   1.00 43.56 ? 111 LEU A O   1 
ATOM   676  C CB  . LEU A 1 112 ? -0.880  -1.386  6.370   1.00 39.87 ? 111 LEU A CB  1 
ATOM   677  C CG  . LEU A 1 112 ? -1.686  -1.629  5.103   1.00 41.39 ? 111 LEU A CG  1 
ATOM   678  C CD1 . LEU A 1 112 ? -1.215  -2.894  4.428   1.00 38.48 ? 111 LEU A CD1 1 
ATOM   679  C CD2 . LEU A 1 112 ? -3.190  -1.708  5.453   1.00 40.15 ? 111 LEU A CD2 1 
ATOM   680  N N   . PHE A 1 113 ? 0.512   1.353   5.651   1.00 42.52 ? 112 PHE A N   1 
ATOM   681  C CA  . PHE A 1 113 ? 0.659   2.517   4.791   1.00 38.34 ? 112 PHE A CA  1 
ATOM   682  C C   . PHE A 1 113 ? 2.058   2.608   4.197   1.00 46.23 ? 112 PHE A C   1 
ATOM   683  O O   . PHE A 1 113 ? 2.217   2.819   2.990   1.00 46.46 ? 112 PHE A O   1 
ATOM   684  C CB  . PHE A 1 113 ? 0.334   3.796   5.566   1.00 48.43 ? 112 PHE A CB  1 
ATOM   685  C CG  . PHE A 1 113 ? 0.485   5.026   4.740   1.00 53.90 ? 112 PHE A CG  1 
ATOM   686  C CD1 . PHE A 1 113 ? -0.436  5.316   3.738   1.00 52.18 ? 112 PHE A CD1 1 
ATOM   687  C CD2 . PHE A 1 113 ? 1.563   5.877   4.923   1.00 54.44 ? 112 PHE A CD2 1 
ATOM   688  C CE1 . PHE A 1 113 ? -0.292  6.435   2.951   1.00 52.15 ? 112 PHE A CE1 1 
ATOM   689  C CE2 . PHE A 1 113 ? 1.706   7.012   4.134   1.00 54.73 ? 112 PHE A CE2 1 
ATOM   690  C CZ  . PHE A 1 113 ? 0.781   7.281   3.145   1.00 54.96 ? 112 PHE A CZ  1 
ATOM   691  N N   . GLU A 1 114 ? 3.093   2.440   5.030   1.00 43.18 ? 113 GLU A N   1 
ATOM   692  C CA  . GLU A 1 114 ? 4.456   2.532   4.507   1.00 48.88 ? 113 GLU A CA  1 
ATOM   693  C C   . GLU A 1 114 ? 4.778   1.373   3.562   1.00 45.90 ? 113 GLU A C   1 
ATOM   694  O O   . GLU A 1 114 ? 5.515   1.559   2.590   1.00 46.45 ? 113 GLU A O   1 
ATOM   695  C CB  . GLU A 1 114 ? 5.468   2.596   5.649   1.00 47.47 ? 113 GLU A CB  1 
ATOM   696  C CG  . GLU A 1 114 ? 6.043   4.005   5.872   1.00 60.79 ? 113 GLU A CG  1 
ATOM   697  C CD  . GLU A 1 114 ? 6.466   4.251   7.319   1.00 69.88 ? 113 GLU A CD  1 
ATOM   698  O OE1 . GLU A 1 114 ? 7.133   3.370   7.915   1.00 72.86 ? 113 GLU A OE1 1 
ATOM   699  O OE2 . GLU A 1 114 ? 6.119   5.327   7.860   1.00 71.57 ? 113 GLU A OE2 1 
ATOM   700  N N   . VAL A 1 115 ? 4.236   0.178   3.817   1.00 42.63 ? 114 VAL A N   1 
ATOM   701  C CA  . VAL A 1 115 ? 4.425   -0.921  2.866   1.00 42.42 ? 114 VAL A CA  1 
ATOM   702  C C   . VAL A 1 115 ? 3.808   -0.565  1.514   1.00 47.12 ? 114 VAL A C   1 
ATOM   703  O O   . VAL A 1 115 ? 4.427   -0.763  0.454   1.00 43.11 ? 114 VAL A O   1 
ATOM   704  C CB  . VAL A 1 115 ? 3.854   -2.239  3.421   1.00 43.23 ? 114 VAL A CB  1 
ATOM   705  C CG1 . VAL A 1 115 ? 3.659   -3.262  2.293   1.00 43.91 ? 114 VAL A CG1 1 
ATOM   706  C CG2 . VAL A 1 115 ? 4.805   -2.831  4.472   1.00 41.24 ? 114 VAL A CG2 1 
ATOM   707  N N   . LEU A 1 116 ? 2.585   -0.028  1.529   1.00 43.29 ? 115 LEU A N   1 
ATOM   708  C CA  . LEU A 1 116 ? 1.900   0.316   0.282   1.00 42.50 ? 115 LEU A CA  1 
ATOM   709  C C   . LEU A 1 116 ? 2.624   1.420   -0.478  1.00 46.69 ? 115 LEU A C   1 
ATOM   710  O O   . LEU A 1 116 ? 2.641   1.423   -1.713  1.00 44.81 ? 115 LEU A O   1 
ATOM   711  C CB  . LEU A 1 116 ? 0.465   0.751   0.560   1.00 37.93 ? 115 LEU A CB  1 
ATOM   712  C CG  . LEU A 1 116 ? -0.427  -0.301  1.199   1.00 43.31 ? 115 LEU A CG  1 
ATOM   713  C CD1 . LEU A 1 116 ? -1.809  0.312   1.457   1.00 36.14 ? 115 LEU A CD1 1 
ATOM   714  C CD2 . LEU A 1 116 ? -0.530  -1.493  0.251   1.00 45.40 ? 115 LEU A CD2 1 
ATOM   715  N N   . LEU A 1 117 ? 3.207   2.381   0.241   1.00 45.81 ? 116 LEU A N   1 
ATOM   716  C CA  . LEU A 1 117 ? 4.016   3.405   -0.416  1.00 44.09 ? 116 LEU A CA  1 
ATOM   717  C C   . LEU A 1 117 ? 5.321   2.830   -0.950  1.00 49.06 ? 116 LEU A C   1 
ATOM   718  O O   . LEU A 1 117 ? 5.761   3.193   -2.047  1.00 52.77 ? 116 LEU A O   1 
ATOM   719  C CB  . LEU A 1 117 ? 4.300   4.553   0.553   1.00 46.19 ? 116 LEU A CB  1 
ATOM   720  C CG  . LEU A 1 117 ? 3.364   5.741   0.384   1.00 50.44 ? 116 LEU A CG  1 
ATOM   721  C CD1 . LEU A 1 117 ? 3.843   6.896   1.247   1.00 56.27 ? 116 LEU A CD1 1 
ATOM   722  C CD2 . LEU A 1 117 ? 3.273   6.134   -1.097  1.00 51.20 ? 116 LEU A CD2 1 
ATOM   723  N N   . ARG A 1 118 ? 5.963   1.942   -0.186  1.00 46.89 ? 117 ARG A N   1 
ATOM   724  C CA  . ARG A 1 118 ? 7.203   1.308   -0.646  1.00 46.95 ? 117 ARG A CA  1 
ATOM   725  C C   . ARG A 1 118 ? 6.973   0.431   -1.874  1.00 49.39 ? 117 ARG A C   1 
ATOM   726  O O   . ARG A 1 118 ? 7.793   0.417   -2.802  1.00 53.19 ? 117 ARG A O   1 
ATOM   727  C CB  . ARG A 1 118 ? 7.822   0.478   0.481   1.00 51.72 ? 117 ARG A CB  1 
ATOM   728  C CG  . ARG A 1 118 ? 9.075   -0.279  0.085   1.00 52.79 ? 117 ARG A CG  1 
ATOM   729  C CD  . ARG A 1 118 ? 10.035  -0.384  1.255   1.00 56.45 ? 117 ARG A CD  1 
ATOM   730  N NE  . ARG A 1 118 ? 9.426   -0.973  2.445   1.00 63.82 ? 117 ARG A NE  1 
ATOM   731  C CZ  . ARG A 1 118 ? 9.096   -0.290  3.543   1.00 62.77 ? 117 ARG A CZ  1 
ATOM   732  N NH1 . ARG A 1 118 ? 9.315   1.025   3.614   1.00 59.55 ? 117 ARG A NH1 1 
ATOM   733  N NH2 . ARG A 1 118 ? 8.551   -0.926  4.573   1.00 57.22 ? 117 ARG A NH2 1 
ATOM   734  N N   . HIS A 1 119 ? 5.869   -0.301  -1.901  1.00 43.38 ? 118 HIS A N   1 
ATOM   735  C CA  . HIS A 1 119 ? 5.594   -1.217  -2.991  1.00 45.62 ? 118 HIS A CA  1 
ATOM   736  C C   . HIS A 1 119 ? 4.311   -0.801  -3.700  1.00 50.76 ? 118 HIS A C   1 
ATOM   737  O O   . HIS A 1 119 ? 3.315   -1.533  -3.675  1.00 42.23 ? 118 HIS A O   1 
ATOM   738  C CB  . HIS A 1 119 ? 5.491   -2.648  -2.461  1.00 44.59 ? 118 HIS A CB  1 
ATOM   739  C CG  . HIS A 1 119 ? 6.676   -3.084  -1.653  1.00 46.43 ? 118 HIS A CG  1 
ATOM   740  N ND1 . HIS A 1 119 ? 7.909   -3.338  -2.217  1.00 49.46 ? 118 HIS A ND1 1 
ATOM   741  C CD2 . HIS A 1 119 ? 6.815   -3.319  -0.327  1.00 40.78 ? 118 HIS A CD2 1 
ATOM   742  C CE1 . HIS A 1 119 ? 8.751   -3.727  -1.273  1.00 50.89 ? 118 HIS A CE1 1 
ATOM   743  N NE2 . HIS A 1 119 ? 8.113   -3.715  -0.116  1.00 42.74 ? 118 HIS A NE2 1 
ATOM   744  N N   . SER A 1 120 ? 4.322   0.384   -4.327  1.00 51.86 ? 119 SER A N   1 
ATOM   745  C CA  . SER A 1 120 ? 3.068   0.986   -4.782  1.00 52.02 ? 119 SER A CA  1 
ATOM   746  C C   . SER A 1 120 ? 2.357   0.111   -5.796  1.00 53.93 ? 119 SER A C   1 
ATOM   747  O O   . SER A 1 120 ? 1.154   0.285   -6.013  1.00 55.79 ? 119 SER A O   1 
ATOM   748  C CB  . SER A 1 120 ? 3.315   2.383   -5.364  1.00 55.45 ? 119 SER A CB  1 
ATOM   749  O OG  . SER A 1 120 ? 4.141   2.331   -6.520  1.00 50.93 ? 119 SER A OG  1 
ATOM   750  N N   . TRP A 1 121 ? 3.065   -0.852  -6.391  1.00 49.51 ? 120 TRP A N   1 
ATOM   751  C CA  . TRP A 1 121 ? 2.439   -1.764  -7.330  1.00 49.25 ? 120 TRP A CA  1 
ATOM   752  C C   . TRP A 1 121 ? 1.403   -2.665  -6.668  1.00 52.25 ? 120 TRP A C   1 
ATOM   753  O O   . TRP A 1 121 ? 0.593   -3.278  -7.378  1.00 53.78 ? 120 TRP A O   1 
ATOM   754  C CB  . TRP A 1 121 ? 3.525   -2.611  -8.018  1.00 54.52 ? 120 TRP A CB  1 
ATOM   755  C CG  . TRP A 1 121 ? 4.482   -3.265  -7.048  1.00 47.90 ? 120 TRP A CG  1 
ATOM   756  C CD1 . TRP A 1 121 ? 5.746   -2.837  -6.703  1.00 46.97 ? 120 TRP A CD1 1 
ATOM   757  C CD2 . TRP A 1 121 ? 4.244   -4.452  -6.296  1.00 46.81 ? 120 TRP A CD2 1 
ATOM   758  N NE1 . TRP A 1 121 ? 6.296   -3.688  -5.776  1.00 47.78 ? 120 TRP A NE1 1 
ATOM   759  C CE2 . TRP A 1 121 ? 5.396   -4.690  -5.512  1.00 43.92 ? 120 TRP A CE2 1 
ATOM   760  C CE3 . TRP A 1 121 ? 3.173   -5.348  -6.216  1.00 45.31 ? 120 TRP A CE3 1 
ATOM   761  C CZ2 . TRP A 1 121 ? 5.497   -5.773  -4.668  1.00 39.69 ? 120 TRP A CZ2 1 
ATOM   762  C CZ3 . TRP A 1 121 ? 3.275   -6.418  -5.365  1.00 42.49 ? 120 TRP A CZ3 1 
ATOM   763  C CH2 . TRP A 1 121 ? 4.421   -6.620  -4.596  1.00 39.17 ? 120 TRP A CH2 1 
ATOM   764  N N   . MET A 1 122 ? 1.414   -2.786  -5.334  1.00 50.84 ? 121 MET A N   1 
ATOM   765  C CA  . MET A 1 122 ? 0.437   -3.657  -4.679  1.00 53.83 ? 121 MET A CA  1 
ATOM   766  C C   . MET A 1 122 ? -0.979  -3.140  -4.839  1.00 51.19 ? 121 MET A C   1 
ATOM   767  O O   . MET A 1 122 ? -1.937  -3.913  -4.762  1.00 53.38 ? 121 MET A O   1 
ATOM   768  C CB  . MET A 1 122 ? 0.705   -3.788  -3.182  1.00 47.41 ? 121 MET A CB  1 
ATOM   769  C CG  . MET A 1 122 ? 2.085   -4.189  -2.787  1.00 50.68 ? 121 MET A CG  1 
ATOM   770  S SD  . MET A 1 122 ? 2.244   -3.797  -1.033  1.00 47.39 ? 121 MET A SD  1 
ATOM   771  C CE  . MET A 1 122 ? 0.963   -4.867  -0.382  1.00 43.27 ? 121 MET A CE  1 
ATOM   772  N N   . ILE A 1 123 ? -1.130  -1.836  -5.002  1.00 52.29 ? 122 ILE A N   1 
ATOM   773  C CA  . ILE A 1 123 ? -2.460  -1.235  -4.986  1.00 57.80 ? 122 ILE A CA  1 
ATOM   774  C C   . ILE A 1 123 ? -3.310  -1.799  -6.118  1.00 59.47 ? 122 ILE A C   1 
ATOM   775  O O   . ILE A 1 123 ? -4.327  -2.464  -5.882  1.00 59.19 ? 122 ILE A O   1 
ATOM   776  C CB  . ILE A 1 123 ? -2.346  0.294   -5.063  1.00 54.35 ? 122 ILE A CB  1 
ATOM   777  C CG1 . ILE A 1 123 ? -1.468  0.787   -3.907  1.00 57.86 ? 122 ILE A CG1 1 
ATOM   778  C CG2 . ILE A 1 123 ? -3.723  0.909   -4.996  1.00 61.21 ? 122 ILE A CG2 1 
ATOM   779  C CD1 . ILE A 1 123 ? -1.411  2.299   -3.745  1.00 58.31 ? 122 ILE A CD1 1 
ATOM   780  N N   . GLU A 1 124 ? -2.877  -1.581  -7.363  1.00 59.31 ? 123 GLU A N   1 
ATOM   781  C CA  . GLU A 1 124 ? -3.639  -2.074  -8.509  1.00 61.99 ? 123 GLU A CA  1 
ATOM   782  C C   . GLU A 1 124 ? -3.919  -3.569  -8.392  1.00 63.36 ? 123 GLU A C   1 
ATOM   783  O O   . GLU A 1 124 ? -4.994  -4.042  -8.777  1.00 67.25 ? 123 GLU A O   1 
ATOM   784  C CB  . GLU A 1 124 ? -2.878  -1.768  -9.794  1.00 65.81 ? 123 GLU A CB  1 
ATOM   785  C CG  . GLU A 1 124 ? -1.392  -1.842  -9.582  1.00 62.80 ? 123 GLU A CG  1 
ATOM   786  C CD  . GLU A 1 124 ? -0.596  -1.449  -10.797 1.00 70.41 ? 123 GLU A CD  1 
ATOM   787  O OE1 . GLU A 1 124 ? -0.950  -1.882  -11.922 1.00 71.08 ? 123 GLU A OE1 1 
ATOM   788  O OE2 . GLU A 1 124 ? 0.399   -0.709  -10.616 1.00 70.14 ? 123 GLU A OE2 1 
ATOM   789  N N   . LEU A 1 125 ? -2.984  -4.322  -7.819  1.00 58.76 ? 124 LEU A N   1 
ATOM   790  C CA  . LEU A 1 125 ? -3.194  -5.758  -7.668  1.00 59.66 ? 124 LEU A CA  1 
ATOM   791  C C   . LEU A 1 125 ? -4.310  -6.055  -6.668  1.00 64.24 ? 124 LEU A C   1 
ATOM   792  O O   . LEU A 1 125 ? -5.225  -6.837  -6.955  1.00 64.18 ? 124 LEU A O   1 
ATOM   793  C CB  . LEU A 1 125 ? -1.888  -6.431  -7.245  1.00 61.66 ? 124 LEU A CB  1 
ATOM   794  C CG  . LEU A 1 125 ? -0.922  -6.850  -8.365  1.00 62.86 ? 124 LEU A CG  1 
ATOM   795  C CD1 . LEU A 1 125 ? -0.653  -5.725  -9.352  1.00 61.43 ? 124 LEU A CD1 1 
ATOM   796  C CD2 . LEU A 1 125 ? 0.399   -7.375  -7.794  1.00 59.19 ? 124 LEU A CD2 1 
ATOM   797  N N   . MET A 1 126 ? -4.256  -5.425  -5.485  1.00 64.30 ? 125 MET A N   1 
ATOM   798  C CA  . MET A 1 126 ? -5.267  -5.678  -4.462  1.00 62.86 ? 125 MET A CA  1 
ATOM   799  C C   . MET A 1 126 ? -6.667  -5.359  -4.960  1.00 60.66 ? 125 MET A C   1 
ATOM   800  O O   . MET A 1 126 ? -7.638  -5.963  -4.498  1.00 61.75 ? 125 MET A O   1 
ATOM   801  C CB  . MET A 1 126 ? -4.961  -4.865  -3.200  1.00 61.64 ? 125 MET A CB  1 
ATOM   802  C CG  . MET A 1 126 ? -3.648  -5.233  -2.538  1.00 61.65 ? 125 MET A CG  1 
ATOM   803  S SD  . MET A 1 126 ? -3.240  -4.032  -1.279  1.00 64.85 ? 125 MET A SD  1 
ATOM   804  C CE  . MET A 1 126 ? -4.676  -4.265  -0.223  1.00 60.10 ? 125 MET A CE  1 
ATOM   805  N N   . GLY A 1 127 ? -6.796  -4.420  -5.892  1.00 55.06 ? 126 GLY A N   1 
ATOM   806  C CA  . GLY A 1 127 ? -8.097  -4.161  -6.467  1.00 55.51 ? 126 GLY A CA  1 
ATOM   807  C C   . GLY A 1 127 ? -8.711  -5.382  -7.106  1.00 61.00 ? 126 GLY A C   1 
ATOM   808  O O   . GLY A 1 127 ? -9.928  -5.576  -7.033  1.00 60.14 ? 126 GLY A O   1 
ATOM   809  N N   . GLY A 1 128 ? -7.881  -6.236  -7.703  1.00 58.95 ? 127 GLY A N   1 
ATOM   810  C CA  . GLY A 1 128 ? -8.368  -7.376  -8.454  1.00 61.36 ? 127 GLY A CA  1 
ATOM   811  C C   . GLY A 1 128 ? -8.549  -8.642  -7.645  1.00 67.01 ? 127 GLY A C   1 
ATOM   812  O O   . GLY A 1 128 ? -9.344  -9.511  -8.021  1.00 67.31 ? 127 GLY A O   1 
ATOM   813  N N   . HIS A 1 129 ? -7.816  -8.766  -6.532  1.00 67.12 ? 128 HIS A N   1 
ATOM   814  C CA  . HIS A 1 129 ? -7.922  -9.941  -5.668  1.00 65.65 ? 128 HIS A CA  1 
ATOM   815  C C   . HIS A 1 129 ? -7.814  -9.528  -4.207  1.00 58.28 ? 128 HIS A C   1 
ATOM   816  O O   . HIS A 1 129 ? -6.814  -8.928  -3.805  1.00 57.54 ? 128 HIS A O   1 
ATOM   817  C CB  . HIS A 1 129 ? -6.840  -11.001 -5.957  1.00 67.48 ? 128 HIS A CB  1 
ATOM   818  C CG  . HIS A 1 129 ? -5.909  -10.668 -7.088  1.00 72.00 ? 128 HIS A CG  1 
ATOM   819  N ND1 . HIS A 1 129 ? -5.287  -9.443  -7.222  1.00 70.56 ? 128 HIS A ND1 1 
ATOM   820  C CD2 . HIS A 1 129 ? -5.460  -11.428 -8.115  1.00 69.32 ? 128 HIS A CD2 1 
ATOM   821  C CE1 . HIS A 1 129 ? -4.525  -9.452  -8.300  1.00 68.95 ? 128 HIS A CE1 1 
ATOM   822  N NE2 . HIS A 1 129 ? -4.606  -10.647 -8.856  1.00 73.43 ? 128 HIS A NE2 1 
ATOM   823  N N   . PRO A 1 130 ? -8.800  -9.845  -3.382  1.00 58.58 ? 129 PRO A N   1 
ATOM   824  C CA  . PRO A 1 130 ? -8.657  -9.619  -1.950  1.00 60.23 ? 129 PRO A CA  1 
ATOM   825  C C   . PRO A 1 130 ? -7.505  -10.448 -1.412  1.00 58.13 ? 129 PRO A C   1 
ATOM   826  O O   . PRO A 1 130 ? -7.355  -11.629 -1.761  1.00 49.67 ? 129 PRO A O   1 
ATOM   827  C CB  . PRO A 1 130 ? -10.003 -10.077 -1.372  1.00 59.68 ? 129 PRO A CB  1 
ATOM   828  C CG  . PRO A 1 130 ? -10.505 -11.056 -2.344  1.00 65.15 ? 129 PRO A CG  1 
ATOM   829  C CD  . PRO A 1 130 ? -10.007 -10.615 -3.705  1.00 68.07 ? 129 PRO A CD  1 
ATOM   830  N N   . PRO A 1 131 ? -6.649  -9.855  -0.607  1.00 57.95 ? 130 PRO A N   1 
ATOM   831  C CA  . PRO A 1 131 ? -5.572  -10.638 -0.001  1.00 57.10 ? 130 PRO A CA  1 
ATOM   832  C C   . PRO A 1 131 ? -6.130  -11.632 1.009   1.00 53.50 ? 130 PRO A C   1 
ATOM   833  O O   . PRO A 1 131 ? -6.628  -11.274 2.083   1.00 51.34 ? 130 PRO A O   1 
ATOM   834  C CB  . PRO A 1 131 ? -4.674  -9.574  0.649   1.00 56.56 ? 130 PRO A CB  1 
ATOM   835  C CG  . PRO A 1 131 ? -5.182  -8.233  0.131   1.00 60.06 ? 130 PRO A CG  1 
ATOM   836  C CD  . PRO A 1 131 ? -6.626  -8.449  -0.171  1.00 60.65 ? 130 PRO A CD  1 
ATOM   837  N N   . VAL A 1 132 ? -6.080  -12.904 0.625   1.00 52.67 ? 131 VAL A N   1 
ATOM   838  C CA  . VAL A 1 132 ? -6.395  -14.033 1.480   1.00 45.22 ? 131 VAL A CA  1 
ATOM   839  C C   . VAL A 1 132 ? -5.160  -14.846 1.790   1.00 43.15 ? 131 VAL A C   1 
ATOM   840  O O   . VAL A 1 132 ? -5.264  -15.933 2.360   1.00 46.50 ? 131 VAL A O   1 
ATOM   841  C CB  . VAL A 1 132 ? -7.481  -14.919 0.854   1.00 47.98 ? 131 VAL A CB  1 
ATOM   842  C CG1 . VAL A 1 132 ? -8.791  -14.140 0.798   1.00 54.74 ? 131 VAL A CG1 1 
ATOM   843  C CG2 . VAL A 1 132 ? -7.037  -15.410 -0.546  1.00 51.55 ? 131 VAL A CG2 1 
ATOM   844  N N   . GLY A 1 133 ? -3.988  -14.344 1.430   1.00 43.98 ? 132 GLY A N   1 
ATOM   845  C CA  . GLY A 1 133 ? -2.756  -15.008 1.736   1.00 45.17 ? 132 GLY A CA  1 
ATOM   846  C C   . GLY A 1 133 ? -2.530  -15.073 3.223   1.00 43.44 ? 132 GLY A C   1 
ATOM   847  O O   . GLY A 1 133 ? -3.281  -14.493 4.009   1.00 47.71 ? 132 GLY A O   1 
ATOM   848  N N   . PRO A 1 134 ? -1.485  -15.790 3.643   1.00 43.38 ? 133 PRO A N   1 
ATOM   849  C CA  . PRO A 1 134 ? -1.297  -16.022 5.078   1.00 40.00 ? 133 PRO A CA  1 
ATOM   850  C C   . PRO A 1 134 ? -0.847  -14.789 5.834   1.00 42.64 ? 133 PRO A C   1 
ATOM   851  O O   . PRO A 1 134 ? -1.229  -14.615 6.996   1.00 39.12 ? 133 PRO A O   1 
ATOM   852  C CB  . PRO A 1 134 ? -0.232  -17.129 5.127   1.00 46.61 ? 133 PRO A CB  1 
ATOM   853  C CG  . PRO A 1 134 ? -0.126  -17.662 3.702   1.00 40.08 ? 133 PRO A CG  1 
ATOM   854  C CD  . PRO A 1 134 ? -0.536  -16.558 2.810   1.00 48.45 ? 133 PRO A CD  1 
ATOM   855  N N   . ARG A 1 135 ? -0.018  -13.942 5.236   1.00 40.34 ? 134 ARG A N   1 
ATOM   856  C CA  . ARG A 1 135 ? 0.420   -12.753 5.955   1.00 40.53 ? 134 ARG A CA  1 
ATOM   857  C C   . ARG A 1 135 ? -0.686  -11.695 6.003   1.00 44.11 ? 134 ARG A C   1 
ATOM   858  O O   . ARG A 1 135 ? -0.891  -11.034 7.041   1.00 36.72 ? 134 ARG A O   1 
ATOM   859  C CB  . ARG A 1 135 ? 1.701   -12.217 5.323   1.00 44.44 ? 134 ARG A CB  1 
ATOM   860  C CG  . ARG A 1 135 ? 2.861   -13.206 5.435   1.00 46.39 ? 134 ARG A CG  1 
ATOM   861  C CD  . ARG A 1 135 ? 4.135   -12.605 4.873   1.00 46.30 ? 134 ARG A CD  1 
ATOM   862  N NE  . ARG A 1 135 ? 4.413   -11.359 5.558   1.00 42.38 ? 134 ARG A NE  1 
ATOM   863  C CZ  . ARG A 1 135 ? 4.947   -11.312 6.781   1.00 48.27 ? 134 ARG A CZ  1 
ATOM   864  N NH1 . ARG A 1 135 ? 5.277   -12.447 7.391   1.00 43.10 ? 134 ARG A NH1 1 
ATOM   865  N NH2 . ARG A 1 135 ? 5.151   -10.145 7.390   1.00 41.89 ? 134 ARG A NH2 1 
ATOM   866  N N   . ALA A 1 136 ? -1.460  -11.569 4.925   1.00 38.93 ? 135 ALA A N   1 
ATOM   867  C CA  . ALA A 1 136 ? -2.640  -10.713 4.986   1.00 40.17 ? 135 ALA A CA  1 
ATOM   868  C C   . ALA A 1 136 ? -3.600  -11.157 6.098   1.00 38.31 ? 135 ALA A C   1 
ATOM   869  O O   . ALA A 1 136 ? -4.070  -10.337 6.904   1.00 36.58 ? 135 ALA A O   1 
ATOM   870  C CB  . ALA A 1 136 ? -3.347  -10.717 3.636   1.00 42.34 ? 135 ALA A CB  1 
ATOM   871  N N   . LEU A 1 137 ? -3.954  -12.443 6.111   1.00 41.13 ? 136 LEU A N   1 
ATOM   872  C CA  . LEU A 1 137 ? -4.939  -12.927 7.068   1.00 41.50 ? 136 LEU A CA  1 
ATOM   873  C C   . LEU A 1 137 ? -4.411  -12.811 8.483   1.00 39.19 ? 136 LEU A C   1 
ATOM   874  O O   . LEU A 1 137 ? -5.169  -12.486 9.386   1.00 39.04 ? 136 LEU A O   1 
ATOM   875  C CB  . LEU A 1 137 ? -5.345  -14.369 6.755   1.00 40.02 ? 136 LEU A CB  1 
ATOM   876  C CG  . LEU A 1 137 ? -6.167  -14.572 5.459   1.00 42.50 ? 136 LEU A CG  1 
ATOM   877  C CD1 . LEU A 1 137 ? -6.608  -16.009 5.294   1.00 42.72 ? 136 LEU A CD1 1 
ATOM   878  C CD2 . LEU A 1 137 ? -7.393  -13.643 5.385   1.00 44.16 ? 136 LEU A CD2 1 
ATOM   879  N N   . ALA A 1 138 ? -3.113  -13.056 8.693   1.00 38.75 ? 137 ALA A N   1 
ATOM   880  C CA  . ALA A 1 138 ? -2.542  -12.871 10.023  1.00 45.60 ? 137 ALA A CA  1 
ATOM   881  C C   . ALA A 1 138 ? -2.581  -11.401 10.425  1.00 42.90 ? 137 ALA A C   1 
ATOM   882  O O   . ALA A 1 138 ? -2.893  -11.072 11.577  1.00 34.37 ? 137 ALA A O   1 
ATOM   883  C CB  . ALA A 1 138 ? -1.110  -13.429 10.076  1.00 43.66 ? 137 ALA A CB  1 
ATOM   884  N N   . HIS A 1 139 ? -2.329  -10.500 9.468   1.00 36.12 ? 138 HIS A N   1 
ATOM   885  C CA  . HIS A 1 139 ? -2.426  -9.070  9.725   1.00 34.62 ? 138 HIS A CA  1 
ATOM   886  C C   . HIS A 1 139 ? -3.852  -8.678  10.119  1.00 39.48 ? 138 HIS A C   1 
ATOM   887  O O   . HIS A 1 139 ? -4.071  -7.978  11.121  1.00 34.40 ? 138 HIS A O   1 
ATOM   888  C CB  . HIS A 1 139 ? -1.962  -8.297  8.491   1.00 39.73 ? 138 HIS A CB  1 
ATOM   889  C CG  . HIS A 1 139 ? -1.819  -6.825  8.713   1.00 35.20 ? 138 HIS A CG  1 
ATOM   890  N ND1 . HIS A 1 139 ? -2.846  -5.934  8.474   1.00 36.67 ? 138 HIS A ND1 1 
ATOM   891  C CD2 . HIS A 1 139 ? -0.770  -6.088  9.148   1.00 37.04 ? 138 HIS A CD2 1 
ATOM   892  C CE1 . HIS A 1 139 ? -2.439  -4.712  8.771   1.00 41.24 ? 138 HIS A CE1 1 
ATOM   893  N NE2 . HIS A 1 139 ? -1.181  -4.778  9.181   1.00 43.38 ? 138 HIS A NE2 1 
ATOM   894  N N   . THR A 1 140 ? -4.844  -9.145  9.363   1.00 37.50 ? 139 THR A N   1 
ATOM   895  C CA  . THR A 1 140 ? -6.223  -8.842  9.727   1.00 39.15 ? 139 THR A CA  1 
ATOM   896  C C   . THR A 1 140 ? -6.564  -9.447  11.086  1.00 46.29 ? 139 THR A C   1 
ATOM   897  O O   . THR A 1 140 ? -7.095  -8.762  11.973  1.00 42.22 ? 139 THR A O   1 
ATOM   898  C CB  . THR A 1 140 ? -7.176  -9.345  8.649   1.00 42.05 ? 139 THR A CB  1 
ATOM   899  O OG1 . THR A 1 140 ? -6.841  -8.735  7.391   1.00 35.60 ? 139 THR A OG1 1 
ATOM   900  C CG2 . THR A 1 140 ? -8.609  -8.971  9.008   1.00 39.75 ? 139 THR A CG2 1 
ATOM   901  N N   . SER A 1 141 ? -6.222  -10.726 11.282  1.00 42.94 ? 140 SER A N   1 
ATOM   902  C CA  . SER A 1 141 ? -6.589  -11.394 12.525  1.00 45.57 ? 140 SER A CA  1 
ATOM   903  C C   . SER A 1 141 ? -6.042  -10.647 13.735  1.00 41.92 ? 140 SER A C   1 
ATOM   904  O O   . SER A 1 141 ? -6.726  -10.547 14.761  1.00 48.81 ? 140 SER A O   1 
ATOM   905  C CB  . SER A 1 141 ? -6.115  -12.853 12.520  1.00 43.86 ? 140 SER A CB  1 
ATOM   906  O OG  . SER A 1 141 ? -6.585  -13.523 13.692  1.00 52.58 ? 140 SER A OG  1 
ATOM   907  N N   . ALA A 1 142 ? -4.844  -10.058 13.619  1.00 40.54 ? 141 ALA A N   1 
ATOM   908  C CA  . ALA A 1 142 ? -4.298  -9.302  14.744  1.00 48.19 ? 141 ALA A CA  1 
ATOM   909  C C   . ALA A 1 142 ? -5.083  -8.018  14.982  1.00 47.82 ? 141 ALA A C   1 
ATOM   910  O O   . ALA A 1 142 ? -5.307  -7.623  16.134  1.00 42.92 ? 141 ALA A O   1 
ATOM   911  C CB  . ALA A 1 142 ? -2.813  -8.990  14.530  1.00 40.04 ? 141 ALA A CB  1 
ATOM   912  N N   . ILE A 1 143 ? -5.518  -7.336  13.920  1.00 41.82 ? 142 ILE A N   1 
ATOM   913  C CA  . ILE A 1 143 ? -6.295  -6.125  14.177  1.00 43.68 ? 142 ILE A CA  1 
ATOM   914  C C   . ILE A 1 143 ? -7.617  -6.483  14.846  1.00 47.95 ? 142 ILE A C   1 
ATOM   915  O O   . ILE A 1 143 ? -8.067  -5.800  15.775  1.00 47.98 ? 142 ILE A O   1 
ATOM   916  C CB  . ILE A 1 143 ? -6.496  -5.325  12.883  1.00 44.05 ? 142 ILE A CB  1 
ATOM   917  C CG1 . ILE A 1 143 ? -5.138  -4.817  12.421  1.00 40.67 ? 142 ILE A CG1 1 
ATOM   918  C CG2 . ILE A 1 143 ? -7.454  -4.160  13.152  1.00 47.94 ? 142 ILE A CG2 1 
ATOM   919  C CD1 . ILE A 1 143 ? -5.144  -4.042  11.164  1.00 43.24 ? 142 ILE A CD1 1 
ATOM   920  N N   . ILE A 1 144 ? -8.236  -7.577  14.404  1.00 46.93 ? 143 ILE A N   1 
ATOM   921  C CA  . ILE A 1 144 ? -9.483  -8.044  14.995  1.00 43.17 ? 143 ILE A CA  1 
ATOM   922  C C   . ILE A 1 144 ? -9.310  -8.278  16.486  1.00 52.42 ? 143 ILE A C   1 
ATOM   923  O O   . ILE A 1 144 ? -10.208 -7.979  17.279  1.00 55.57 ? 143 ILE A O   1 
ATOM   924  C CB  . ILE A 1 144 ? -9.962  -9.326  14.293  1.00 46.09 ? 143 ILE A CB  1 
ATOM   925  C CG1 . ILE A 1 144 ? -10.182 -9.085  12.804  1.00 47.70 ? 143 ILE A CG1 1 
ATOM   926  C CG2 . ILE A 1 144 ? -11.226 -9.859  14.951  1.00 52.86 ? 143 ILE A CG2 1 
ATOM   927  C CD1 . ILE A 1 144 ? -10.864 -10.215 12.138  1.00 44.14 ? 143 ILE A CD1 1 
ATOM   928  N N   . GLU A 1 145 ? -8.157  -8.819  16.892  1.00 52.48 ? 144 GLU A N   1 
ATOM   929  C CA  . GLU A 1 145 ? -7.911  -9.067  18.310  1.00 54.57 ? 144 GLU A CA  1 
ATOM   930  C C   . GLU A 1 145 ? -7.790  -7.762  19.082  1.00 56.68 ? 144 GLU A C   1 
ATOM   931  O O   . GLU A 1 145 ? -8.383  -7.604  20.159  1.00 58.85 ? 144 GLU A O   1 
ATOM   932  C CB  . GLU A 1 145 ? -6.646  -9.902  18.485  1.00 54.15 ? 144 GLU A CB  1 
ATOM   933  C CG  . GLU A 1 145 ? -6.784  -11.334 18.008  1.00 60.35 ? 144 GLU A CG  1 
ATOM   934  C CD  . GLU A 1 145 ? -5.499  -12.132 18.197  1.00 64.26 ? 144 GLU A CD  1 
ATOM   935  O OE1 . GLU A 1 145 ? -4.446  -11.522 18.506  1.00 68.34 ? 144 GLU A OE1 1 
ATOM   936  O OE2 . GLU A 1 145 ? -5.544  -13.367 18.038  1.00 65.90 ? 144 GLU A OE2 1 
ATOM   937  N N   . ILE A 1 146 ? -7.015  -6.815  18.549  1.00 50.90 ? 145 ILE A N   1 
ATOM   938  C CA  . ILE A 1 146 ? -6.877  -5.512  19.182  1.00 52.29 ? 145 ILE A CA  1 
ATOM   939  C C   . ILE A 1 146 ? -8.242  -4.878  19.419  1.00 58.57 ? 145 ILE A C   1 
ATOM   940  O O   . ILE A 1 146 ? -8.491  -4.288  20.478  1.00 52.68 ? 145 ILE A O   1 
ATOM   941  C CB  . ILE A 1 146 ? -5.973  -4.603  18.334  1.00 49.73 ? 145 ILE A CB  1 
ATOM   942  C CG1 . ILE A 1 146 ? -4.545  -5.129  18.367  1.00 53.46 ? 145 ILE A CG1 1 
ATOM   943  C CG2 . ILE A 1 146 ? -6.015  -3.181  18.859  1.00 50.33 ? 145 ILE A CG2 1 
ATOM   944  C CD1 . ILE A 1 146 ? -3.649  -4.496  17.327  1.00 57.60 ? 145 ILE A CD1 1 
ATOM   945  N N   . LEU A 1 147 ? -9.157  -4.996  18.446  1.00 52.43 ? 146 LEU A N   1 
ATOM   946  C CA  . LEU A 1 147 ? -10.465 -4.378  18.631  1.00 55.84 ? 146 LEU A CA  1 
ATOM   947  C C   . LEU A 1 147 ? -11.324 -5.186  19.600  1.00 56.42 ? 146 LEU A C   1 
ATOM   948  O O   . LEU A 1 147 ? -12.029 -4.608  20.427  1.00 56.85 ? 146 LEU A O   1 
ATOM   949  C CB  . LEU A 1 147 ? -11.165 -4.194  17.282  1.00 52.76 ? 146 LEU A CB  1 
ATOM   950  C CG  . LEU A 1 147 ? -10.448 -3.260  16.297  1.00 51.12 ? 146 LEU A CG  1 
ATOM   951  C CD1 . LEU A 1 147 ? -11.114 -3.269  14.941  1.00 50.65 ? 146 LEU A CD1 1 
ATOM   952  C CD2 . LEU A 1 147 ? -10.373 -1.837  16.825  1.00 50.99 ? 146 LEU A CD2 1 
ATOM   953  N N   . GLU A 1 148 ? -11.268 -6.516  19.535  1.00 56.45 ? 147 GLU A N   1 
ATOM   954  C CA  . GLU A 1 148 ? -11.984 -7.313  20.525  1.00 60.61 ? 147 GLU A CA  1 
ATOM   955  C C   . GLU A 1 148 ? -11.533 -6.969  21.941  1.00 60.68 ? 147 GLU A C   1 
ATOM   956  O O   . GLU A 1 148 ? -12.353 -6.900  22.862  1.00 63.73 ? 147 GLU A O   1 
ATOM   957  C CB  . GLU A 1 148 ? -11.787 -8.795  20.243  1.00 60.91 ? 147 GLU A CB  1 
ATOM   958  C CG  . GLU A 1 148 ? -12.553 -9.278  19.048  1.00 60.64 ? 147 GLU A CG  1 
ATOM   959  C CD  . GLU A 1 148 ? -12.237 -10.704 18.723  1.00 62.23 ? 147 GLU A CD  1 
ATOM   960  O OE1 . GLU A 1 148 ? -13.166 -11.441 18.317  1.00 65.99 ? 147 GLU A OE1 1 
ATOM   961  O OE2 . GLU A 1 148 ? -11.055 -11.089 18.881  1.00 61.21 ? 147 GLU A OE2 1 
ATOM   962  N N   . GLN A 1 149 ? -10.238 -6.709  22.123  1.00 62.07 ? 148 GLN A N   1 
ATOM   963  C CA  . GLN A 1 149 ? -9.696  -6.360  23.430  1.00 63.42 ? 148 GLN A CA  1 
ATOM   964  C C   . GLN A 1 149 ? -10.073 -4.956  23.866  1.00 65.10 ? 148 GLN A C   1 
ATOM   965  O O   . GLN A 1 149 ? -9.779  -4.578  25.008  1.00 63.58 ? 148 GLN A O   1 
ATOM   966  C CB  . GLN A 1 149 ? -8.172  -6.509  23.430  1.00 61.92 ? 148 GLN A CB  1 
ATOM   967  C CG  . GLN A 1 149 ? -7.707  -7.953  23.236  1.00 63.26 ? 148 GLN A CG  1 
ATOM   968  C CD  . GLN A 1 149 ? -7.609  -8.731  24.534  1.00 69.65 ? 148 GLN A CD  1 
ATOM   969  O OE1 . GLN A 1 149 ? -8.516  -9.487  24.897  1.00 67.58 ? 148 GLN A OE1 1 
ATOM   970  N NE2 . GLN A 1 149 ? -6.494  -8.559  25.238  1.00 65.59 ? 148 GLN A NE2 1 
ATOM   971  N N   . ALA A 1 150 ? -10.711 -4.179  22.997  1.00 59.43 ? 149 ALA A N   1 
ATOM   972  C CA  . ALA A 1 150 ? -11.258 -2.882  23.365  1.00 60.26 ? 149 ALA A CA  1 
ATOM   973  C C   . ALA A 1 150 ? -12.780 -2.906  23.452  1.00 57.72 ? 149 ALA A C   1 
ATOM   974  O O   . ALA A 1 150 ? -13.413 -1.843  23.458  1.00 60.10 ? 149 ALA A O   1 
ATOM   975  C CB  . ALA A 1 150 ? -10.804 -1.810  22.375  1.00 62.26 ? 149 ALA A CB  1 
ATOM   976  N N   . HIS A 1 151 ? -13.380 -4.099  23.507  1.00 58.29 ? 150 HIS A N   1 
ATOM   977  C CA  . HIS A 1 151 ? -14.828 -4.243  23.718  1.00 64.81 ? 150 HIS A CA  1 
ATOM   978  C C   . HIS A 1 151 ? -15.610 -3.649  22.557  1.00 62.40 ? 150 HIS A C   1 
ATOM   979  O O   . HIS A 1 151 ? -16.663 -3.036  22.748  1.00 57.46 ? 150 HIS A O   1 
ATOM   980  C CB  . HIS A 1 151 ? -15.305 -3.597  25.025  1.00 60.57 ? 150 HIS A CB  1 
ATOM   981  C CG  . HIS A 1 151 ? -14.756 -4.226  26.265  1.00 62.34 ? 150 HIS A CG  1 
ATOM   982  N ND1 . HIS A 1 151 ? -13.481 -4.739  26.344  1.00 60.52 ? 150 HIS A ND1 1 
ATOM   983  C CD2 . HIS A 1 151 ? -15.301 -4.378  27.495  1.00 65.09 ? 150 HIS A CD2 1 
ATOM   984  C CE1 . HIS A 1 151 ? -13.272 -5.208  27.561  1.00 61.61 ? 150 HIS A CE1 1 
ATOM   985  N NE2 . HIS A 1 151 ? -14.358 -4.992  28.282  1.00 69.31 ? 150 HIS A NE2 1 
ATOM   986  N N   . PHE A 1 152 ? -15.061 -3.778  21.355  1.00 61.62 ? 151 PHE A N   1 
ATOM   987  C CA  . PHE A 1 152 ? -15.834 -3.568  20.142  1.00 54.67 ? 151 PHE A CA  1 
ATOM   988  C C   . PHE A 1 152 ? -16.773 -4.759  19.967  1.00 57.13 ? 151 PHE A C   1 
ATOM   989  O O   . PHE A 1 152 ? -16.331 -5.915  20.000  1.00 55.45 ? 151 PHE A O   1 
ATOM   990  C CB  . PHE A 1 152 ? -14.897 -3.439  18.938  1.00 59.16 ? 151 PHE A CB  1 
ATOM   991  C CG  . PHE A 1 152 ? -14.250 -2.091  18.802  1.00 54.53 ? 151 PHE A CG  1 
ATOM   992  C CD1 . PHE A 1 152 ? -13.178 -1.731  19.609  1.00 56.51 ? 151 PHE A CD1 1 
ATOM   993  C CD2 . PHE A 1 152 ? -14.684 -1.204  17.834  1.00 50.29 ? 151 PHE A CD2 1 
ATOM   994  C CE1 . PHE A 1 152 ? -12.568 -0.490  19.464  1.00 56.59 ? 151 PHE A CE1 1 
ATOM   995  C CE2 . PHE A 1 152 ? -14.085 0.038   17.690  1.00 54.42 ? 151 PHE A CE2 1 
ATOM   996  C CZ  . PHE A 1 152 ? -13.034 0.401   18.512  1.00 55.02 ? 151 PHE A CZ  1 
ATOM   997  N N   . SER A 1 153 ? -18.060 -4.491  19.775  1.00 56.25 ? 152 SER A N   1 
ATOM   998  C CA  . SER A 1 153 ? -18.963 -5.581  19.418  1.00 58.60 ? 152 SER A CA  1 
ATOM   999  C C   . SER A 1 153 ? -18.615 -6.090  18.018  1.00 60.12 ? 152 SER A C   1 
ATOM   1000 O O   . SER A 1 153 ? -17.830 -5.441  17.314  1.00 56.58 ? 152 SER A O   1 
ATOM   1001 C CB  . SER A 1 153 ? -20.415 -5.105  19.494  1.00 60.08 ? 152 SER A CB  1 
ATOM   1002 O OG  . SER A 1 153 ? -20.699 -4.154  18.489  1.00 61.71 ? 152 SER A OG  1 
ATOM   1003 N N   . PRO A 1 154 ? -19.154 -7.235  17.575  1.00 59.85 ? 153 PRO A N   1 
ATOM   1004 C CA  . PRO A 1 154 ? -18.788 -7.726  16.231  1.00 61.80 ? 153 PRO A CA  1 
ATOM   1005 C C   . PRO A 1 154 ? -19.146 -6.782  15.087  1.00 61.30 ? 153 PRO A C   1 
ATOM   1006 O O   . PRO A 1 154 ? -18.366 -6.661  14.128  1.00 59.48 ? 153 PRO A O   1 
ATOM   1007 C CB  . PRO A 1 154 ? -19.553 -9.053  16.137  1.00 61.53 ? 153 PRO A CB  1 
ATOM   1008 C CG  . PRO A 1 154 ? -19.606 -9.528  17.548  1.00 62.34 ? 153 PRO A CG  1 
ATOM   1009 C CD  . PRO A 1 154 ? -19.836 -8.278  18.364  1.00 62.19 ? 153 PRO A CD  1 
ATOM   1010 N N   . ARG A 1 155 ? -20.299 -6.117  15.135  1.00 55.73 ? 154 ARG A N   1 
ATOM   1011 C CA  . ARG A 1 155 ? -20.633 -5.200  14.049  1.00 56.11 ? 154 ARG A CA  1 
ATOM   1012 C C   . ARG A 1 155 ? -19.821 -3.914  14.157  1.00 54.52 ? 154 ARG A C   1 
ATOM   1013 O O   . ARG A 1 155 ? -19.326 -3.402  13.147  1.00 55.93 ? 154 ARG A O   1 
ATOM   1014 C CB  . ARG A 1 155 ? -22.133 -4.900  14.043  1.00 64.58 ? 154 ARG A CB  1 
ATOM   1015 N N   . GLN A 1 156 ? -19.677 -3.373  15.367  1.00 55.40 ? 155 GLN A N   1 
ATOM   1016 C CA  . GLN A 1 156 ? -18.772 -2.245  15.568  1.00 53.85 ? 155 GLN A CA  1 
ATOM   1017 C C   . GLN A 1 156 ? -17.368 -2.578  15.077  1.00 52.25 ? 155 GLN A C   1 
ATOM   1018 O O   . GLN A 1 156 ? -16.679 -1.728  14.501  1.00 50.05 ? 155 GLN A O   1 
ATOM   1019 C CB  . GLN A 1 156 ? -18.729 -1.856  17.046  1.00 56.76 ? 155 GLN A CB  1 
ATOM   1020 C CG  . GLN A 1 156 ? -20.011 -1.191  17.590  1.00 58.97 ? 155 GLN A CG  1 
ATOM   1021 C CD  . GLN A 1 156 ? -20.157 -1.355  19.105  1.00 64.79 ? 155 GLN A CD  1 
ATOM   1022 O OE1 . GLN A 1 156 ? -19.499 -2.207  19.719  1.00 58.32 ? 155 GLN A OE1 1 
ATOM   1023 N NE2 . GLN A 1 156 ? -21.030 -0.543  19.712  1.00 75.66 ? 155 GLN A NE2 1 
ATOM   1024 N N   . LEU A 1 157 ? -16.934 -3.818  15.290  1.00 49.91 ? 156 LEU A N   1 
ATOM   1025 C CA  . LEU A 1 157 ? -15.588 -4.209  14.903  1.00 53.25 ? 156 LEU A CA  1 
ATOM   1026 C C   . LEU A 1 157 ? -15.444 -4.251  13.382  1.00 49.19 ? 156 LEU A C   1 
ATOM   1027 O O   . LEU A 1 157 ? -14.394 -3.877  12.852  1.00 45.97 ? 156 LEU A O   1 
ATOM   1028 C CB  . LEU A 1 157 ? -15.257 -5.554  15.542  1.00 49.60 ? 156 LEU A CB  1 
ATOM   1029 C CG  . LEU A 1 157 ? -13.856 -6.106  15.391  1.00 55.62 ? 156 LEU A CG  1 
ATOM   1030 C CD1 . LEU A 1 157 ? -13.493 -6.838  16.666  1.00 55.67 ? 156 LEU A CD1 1 
ATOM   1031 C CD2 . LEU A 1 157 ? -13.814 -7.043  14.204  1.00 52.91 ? 156 LEU A CD2 1 
ATOM   1032 N N   . ASP A 1 158 ? -16.505 -4.658  12.672  1.00 50.35 ? 157 ASP A N   1 
ATOM   1033 C CA  . ASP A 1 158 ? -16.513 -4.639  11.207  1.00 52.69 ? 157 ASP A CA  1 
ATOM   1034 C C   . ASP A 1 158 ? -16.333 -3.231  10.647  1.00 51.36 ? 157 ASP A C   1 
ATOM   1035 O O   . ASP A 1 158 ? -15.564 -3.032  9.699   1.00 46.41 ? 157 ASP A O   1 
ATOM   1036 C CB  . ASP A 1 158 ? -17.814 -5.246  10.675  1.00 57.16 ? 157 ASP A CB  1 
ATOM   1037 C CG  . ASP A 1 158 ? -17.689 -6.726  10.390  1.00 63.43 ? 157 ASP A CG  1 
ATOM   1038 O OD1 . ASP A 1 158 ? -16.890 -7.394  11.090  1.00 63.15 ? 157 ASP A OD1 1 
ATOM   1039 O OD2 . ASP A 1 158 ? -18.366 -7.221  9.457   1.00 67.80 ? 157 ASP A OD2 1 
ATOM   1040 N N   . SER A 1 159 ? -17.031 -2.238  11.219  1.00 46.40 ? 158 SER A N   1 
ATOM   1041 C CA  . SER A 1 159 ? -16.934 -0.868  10.711  1.00 48.83 ? 158 SER A CA  1 
ATOM   1042 C C   . SER A 1 159 ? -15.578 -0.248  11.006  1.00 47.08 ? 158 SER A C   1 
ATOM   1043 O O   . SER A 1 159 ? -15.021 0.485   10.178  1.00 47.71 ? 158 SER A O   1 
ATOM   1044 C CB  . SER A 1 159 ? -18.031 0.010   11.315  1.00 58.17 ? 158 SER A CB  1 
ATOM   1045 O OG  . SER A 1 159 ? -19.294 -0.312  10.760  1.00 64.09 ? 158 SER A OG  1 
ATOM   1046 N N   . ALA A 1 160 ? -15.061 -0.484  12.199  1.00 44.38 ? 159 ALA A N   1 
ATOM   1047 C CA  . ALA A 1 160 ? -13.750 0.036   12.555  1.00 48.82 ? 159 ALA A CA  1 
ATOM   1048 C C   . ALA A 1 160 ? -12.680 -0.588  11.679  1.00 43.81 ? 159 ALA A C   1 
ATOM   1049 O O   . ALA A 1 160 ? -11.867 0.116   11.076  1.00 46.66 ? 159 ALA A O   1 
ATOM   1050 C CB  . ALA A 1 160 ? -13.471 -0.248  14.034  1.00 41.98 ? 159 ALA A CB  1 
ATOM   1051 N N   . LEU A 1 161 ? -12.661 -1.914  11.623  1.00 42.86 ? 160 LEU A N   1 
ATOM   1052 C CA  . LEU A 1 161 ? -11.717 -2.640  10.778  1.00 45.99 ? 160 LEU A CA  1 
ATOM   1053 C C   . LEU A 1 161 ? -11.742 -2.096  9.360   1.00 44.07 ? 160 LEU A C   1 
ATOM   1054 O O   . LEU A 1 161 ? -10.720 -1.666  8.820   1.00 48.50 ? 160 LEU A O   1 
ATOM   1055 C CB  . LEU A 1 161 ? -12.069 -4.130  10.798  1.00 48.16 ? 160 LEU A CB  1 
ATOM   1056 C CG  . LEU A 1 161 ? -11.118 -5.091  10.101  1.00 48.88 ? 160 LEU A CG  1 
ATOM   1057 C CD1 . LEU A 1 161 ? -9.795  -4.832  10.682  1.00 47.08 ? 160 LEU A CD1 1 
ATOM   1058 C CD2 . LEU A 1 161 ? -11.520 -6.515  10.379  1.00 49.01 ? 160 LEU A CD2 1 
ATOM   1059 N N   . SER A 1 162 ? -12.925 -2.067  8.762   1.00 45.74 ? 161 SER A N   1 
ATOM   1060 C CA  . SER A 1 162 ? -13.060 -1.622  7.382   1.00 45.73 ? 161 SER A CA  1 
ATOM   1061 C C   . SER A 1 162 ? -12.523 -0.207  7.202   1.00 48.22 ? 161 SER A C   1 
ATOM   1062 O O   . SER A 1 162 ? -11.765 0.072   6.268   1.00 50.36 ? 161 SER A O   1 
ATOM   1063 C CB  . SER A 1 162 ? -14.531 -1.712  6.973   1.00 48.91 ? 161 SER A CB  1 
ATOM   1064 O OG  . SER A 1 162 ? -14.993 -3.063  7.061   1.00 53.42 ? 161 SER A OG  1 
ATOM   1065 N N   . ALA A 1 163 ? -12.900 0.700   8.098   1.00 47.04 ? 162 ALA A N   1 
ATOM   1066 C CA  . ALA A 1 163 ? -12.461 2.079   7.964   1.00 44.81 ? 162 ALA A CA  1 
ATOM   1067 C C   . ALA A 1 163 ? -10.942 2.210   8.065   1.00 48.75 ? 162 ALA A C   1 
ATOM   1068 O O   . ALA A 1 163 ? -10.351 3.038   7.371   1.00 49.45 ? 162 ALA A O   1 
ATOM   1069 C CB  . ALA A 1 163 ? -13.178 2.938   9.003   1.00 48.25 ? 162 ALA A CB  1 
ATOM   1070 N N   . ILE A 1 164 ? -10.287 1.406   8.904   1.00 46.87 ? 163 ILE A N   1 
ATOM   1071 C CA  . ILE A 1 164 ? -8.821  1.412   8.935   1.00 45.96 ? 163 ILE A CA  1 
ATOM   1072 C C   . ILE A 1 164 ? -8.246  1.020   7.575   1.00 42.38 ? 163 ILE A C   1 
ATOM   1073 O O   . ILE A 1 164 ? -7.390  1.711   7.011   1.00 38.46 ? 163 ILE A O   1 
ATOM   1074 C CB  . ILE A 1 164 ? -8.300  0.453   10.010  1.00 47.74 ? 163 ILE A CB  1 
ATOM   1075 C CG1 . ILE A 1 164 ? -8.828  0.807   11.399  1.00 51.82 ? 163 ILE A CG1 1 
ATOM   1076 C CG2 . ILE A 1 164 ? -6.784  0.401   9.930   1.00 46.89 ? 163 ILE A CG2 1 
ATOM   1077 C CD1 . ILE A 1 164 ? -8.750  -0.386  12.348  1.00 50.21 ? 163 ILE A CD1 1 
ATOM   1078 N N   . TYR A 1 165 ? -8.649  -0.140  7.062   1.00 42.66 ? 164 TYR A N   1 
ATOM   1079 C CA  . TYR A 1 165 ? -8.089  -0.583  5.792   1.00 41.81 ? 164 TYR A CA  1 
ATOM   1080 C C   . TYR A 1 165 ? -8.458  0.385   4.683   1.00 40.91 ? 164 TYR A C   1 
ATOM   1081 O O   . TYR A 1 165 ? -7.594  0.794   3.893   1.00 41.94 ? 164 TYR A O   1 
ATOM   1082 C CB  . TYR A 1 165 ? -8.557  -2.003  5.454   1.00 39.89 ? 164 TYR A CB  1 
ATOM   1083 C CG  . TYR A 1 165 ? -7.771  -3.082  6.167   1.00 47.29 ? 164 TYR A CG  1 
ATOM   1084 C CD1 . TYR A 1 165 ? -6.599  -3.597  5.619   1.00 51.41 ? 164 TYR A CD1 1 
ATOM   1085 C CD2 . TYR A 1 165 ? -8.186  -3.583  7.392   1.00 46.19 ? 164 TYR A CD2 1 
ATOM   1086 C CE1 . TYR A 1 165 ? -5.871  -4.586  6.270   1.00 45.91 ? 164 TYR A CE1 1 
ATOM   1087 C CE2 . TYR A 1 165 ? -7.463  -4.567  8.045   1.00 43.43 ? 164 TYR A CE2 1 
ATOM   1088 C CZ  . TYR A 1 165 ? -6.312  -5.063  7.488   1.00 50.00 ? 164 TYR A CZ  1 
ATOM   1089 O OH  . TYR A 1 165 ? -5.601  -6.050  8.152   1.00 47.06 ? 164 TYR A OH  1 
ATOM   1090 N N   . TYR A 1 166 ? -9.738  0.770   4.607   1.00 40.61 ? 165 TYR A N   1 
ATOM   1091 C CA  . TYR A 1 166 ? -10.178 1.626   3.505   1.00 42.32 ? 165 TYR A CA  1 
ATOM   1092 C C   . TYR A 1 166 ? -9.396  2.930   3.492   1.00 43.18 ? 165 TYR A C   1 
ATOM   1093 O O   . TYR A 1 166 ? -8.828  3.317   2.469   1.00 40.07 ? 165 TYR A O   1 
ATOM   1094 C CB  . TYR A 1 166 ? -11.675 1.945   3.606   1.00 43.74 ? 165 TYR A CB  1 
ATOM   1095 C CG  . TYR A 1 166 ? -12.629 0.789   3.454   1.00 46.10 ? 165 TYR A CG  1 
ATOM   1096 C CD1 . TYR A 1 166 ? -12.188 -0.462  3.069   1.00 43.01 ? 165 TYR A CD1 1 
ATOM   1097 C CD2 . TYR A 1 166 ? -13.987 0.960   3.715   1.00 50.51 ? 165 TYR A CD2 1 
ATOM   1098 C CE1 . TYR A 1 166 ? -13.059 -1.515  2.941   1.00 43.86 ? 165 TYR A CE1 1 
ATOM   1099 C CE2 . TYR A 1 166 ? -14.874 -0.090  3.577   1.00 50.15 ? 165 TYR A CE2 1 
ATOM   1100 C CZ  . TYR A 1 166 ? -14.390 -1.326  3.187   1.00 48.10 ? 165 TYR A CZ  1 
ATOM   1101 O OH  . TYR A 1 166 ? -15.242 -2.390  3.061   1.00 58.16 ? 165 TYR A OH  1 
ATOM   1102 N N   . TYR A 1 167 ? -9.388  3.639   4.625   1.00 41.46 ? 166 TYR A N   1 
ATOM   1103 C CA  . TYR A 1 167 ? -8.628  4.876   4.736   1.00 41.53 ? 166 TYR A CA  1 
ATOM   1104 C C   . TYR A 1 167 ? -7.163  4.675   4.349   1.00 41.22 ? 166 TYR A C   1 
ATOM   1105 O O   . TYR A 1 167 ? -6.598  5.464   3.586   1.00 41.05 ? 166 TYR A O   1 
ATOM   1106 C CB  . TYR A 1 167 ? -8.730  5.411   6.172   1.00 41.84 ? 166 TYR A CB  1 
ATOM   1107 C CG  . TYR A 1 167 ? -7.899  6.633   6.391   1.00 43.46 ? 166 TYR A CG  1 
ATOM   1108 C CD1 . TYR A 1 167 ? -8.352  7.883   5.989   1.00 51.47 ? 166 TYR A CD1 1 
ATOM   1109 C CD2 . TYR A 1 167 ? -6.663  6.543   6.990   1.00 45.85 ? 166 TYR A CD2 1 
ATOM   1110 C CE1 . TYR A 1 167 ? -7.592  9.006   6.182   1.00 53.20 ? 166 TYR A CE1 1 
ATOM   1111 C CE2 . TYR A 1 167 ? -5.892  7.652   7.184   1.00 52.19 ? 166 TYR A CE2 1 
ATOM   1112 C CZ  . TYR A 1 167 ? -6.358  8.881   6.781   1.00 57.70 ? 166 TYR A CZ  1 
ATOM   1113 O OH  . TYR A 1 167 ? -5.572  9.977   6.968   1.00 62.11 ? 166 TYR A OH  1 
ATOM   1114 N N   . THR A 1 168 ? -6.520  3.640   4.906   1.00 40.23 ? 167 THR A N   1 
ATOM   1115 C CA  . THR A 1 168 ? -5.084  3.453   4.693   1.00 40.95 ? 167 THR A CA  1 
ATOM   1116 C C   . THR A 1 168 ? -4.780  3.178   3.236   1.00 39.96 ? 167 THR A C   1 
ATOM   1117 O O   . THR A 1 168 ? -3.820  3.719   2.679   1.00 42.18 ? 167 THR A O   1 
ATOM   1118 C CB  . THR A 1 168 ? -4.544  2.300   5.544   1.00 42.44 ? 167 THR A CB  1 
ATOM   1119 O OG1 . THR A 1 168 ? -4.717  2.601   6.925   1.00 43.91 ? 167 THR A OG1 1 
ATOM   1120 C CG2 . THR A 1 168 ? -3.063  2.120   5.308   1.00 44.99 ? 167 THR A CG2 1 
ATOM   1121 N N   . VAL A 1 169 ? -5.579  2.325   2.603   1.00 41.23 ? 168 VAL A N   1 
ATOM   1122 C CA  . VAL A 1 169 ? -5.364  2.017   1.190   1.00 39.50 ? 168 VAL A CA  1 
ATOM   1123 C C   . VAL A 1 169 ? -5.633  3.243   0.321   1.00 42.34 ? 168 VAL A C   1 
ATOM   1124 O O   . VAL A 1 169 ? -4.842  3.577   -0.573  1.00 41.08 ? 168 VAL A O   1 
ATOM   1125 C CB  . VAL A 1 169 ? -6.245  0.822   0.789   1.00 43.97 ? 168 VAL A CB  1 
ATOM   1126 C CG1 . VAL A 1 169 ? -6.377  0.735   -0.698  1.00 49.27 ? 168 VAL A CG1 1 
ATOM   1127 C CG2 . VAL A 1 169 ? -5.657  -0.474  1.358   1.00 48.12 ? 168 VAL A CG2 1 
ATOM   1128 N N   . GLY A 1 170 ? -6.751  3.935   0.576   1.00 39.00 ? 169 GLY A N   1 
ATOM   1129 C CA  . GLY A 1 170 ? -7.049  5.152   -0.148  1.00 37.66 ? 169 GLY A CA  1 
ATOM   1130 C C   . GLY A 1 170 ? -5.969  6.207   -0.008  1.00 40.23 ? 169 GLY A C   1 
ATOM   1131 O O   . GLY A 1 170 ? -5.587  6.841   -0.991  1.00 46.96 ? 169 GLY A O   1 
ATOM   1132 N N   . ALA A 1 171 ? -5.458  6.403   1.205   1.00 42.29 ? 170 ALA A N   1 
ATOM   1133 C CA  . ALA A 1 171 ? -4.373  7.358   1.414   1.00 44.44 ? 170 ALA A CA  1 
ATOM   1134 C C   . ALA A 1 171 ? -3.145  6.973   0.598   1.00 46.53 ? 170 ALA A C   1 
ATOM   1135 O O   . ALA A 1 171 ? -2.512  7.826   -0.037  1.00 46.56 ? 170 ALA A O   1 
ATOM   1136 C CB  . ALA A 1 171 ? -4.024  7.426   2.898   1.00 46.94 ? 170 ALA A CB  1 
ATOM   1137 N N   . ALA A 1 172 ? -2.786  5.686   0.614   1.00 44.61 ? 171 ALA A N   1 
ATOM   1138 C CA  . ALA A 1 172 ? -1.637  5.233   -0.163  1.00 46.82 ? 171 ALA A CA  1 
ATOM   1139 C C   . ALA A 1 172 ? -1.855  5.470   -1.655  1.00 47.32 ? 171 ALA A C   1 
ATOM   1140 O O   . ALA A 1 172 ? -0.945  5.913   -2.360  1.00 49.74 ? 171 ALA A O   1 
ATOM   1141 C CB  . ALA A 1 172 ? -1.365  3.761   0.120   1.00 41.99 ? 171 ALA A CB  1 
ATOM   1142 N N   . LEU A 1 173 ? -3.064  5.209   -2.145  1.00 47.18 ? 172 LEU A N   1 
ATOM   1143 C CA  . LEU A 1 173 ? -3.368  5.460   -3.549  1.00 51.44 ? 172 LEU A CA  1 
ATOM   1144 C C   . LEU A 1 173 ? -3.197  6.938   -3.895  1.00 53.86 ? 172 LEU A C   1 
ATOM   1145 O O   . LEU A 1 173 ? -2.551  7.289   -4.891  1.00 57.41 ? 172 LEU A O   1 
ATOM   1146 C CB  . LEU A 1 173 ? -4.793  4.997   -3.846  1.00 49.91 ? 172 LEU A CB  1 
ATOM   1147 C CG  . LEU A 1 173 ? -5.236  4.917   -5.298  1.00 52.15 ? 172 LEU A CG  1 
ATOM   1148 C CD1 . LEU A 1 173 ? -4.139  4.253   -6.045  1.00 57.91 ? 172 LEU A CD1 1 
ATOM   1149 C CD2 . LEU A 1 173 ? -6.466  4.067   -5.405  1.00 51.55 ? 172 LEU A CD2 1 
ATOM   1150 N N   . SER A 1 174 ? -3.763  7.818   -3.074  1.00 47.84 ? 173 SER A N   1 
ATOM   1151 C CA  . SER A 1 174 ? -3.713  9.245   -3.375  1.00 56.08 ? 173 SER A CA  1 
ATOM   1152 C C   . SER A 1 174 ? -2.306  9.794   -3.242  1.00 55.99 ? 173 SER A C   1 
ATOM   1153 O O   . SER A 1 174 ? -1.907  10.672  -4.014  1.00 55.45 ? 173 SER A O   1 
ATOM   1154 C CB  . SER A 1 174 ? -4.644  10.014  -2.446  1.00 53.43 ? 173 SER A CB  1 
ATOM   1155 O OG  . SER A 1 174 ? -5.867  9.326   -2.335  1.00 57.62 ? 173 SER A OG  1 
ATOM   1156 N N   . GLU A 1 175 ? -1.565  9.333   -2.231  1.00 56.37 ? 174 GLU A N   1 
ATOM   1157 C CA  . GLU A 1 175 ? -0.183  9.763   -2.084  1.00 56.08 ? 174 GLU A CA  1 
ATOM   1158 C C   . GLU A 1 175 ? 0.611   9.420   -3.328  1.00 59.86 ? 174 GLU A C   1 
ATOM   1159 O O   . GLU A 1 175 ? 1.455   10.205  -3.774  1.00 60.56 ? 174 GLU A O   1 
ATOM   1160 C CB  . GLU A 1 175 ? 0.442   9.122   -0.853  1.00 55.05 ? 174 GLU A CB  1 
ATOM   1161 C CG  . GLU A 1 175 ? 1.951   9.232   -0.794  1.00 60.45 ? 174 GLU A CG  1 
ATOM   1162 C CD  . GLU A 1 175 ? 2.457   10.604  -0.385  1.00 72.11 ? 174 GLU A CD  1 
ATOM   1163 O OE1 . GLU A 1 175 ? 3.361   11.138  -1.079  1.00 73.94 ? 174 GLU A OE1 1 
ATOM   1164 O OE2 . GLU A 1 175 ? 1.960   11.138  0.636   1.00 74.76 ? 174 GLU A OE2 1 
ATOM   1165 N N   . ALA A 1 176 ? 0.319   8.263   -3.922  1.00 56.47 ? 175 ALA A N   1 
ATOM   1166 C CA  . ALA A 1 176 ? 1.057   7.830   -5.097  1.00 61.99 ? 175 ALA A CA  1 
ATOM   1167 C C   . ALA A 1 176 ? 0.790   8.753   -6.275  1.00 64.14 ? 175 ALA A C   1 
ATOM   1168 O O   . ALA A 1 176 ? 1.733   9.226   -6.921  1.00 68.18 ? 175 ALA A O   1 
ATOM   1169 C CB  . ALA A 1 176 ? 0.695   6.385   -5.446  1.00 59.56 ? 175 ALA A CB  1 
ATOM   1170 N N   . SER A 1 177 ? -0.488  9.038   -6.571  1.00 62.68 ? 176 SER A N   1 
ATOM   1171 C CA  . SER A 1 177 ? -0.774  9.867   -7.741  1.00 65.30 ? 176 SER A CA  1 
ATOM   1172 C C   . SER A 1 177 ? -0.259  11.283  -7.548  1.00 64.09 ? 176 SER A C   1 
ATOM   1173 O O   . SER A 1 177 ? 0.267   11.888  -8.484  1.00 68.98 ? 176 SER A O   1 
ATOM   1174 C CB  . SER A 1 177 ? -2.269  9.875   -8.070  1.00 58.83 ? 176 SER A CB  1 
ATOM   1175 O OG  . SER A 1 177 ? -3.079  10.245  -6.988  1.00 61.20 ? 176 SER A OG  1 
ATOM   1176 N N   . TRP A 1 178 ? -0.363  11.817  -6.335  1.00 64.47 ? 177 TRP A N   1 
ATOM   1177 C CA  . TRP A 1 178 ? 0.174   13.151  -6.111  1.00 65.96 ? 177 TRP A CA  1 
ATOM   1178 C C   . TRP A 1 178 ? 1.695   13.206  -6.188  1.00 68.21 ? 177 TRP A C   1 
ATOM   1179 O O   . TRP A 1 178 ? 2.240   14.315  -6.114  1.00 65.60 ? 177 TRP A O   1 
ATOM   1180 C CB  . TRP A 1 178 ? -0.296  13.694  -4.763  1.00 63.73 ? 177 TRP A CB  1 
ATOM   1181 C CG  . TRP A 1 178 ? -1.729  14.172  -4.784  1.00 65.76 ? 177 TRP A CG  1 
ATOM   1182 C CD1 . TRP A 1 178 ? -2.807  13.563  -4.212  1.00 62.04 ? 177 TRP A CD1 1 
ATOM   1183 C CD2 . TRP A 1 178 ? -2.230  15.352  -5.430  1.00 68.74 ? 177 TRP A CD2 1 
ATOM   1184 N NE1 . TRP A 1 178 ? -3.950  14.296  -4.454  1.00 67.95 ? 177 TRP A NE1 1 
ATOM   1185 C CE2 . TRP A 1 178 ? -3.622  15.398  -5.199  1.00 68.98 ? 177 TRP A CE2 1 
ATOM   1186 C CE3 . TRP A 1 178 ? -1.636  16.376  -6.180  1.00 68.79 ? 177 TRP A CE3 1 
ATOM   1187 C CZ2 . TRP A 1 178 ? -4.427  16.427  -5.685  1.00 62.89 ? 177 TRP A CZ2 1 
ATOM   1188 C CZ3 . TRP A 1 178 ? -2.443  17.398  -6.666  1.00 68.25 ? 177 TRP A CZ3 1 
ATOM   1189 C CH2 . TRP A 1 178 ? -3.822  17.413  -6.414  1.00 63.74 ? 177 TRP A CH2 1 
ATOM   1190 N N   . GLN A 1 179 ? 2.386   12.062  -6.326  1.00 68.19 ? 178 GLN A N   1 
ATOM   1191 C CA  . GLN A 1 179 ? 3.842   12.079  -6.489  1.00 64.91 ? 178 GLN A CA  1 
ATOM   1192 C C   . GLN A 1 179 ? 4.248   12.765  -7.786  1.00 65.42 ? 178 GLN A C   1 
ATOM   1193 O O   . GLN A 1 179 ? 5.266   13.463  -7.827  1.00 66.97 ? 178 GLN A O   1 
ATOM   1194 C CB  . GLN A 1 179 ? 4.411   10.660  -6.458  1.00 66.43 ? 178 GLN A CB  1 
ATOM   1195 C CG  . GLN A 1 179 ? 4.997   10.243  -5.113  1.00 68.99 ? 178 GLN A CG  1 
ATOM   1196 C CD  . GLN A 1 179 ? 5.083   8.728   -4.955  1.00 68.59 ? 178 GLN A CD  1 
ATOM   1197 O OE1 . GLN A 1 179 ? 4.913   7.975   -5.925  1.00 66.88 ? 178 GLN A OE1 1 
ATOM   1198 N NE2 . GLN A 1 179 ? 5.340   8.274   -3.730  1.00 64.50 ? 178 GLN A NE2 1 
ATOM   1199 N N   . ALA A 1 180 ? 3.468   12.578  -8.855  1.00 60.34 ? 179 ALA A N   1 
ATOM   1200 C CA  . ALA A 1 180 ? 3.771   13.238  -10.126 1.00 62.90 ? 179 ALA A CA  1 
ATOM   1201 C C   . ALA A 1 180 ? 3.824   14.759  -9.982  1.00 64.93 ? 179 ALA A C   1 
ATOM   1202 O O   . ALA A 1 180 ? 4.655   15.420  -10.620 1.00 57.03 ? 179 ALA A O   1 
ATOM   1203 C CB  . ALA A 1 180 ? 2.741   12.844  -11.184 1.00 68.38 ? 179 ALA A CB  1 
ATOM   1204 N N   . MET A 1 181 ? 2.945   15.326  -9.147  1.00 62.88 ? 180 MET A N   1 
ATOM   1205 C CA  . MET A 1 181 ? 2.930   16.755  -8.860  1.00 60.80 ? 180 MET A CA  1 
ATOM   1206 C C   . MET A 1 181 ? 3.996   17.169  -7.856  1.00 59.24 ? 180 MET A C   1 
ATOM   1207 O O   . MET A 1 181 ? 4.328   18.357  -7.776  1.00 58.10 ? 180 MET A O   1 
ATOM   1208 C CB  . MET A 1 181 ? 1.558   17.177  -8.310  1.00 62.91 ? 180 MET A CB  1 
ATOM   1209 C CG  . MET A 1 181 ? 0.400   16.800  -9.204  1.00 69.38 ? 180 MET A CG  1 
ATOM   1210 S SD  . MET A 1 181 ? 0.362   17.825  -10.678 1.00 70.78 ? 180 MET A SD  1 
ATOM   1211 C CE  . MET A 1 181 ? -0.615  16.819  -11.795 1.00 70.58 ? 180 MET A CE  1 
ATOM   1212 N N   . ALA A 1 182 ? 4.517   16.235  -7.071  1.00 64.09 ? 181 ALA A N   1 
ATOM   1213 C CA  . ALA A 1 182 ? 5.405   16.630  -5.992  1.00 60.54 ? 181 ALA A CA  1 
ATOM   1214 C C   . ALA A 1 182 ? 6.798   16.906  -6.538  1.00 54.90 ? 181 ALA A C   1 
ATOM   1215 O O   . ALA A 1 182 ? 7.158   16.496  -7.644  1.00 53.98 ? 181 ALA A O   1 
ATOM   1216 C CB  . ALA A 1 182 ? 5.459   15.559  -4.901  1.00 61.61 ? 181 ALA A CB  1 
ATOM   1217 N N   . ARG A 1 183 ? 7.577   17.624  -5.745  1.00 54.15 ? 182 ARG A N   1 
ATOM   1218 C CA  . ARG A 1 183 ? 8.902   18.037  -6.178  1.00 54.57 ? 182 ARG A CA  1 
ATOM   1219 C C   . ARG A 1 183 ? 9.826   16.834  -6.313  1.00 47.26 ? 182 ARG A C   1 
ATOM   1220 O O   . ARG A 1 183 ? 9.879   15.983  -5.429  1.00 52.22 ? 182 ARG A O   1 
ATOM   1221 C CB  . ARG A 1 183 ? 9.471   19.035  -5.184  1.00 50.28 ? 182 ARG A CB  1 
ATOM   1222 C CG  . ARG A 1 183 ? 10.669  19.756  -5.699  1.00 51.57 ? 182 ARG A CG  1 
ATOM   1223 C CD  . ARG A 1 183 ? 11.040  20.840  -4.740  1.00 52.21 ? 182 ARG A CD  1 
ATOM   1224 N NE  . ARG A 1 183 ? 12.331  20.566  -4.145  1.00 49.22 ? 182 ARG A NE  1 
ATOM   1225 C CZ  . ARG A 1 183 ? 12.802  21.192  -3.082  1.00 55.08 ? 182 ARG A CZ  1 
ATOM   1226 N NH1 . ARG A 1 183 ? 12.072  22.132  -2.484  1.00 55.82 ? 182 ARG A NH1 1 
ATOM   1227 N NH2 . ARG A 1 183 ? 13.997  20.866  -2.619  1.00 54.87 ? 182 ARG A NH2 1 
ATOM   1228 N N   . GLN A 1 184 ? 10.565  16.766  -7.412  1.00 46.77 ? 183 GLN A N   1 
ATOM   1229 C CA  . GLN A 1 184 ? 11.426  15.616  -7.647  1.00 43.56 ? 183 GLN A CA  1 
ATOM   1230 C C   . GLN A 1 184 ? 12.683  15.722  -6.787  1.00 45.36 ? 183 GLN A C   1 
ATOM   1231 O O   . GLN A 1 184 ? 13.009  16.788  -6.266  1.00 43.53 ? 183 GLN A O   1 
ATOM   1232 C CB  . GLN A 1 184 ? 11.788  15.518  -9.134  1.00 47.98 ? 183 GLN A CB  1 
ATOM   1233 C CG  . GLN A 1 184 ? 10.565  15.349  -10.034 1.00 48.78 ? 183 GLN A CG  1 
ATOM   1234 C CD  . GLN A 1 184 ? 9.652   14.247  -9.508  1.00 60.29 ? 183 GLN A CD  1 
ATOM   1235 O OE1 . GLN A 1 184 ? 8.472   14.483  -9.208  1.00 63.34 ? 183 GLN A OE1 1 
ATOM   1236 N NE2 . GLN A 1 184 ? 10.206  13.041  -9.353  1.00 59.90 ? 183 GLN A NE2 1 
ATOM   1237 N N   . SER A 1 185 ? 13.420  14.606  -6.683  1.00 44.02 ? 184 SER A N   1 
ATOM   1238 C CA  . SER A 1 185 ? 14.551  14.542  -5.757  1.00 42.00 ? 184 SER A CA  1 
ATOM   1239 C C   . SER A 1 185 ? 15.608  15.606  -6.053  1.00 44.82 ? 184 SER A C   1 
ATOM   1240 O O   . SER A 1 185 ? 16.158  16.210  -5.131  1.00 42.76 ? 184 SER A O   1 
ATOM   1241 C CB  . SER A 1 185 ? 15.176  13.148  -5.782  1.00 43.61 ? 184 SER A CB  1 
ATOM   1242 O OG  . SER A 1 185 ? 15.760  12.860  -7.045  1.00 44.79 ? 184 SER A OG  1 
ATOM   1243 N N   . ALA A 1 186 ? 15.922  15.857  -7.321  1.00 45.16 ? 185 ALA A N   1 
ATOM   1244 C CA  . ALA A 1 186 ? 16.977  16.824  -7.606  1.00 44.85 ? 185 ALA A CA  1 
ATOM   1245 C C   . ALA A 1 186 ? 16.440  18.186  -8.042  1.00 49.08 ? 185 ALA A C   1 
ATOM   1246 O O   . ALA A 1 186 ? 17.212  19.041  -8.484  1.00 50.53 ? 185 ALA A O   1 
ATOM   1247 C CB  . ALA A 1 186 ? 17.938  16.259  -8.654  1.00 46.55 ? 185 ALA A CB  1 
ATOM   1248 N N   . GLU A 1 187 ? 15.146  18.419  -7.889  1.00 46.59 ? 186 GLU A N   1 
ATOM   1249 C CA  . GLU A 1 187 ? 14.497  19.619  -8.385  1.00 46.55 ? 186 GLU A CA  1 
ATOM   1250 C C   . GLU A 1 187 ? 14.496  20.668  -7.279  1.00 48.45 ? 186 GLU A C   1 
ATOM   1251 O O   . GLU A 1 187 ? 14.232  20.351  -6.117  1.00 49.19 ? 186 GLU A O   1 
ATOM   1252 C CB  . GLU A 1 187 ? 13.072  19.246  -8.822  1.00 47.90 ? 186 GLU A CB  1 
ATOM   1253 C CG  . GLU A 1 187 ? 12.209  20.314  -9.452  1.00 52.93 ? 186 GLU A CG  1 
ATOM   1254 C CD  . GLU A 1 187 ? 10.841  19.774  -9.899  1.00 48.27 ? 186 GLU A CD  1 
ATOM   1255 O OE1 . GLU A 1 187 ? 10.341  20.227  -10.951 1.00 46.54 ? 186 GLU A OE1 1 
ATOM   1256 O OE2 . GLU A 1 187 ? 10.274  18.905  -9.201  1.00 43.56 ? 186 GLU A OE2 1 
ATOM   1257 N N   . SER A 1 188 ? 14.828  21.913  -7.623  1.00 50.79 ? 187 SER A N   1 
ATOM   1258 C CA  . SER A 1 188 ? 14.779  22.964  -6.605  1.00 52.23 ? 187 SER A CA  1 
ATOM   1259 C C   . SER A 1 188 ? 13.350  23.471  -6.414  1.00 53.05 ? 187 SER A C   1 
ATOM   1260 O O   . SER A 1 188 ? 12.470  23.239  -7.250  1.00 51.85 ? 187 SER A O   1 
ATOM   1261 C CB  . SER A 1 188 ? 15.682  24.126  -6.991  1.00 58.83 ? 187 SER A CB  1 
ATOM   1262 O OG  . SER A 1 188 ? 15.123  24.821  -8.091  1.00 63.16 ? 187 SER A OG  1 
ATOM   1263 N N   . GLU A 1 189 ? 13.119  24.186  -5.301  1.00 54.38 ? 188 GLU A N   1 
ATOM   1264 C CA  . GLU A 1 189 ? 11.765  24.662  -5.043  1.00 47.54 ? 188 GLU A CA  1 
ATOM   1265 C C   . GLU A 1 189 ? 11.305  25.556  -6.173  1.00 56.18 ? 188 GLU A C   1 
ATOM   1266 O O   . GLU A 1 189 ? 10.198  25.386  -6.698  1.00 54.68 ? 188 GLU A O   1 
ATOM   1267 C CB  . GLU A 1 189 ? 11.664  25.401  -3.706  1.00 57.48 ? 188 GLU A CB  1 
ATOM   1268 C CG  . GLU A 1 189 ? 10.205  25.557  -3.259  1.00 47.69 ? 188 GLU A CG  1 
ATOM   1269 C CD  . GLU A 1 189 ? 10.000  26.453  -2.035  1.00 66.04 ? 188 GLU A CD  1 
ATOM   1270 O OE1 . GLU A 1 189 ? 10.098  25.951  -0.892  1.00 67.29 ? 188 GLU A OE1 1 
ATOM   1271 O OE2 . GLU A 1 189 ? 9.712   27.660  -2.213  1.00 68.77 ? 188 GLU A OE2 1 
ATOM   1272 N N   . GLU A 1 190 ? 12.176  26.465  -6.610  1.00 52.39 ? 189 GLU A N   1 
ATOM   1273 C CA  . GLU A 1 190 ? 11.824  27.369  -7.691  1.00 54.40 ? 189 GLU A CA  1 
ATOM   1274 C C   . GLU A 1 190 ? 11.429  26.596  -8.944  1.00 52.43 ? 189 GLU A C   1 
ATOM   1275 O O   . GLU A 1 190 ? 10.353  26.820  -9.504  1.00 50.84 ? 189 GLU A O   1 
ATOM   1276 C CB  . GLU A 1 190 ? 12.987  28.324  -7.969  1.00 62.11 ? 189 GLU A CB  1 
ATOM   1277 N N   . GLU A 1 191 ? 12.286  25.663  -9.388  1.00 56.52 ? 190 GLU A N   1 
ATOM   1278 C CA  . GLU A 1 191 ? 11.965  24.832  -10.548 1.00 50.43 ? 190 GLU A CA  1 
ATOM   1279 C C   . GLU A 1 191 ? 10.638  24.098  -10.361 1.00 49.41 ? 190 GLU A C   1 
ATOM   1280 O O   . GLU A 1 191 ? 9.839   23.958  -11.298 1.00 45.89 ? 190 GLU A O   1 
ATOM   1281 C CB  . GLU A 1 191 ? 13.094  23.830  -10.792 1.00 57.31 ? 190 GLU A CB  1 
ATOM   1282 C CG  . GLU A 1 191 ? 14.465  24.461  -10.997 1.00 59.14 ? 190 GLU A CG  1 
ATOM   1283 C CD  . GLU A 1 191 ? 15.600  23.532  -10.618 1.00 60.89 ? 190 GLU A CD  1 
ATOM   1284 O OE1 . GLU A 1 191 ? 16.725  23.724  -11.130 1.00 62.82 ? 190 GLU A OE1 1 
ATOM   1285 O OE2 . GLU A 1 191 ? 15.372  22.612  -9.804  1.00 60.55 ? 190 GLU A OE2 1 
ATOM   1286 N N   . TRP A 1 192 ? 10.375  23.650  -9.145  1.00 51.43 ? 191 TRP A N   1 
ATOM   1287 C CA  . TRP A 1 192 ? 9.144   22.927  -8.880  1.00 49.22 ? 191 TRP A CA  1 
ATOM   1288 C C   . TRP A 1 192 ? 7.925   23.843  -8.944  1.00 52.63 ? 191 TRP A C   1 
ATOM   1289 O O   . TRP A 1 192 ? 6.945   23.537  -9.637  1.00 46.66 ? 191 TRP A O   1 
ATOM   1290 C CB  . TRP A 1 192 ? 9.240   22.265  -7.522  1.00 48.87 ? 191 TRP A CB  1 
ATOM   1291 C CG  . TRP A 1 192 ? 7.976   21.663  -7.076  1.00 48.69 ? 191 TRP A CG  1 
ATOM   1292 C CD1 . TRP A 1 192 ? 7.255   20.703  -7.715  1.00 52.96 ? 191 TRP A CD1 1 
ATOM   1293 C CD2 . TRP A 1 192 ? 7.274   21.966  -5.873  1.00 51.41 ? 191 TRP A CD2 1 
ATOM   1294 N NE1 . TRP A 1 192 ? 6.138   20.390  -6.979  1.00 53.75 ? 191 TRP A NE1 1 
ATOM   1295 C CE2 . TRP A 1 192 ? 6.131   21.151  -5.843  1.00 51.89 ? 191 TRP A CE2 1 
ATOM   1296 C CE3 . TRP A 1 192 ? 7.507   22.848  -4.809  1.00 51.95 ? 191 TRP A CE3 1 
ATOM   1297 C CZ2 . TRP A 1 192 ? 5.220   21.189  -4.796  1.00 57.98 ? 191 TRP A CZ2 1 
ATOM   1298 C CZ3 . TRP A 1 192 ? 6.604   22.886  -3.772  1.00 53.96 ? 191 TRP A CZ3 1 
ATOM   1299 C CH2 . TRP A 1 192 ? 5.472   22.063  -3.770  1.00 56.56 ? 191 TRP A CH2 1 
ATOM   1300 N N   . VAL A 1 193 ? 7.940   24.950  -8.193  1.00 49.92 ? 192 VAL A N   1 
ATOM   1301 C CA  . VAL A 1 193 ? 6.794   25.846  -8.276  1.00 55.61 ? 192 VAL A CA  1 
ATOM   1302 C C   . VAL A 1 193 ? 6.672   26.373  -9.694  1.00 49.59 ? 192 VAL A C   1 
ATOM   1303 O O   . VAL A 1 193 ? 5.564   26.583  -10.193 1.00 50.77 ? 192 VAL A O   1 
ATOM   1304 C CB  . VAL A 1 193 ? 6.855   26.980  -7.216  1.00 50.11 ? 192 VAL A CB  1 
ATOM   1305 C CG1 . VAL A 1 193 ? 6.938   26.394  -5.824  1.00 51.81 ? 192 VAL A CG1 1 
ATOM   1306 C CG2 . VAL A 1 193 ? 8.008   27.923  -7.455  1.00 53.58 ? 192 VAL A CG2 1 
ATOM   1307 N N   . SER A 1 194 ? 7.795   26.530  -10.392 1.00 50.78 ? 193 SER A N   1 
ATOM   1308 C CA  . SER A 1 194 ? 7.716   26.840  -11.815 1.00 48.40 ? 193 SER A CA  1 
ATOM   1309 C C   . SER A 1 194 ? 6.962   25.748  -12.577 1.00 50.45 ? 193 SER A C   1 
ATOM   1310 O O   . SER A 1 194 ? 6.123   26.045  -13.440 1.00 51.09 ? 193 SER A O   1 
ATOM   1311 C CB  . SER A 1 194 ? 9.117   27.028  -12.385 1.00 58.82 ? 193 SER A CB  1 
ATOM   1312 O OG  . SER A 1 194 ? 9.067   27.336  -13.761 1.00 61.07 ? 193 SER A OG  1 
ATOM   1313 N N   . ARG A 1 195 ? 7.220   24.480  -12.257 1.00 46.32 ? 194 ARG A N   1 
ATOM   1314 C CA  . ARG A 1 195 ? 6.483   23.404  -12.922 1.00 49.72 ? 194 ARG A CA  1 
ATOM   1315 C C   . ARG A 1 195 ? 5.002   23.385  -12.517 1.00 50.78 ? 194 ARG A C   1 
ATOM   1316 O O   . ARG A 1 195 ? 4.128   23.163  -13.360 1.00 43.88 ? 194 ARG A O   1 
ATOM   1317 C CB  . ARG A 1 195 ? 7.152   22.059  -12.626 1.00 46.65 ? 194 ARG A CB  1 
ATOM   1318 C CG  . ARG A 1 195 ? 6.587   20.879  -13.436 1.00 48.84 ? 194 ARG A CG  1 
ATOM   1319 C CD  . ARG A 1 195 ? 7.514   19.676  -13.421 1.00 42.39 ? 194 ARG A CD  1 
ATOM   1320 N NE  . ARG A 1 195 ? 7.977   19.304  -12.084 1.00 40.96 ? 194 ARG A NE  1 
ATOM   1321 C CZ  . ARG A 1 195 ? 7.271   18.571  -11.228 1.00 45.89 ? 194 ARG A CZ  1 
ATOM   1322 N NH1 . ARG A 1 195 ? 6.065   18.123  -11.556 1.00 45.12 ? 194 ARG A NH1 1 
ATOM   1323 N NH2 . ARG A 1 195 ? 7.769   18.275  -10.047 1.00 50.28 ? 194 ARG A NH2 1 
ATOM   1324 N N   . LEU A 1 196 ? 4.688   23.644  -11.241 1.00 48.10 ? 195 LEU A N   1 
ATOM   1325 C CA  . LEU A 1 196 ? 3.301   23.512  -10.807 1.00 45.06 ? 195 LEU A CA  1 
ATOM   1326 C C   . LEU A 1 196 ? 2.456   24.736  -11.114 1.00 46.13 ? 195 LEU A C   1 
ATOM   1327 O O   . LEU A 1 196 ? 1.227   24.621  -11.160 1.00 46.33 ? 195 LEU A O   1 
ATOM   1328 C CB  . LEU A 1 196 ? 3.222   23.225  -9.307  1.00 50.65 ? 195 LEU A CB  1 
ATOM   1329 C CG  . LEU A 1 196 ? 3.049   21.741  -9.005  1.00 56.30 ? 195 LEU A CG  1 
ATOM   1330 C CD1 . LEU A 1 196 ? 1.723   21.266  -9.548  1.00 59.63 ? 195 LEU A CD1 1 
ATOM   1331 C CD2 . LEU A 1 196 ? 4.183   20.929  -9.630  1.00 55.41 ? 195 LEU A CD2 1 
ATOM   1332 N N   . GLY A 1 197 ? 3.074   25.893  -11.308 1.00 49.58 ? 196 GLY A N   1 
ATOM   1333 C CA  . GLY A 1 197 ? 2.359   27.135  -11.520 1.00 55.17 ? 196 GLY A CA  1 
ATOM   1334 C C   . GLY A 1 197 ? 1.153   27.076  -12.448 1.00 53.25 ? 196 GLY A C   1 
ATOM   1335 O O   . GLY A 1 197 ? 0.050   27.513  -12.089 1.00 49.98 ? 196 GLY A O   1 
ATOM   1336 N N   . PRO A 1 198 ? 1.334   26.534  -13.657 1.00 47.80 ? 197 PRO A N   1 
ATOM   1337 C CA  . PRO A 1 198 ? 0.193   26.454  -14.581 1.00 50.93 ? 197 PRO A CA  1 
ATOM   1338 C C   . PRO A 1 198 ? -0.977  25.666  -14.030 1.00 50.36 ? 197 PRO A C   1 
ATOM   1339 O O   . PRO A 1 198 ? -2.131  26.029  -14.290 1.00 54.32 ? 197 PRO A O   1 
ATOM   1340 C CB  . PRO A 1 198 ? 0.804   25.801  -15.825 1.00 49.62 ? 197 PRO A CB  1 
ATOM   1341 C CG  . PRO A 1 198 ? 2.246   26.231  -15.781 1.00 53.92 ? 197 PRO A CG  1 
ATOM   1342 C CD  . PRO A 1 198 ? 2.595   26.159  -14.318 1.00 49.78 ? 197 PRO A CD  1 
ATOM   1343 N N   . TYR A 1 199 ? -0.728  24.606  -13.255 1.00 48.31 ? 198 TYR A N   1 
ATOM   1344 C CA  . TYR A 1 199 ? -1.843  23.904  -12.628 1.00 47.86 ? 198 TYR A CA  1 
ATOM   1345 C C   . TYR A 1 199 ? -2.581  24.825  -11.668 1.00 50.53 ? 198 TYR A C   1 
ATOM   1346 O O   . TYR A 1 199 ? -3.816  24.823  -11.609 1.00 47.43 ? 198 TYR A O   1 
ATOM   1347 C CB  . TYR A 1 199 ? -1.346  22.655  -11.904 1.00 52.29 ? 198 TYR A CB  1 
ATOM   1348 C CG  . TYR A 1 199 ? -0.775  21.636  -12.856 1.00 51.23 ? 198 TYR A CG  1 
ATOM   1349 C CD1 . TYR A 1 199 ? -1.598  20.705  -13.483 1.00 52.43 ? 198 TYR A CD1 1 
ATOM   1350 C CD2 . TYR A 1 199 ? 0.572   21.623  -13.150 1.00 50.19 ? 198 TYR A CD2 1 
ATOM   1351 C CE1 . TYR A 1 199 ? -1.081  19.772  -14.373 1.00 54.40 ? 198 TYR A CE1 1 
ATOM   1352 C CE2 . TYR A 1 199 ? 1.103   20.696  -14.037 1.00 53.76 ? 198 TYR A CE2 1 
ATOM   1353 C CZ  . TYR A 1 199 ? 0.272   19.775  -14.641 1.00 57.96 ? 198 TYR A CZ  1 
ATOM   1354 O OH  . TYR A 1 199 ? 0.800   18.859  -15.521 1.00 63.68 ? 198 TYR A OH  1 
ATOM   1355 N N   . LEU A 1 200 ? -1.835  25.623  -10.909 1.00 49.97 ? 199 LEU A N   1 
ATOM   1356 C CA  . LEU A 1 200 ? -2.460  26.533  -9.960  1.00 56.21 ? 199 LEU A CA  1 
ATOM   1357 C C   . LEU A 1 200 ? -3.311  27.566  -10.685 1.00 53.85 ? 199 LEU A C   1 
ATOM   1358 O O   . LEU A 1 200 ? -4.484  27.756  -10.358 1.00 57.22 ? 199 LEU A O   1 
ATOM   1359 C CB  . LEU A 1 200 ? -1.389  27.210  -9.114  1.00 50.64 ? 199 LEU A CB  1 
ATOM   1360 C CG  . LEU A 1 200 ? -0.457  26.262  -8.369  1.00 53.93 ? 199 LEU A CG  1 
ATOM   1361 C CD1 . LEU A 1 200 ? 0.427   27.115  -7.493  1.00 58.04 ? 199 LEU A CD1 1 
ATOM   1362 C CD2 . LEU A 1 200 ? -1.231  25.257  -7.524  1.00 52.32 ? 199 LEU A CD2 1 
ATOM   1363 N N   . GLY A 1 201 ? -2.736  28.224  -11.691 1.00 53.67 ? 200 GLY A N   1 
ATOM   1364 C CA  . GLY A 1 201 ? -3.509  29.179  -12.470 1.00 56.87 ? 200 GLY A CA  1 
ATOM   1365 C C   . GLY A 1 201 ? -4.809  28.594  -12.976 1.00 55.38 ? 200 GLY A C   1 
ATOM   1366 O O   . GLY A 1 201 ? -5.878  29.176  -12.798 1.00 59.88 ? 200 GLY A O   1 
ATOM   1367 N N   . MET A 1 202 ? -4.736  27.418  -13.601 1.00 53.78 ? 201 MET A N   1 
ATOM   1368 C CA  . MET A 1 202 ? -5.952  26.772  -14.091 1.00 57.68 ? 201 MET A CA  1 
ATOM   1369 C C   . MET A 1 202 ? -6.971  26.591  -12.970 1.00 57.52 ? 201 MET A C   1 
ATOM   1370 O O   . MET A 1 202 ? -8.180  26.719  -13.188 1.00 57.67 ? 201 MET A O   1 
ATOM   1371 C CB  . MET A 1 202 ? -5.599  25.431  -14.738 1.00 54.91 ? 201 MET A CB  1 
ATOM   1372 C CG  . MET A 1 202 ? -6.701  24.376  -14.698 1.00 56.42 ? 201 MET A CG  1 
ATOM   1373 S SD  . MET A 1 202 ? -6.119  22.872  -15.528 1.00 56.25 ? 201 MET A SD  1 
ATOM   1374 C CE  . MET A 1 202 ? -5.229  23.671  -16.841 1.00 60.86 ? 201 MET A CE  1 
ATOM   1375 N N   . ALA A 1 203 ? -6.499  26.320  -11.758 1.00 54.72 ? 202 ALA A N   1 
ATOM   1376 C CA  . ALA A 1 203 ? -7.423  26.089  -10.656 1.00 55.97 ? 202 ALA A CA  1 
ATOM   1377 C C   . ALA A 1 203 ? -8.043  27.398  -10.174 1.00 57.49 ? 202 ALA A C   1 
ATOM   1378 O O   . ALA A 1 203 ? -9.267  27.510  -10.078 1.00 53.01 ? 202 ALA A O   1 
ATOM   1379 C CB  . ALA A 1 203 ? -6.711  25.372  -9.521  1.00 46.80 ? 202 ALA A CB  1 
ATOM   1380 N N   . THR A 1 204 ? -7.209  28.405  -9.882  1.00 60.24 ? 203 THR A N   1 
ATOM   1381 C CA  . THR A 1 204 ? -7.729  29.702  -9.451  1.00 60.79 ? 203 THR A CA  1 
ATOM   1382 C C   . THR A 1 204 ? -8.679  30.283  -10.490 1.00 66.22 ? 203 THR A C   1 
ATOM   1383 O O   . THR A 1 204 ? -9.604  31.027  -10.142 1.00 63.26 ? 203 THR A O   1 
ATOM   1384 C CB  . THR A 1 204 ? -6.596  30.703  -9.224  1.00 61.36 ? 203 THR A CB  1 
ATOM   1385 O OG1 . THR A 1 204 ? -6.184  31.224  -10.495 1.00 65.18 ? 203 THR A OG1 1 
ATOM   1386 C CG2 . THR A 1 204 ? -5.388  30.067  -8.556  1.00 57.33 ? 203 THR A CG2 1 
ATOM   1387 N N   . GLN A 1 205 ? -8.461  29.964  -11.769 1.00 62.63 ? 204 GLN A N   1 
ATOM   1388 C CA  . GLN A 1 205 ? -9.275  30.550  -12.827 1.00 65.89 ? 204 GLN A CA  1 
ATOM   1389 C C   . GLN A 1 205 ? -10.740 30.152  -12.713 1.00 68.28 ? 204 GLN A C   1 
ATOM   1390 O O   . GLN A 1 205 ? -11.634 30.998  -12.853 1.00 69.60 ? 204 GLN A O   1 
ATOM   1391 C CB  . GLN A 1 205 ? -8.733  30.138  -14.189 1.00 64.09 ? 204 GLN A CB  1 
ATOM   1392 C CG  . GLN A 1 205 ? -8.012  31.250  -14.912 1.00 66.12 ? 204 GLN A CG  1 
ATOM   1393 C CD  . GLN A 1 205 ? -7.911  30.987  -16.399 1.00 75.01 ? 204 GLN A CD  1 
ATOM   1394 O OE1 . GLN A 1 205 ? -8.794  30.364  -16.992 1.00 79.60 ? 204 GLN A OE1 1 
ATOM   1395 N NE2 . GLN A 1 205 ? -6.829  31.454  -17.012 1.00 76.61 ? 204 GLN A NE2 1 
ATOM   1396 N N   . SER A 1 206 ? -11.011 28.869  -12.480 1.00 65.74 ? 205 SER A N   1 
ATOM   1397 C CA  . SER A 1 206 ? -12.363 28.346  -12.595 1.00 62.09 ? 205 SER A CA  1 
ATOM   1398 C C   . SER A 1 206 ? -13.062 28.138  -11.263 1.00 62.97 ? 205 SER A C   1 
ATOM   1399 O O   . SER A 1 206 ? -14.275 27.891  -11.252 1.00 67.74 ? 205 SER A O   1 
ATOM   1400 C CB  . SER A 1 206 ? -12.342 27.019  -13.368 1.00 67.95 ? 205 SER A CB  1 
ATOM   1401 O OG  . SER A 1 206 ? -11.431 27.089  -14.456 1.00 64.55 ? 205 SER A OG  1 
ATOM   1402 N N   . HIS A 1 207 ? -12.355 28.233  -10.147 1.00 58.65 ? 206 HIS A N   1 
ATOM   1403 C CA  . HIS A 1 207 ? -12.924 27.925  -8.848  1.00 53.21 ? 206 HIS A CA  1 
ATOM   1404 C C   . HIS A 1 207 ? -12.374 28.920  -7.845  1.00 52.27 ? 206 HIS A C   1 
ATOM   1405 O O   . HIS A 1 207 ? -11.341 29.551  -8.103  1.00 50.25 ? 206 HIS A O   1 
ATOM   1406 C CB  . HIS A 1 207 ? -12.575 26.489  -8.424  1.00 51.23 ? 206 HIS A CB  1 
ATOM   1407 C CG  . HIS A 1 207 ? -12.773 25.483  -9.513  1.00 52.21 ? 206 HIS A CG  1 
ATOM   1408 N ND1 . HIS A 1 207 ? -13.995 24.895  -9.766  1.00 56.69 ? 206 HIS A ND1 1 
ATOM   1409 C CD2 . HIS A 1 207 ? -11.920 24.994  -10.442 1.00 54.33 ? 206 HIS A CD2 1 
ATOM   1410 C CE1 . HIS A 1 207 ? -13.879 24.072  -10.794 1.00 52.62 ? 206 HIS A CE1 1 
ATOM   1411 N NE2 . HIS A 1 207 ? -12.630 24.113  -11.222 1.00 54.43 ? 206 HIS A NE2 1 
ATOM   1412 N N   . PRO A 1 208 ? -13.025 29.068  -6.685  1.00 50.04 ? 207 PRO A N   1 
ATOM   1413 C CA  . PRO A 1 208 ? -12.503 29.962  -5.647  1.00 50.92 ? 207 PRO A CA  1 
ATOM   1414 C C   . PRO A 1 208 ? -11.102 29.563  -5.220  1.00 51.42 ? 207 PRO A C   1 
ATOM   1415 O O   . PRO A 1 208 ? -10.621 28.462  -5.495  1.00 48.22 ? 207 PRO A O   1 
ATOM   1416 C CB  . PRO A 1 208 ? -13.503 29.815  -4.483  1.00 52.23 ? 207 PRO A CB  1 
ATOM   1417 C CG  . PRO A 1 208 ? -14.260 28.539  -4.772  1.00 50.65 ? 207 PRO A CG  1 
ATOM   1418 C CD  . PRO A 1 208 ? -14.315 28.473  -6.285  1.00 47.62 ? 207 PRO A CD  1 
ATOM   1419 N N   . ALA A 1 209 ? -10.466 30.478  -4.482  1.00 45.10 ? 208 ALA A N   1 
ATOM   1420 C CA  . ALA A 1 209 ? -9.033  30.389  -4.242  1.00 51.89 ? 208 ALA A CA  1 
ATOM   1421 C C   . ALA A 1 209 ? -8.684  29.283  -3.275  1.00 50.73 ? 208 ALA A C   1 
ATOM   1422 O O   . ALA A 1 209 ? -7.540  28.814  -3.278  1.00 54.73 ? 208 ALA A O   1 
ATOM   1423 C CB  . ALA A 1 209 ? -8.497  31.722  -3.712  1.00 55.82 ? 208 ALA A CB  1 
ATOM   1424 N N   . SER A 1 210 ? -9.645  28.857  -2.454  1.00 46.91 ? 209 SER A N   1 
ATOM   1425 C CA  . SER A 1 210 ? -9.403  27.761  -1.522  1.00 48.73 ? 209 SER A CA  1 
ATOM   1426 C C   . SER A 1 210 ? -9.107  26.447  -2.241  1.00 47.29 ? 209 SER A C   1 
ATOM   1427 O O   . SER A 1 210 ? -8.492  25.549  -1.656  1.00 45.97 ? 209 SER A O   1 
ATOM   1428 C CB  . SER A 1 210 ? -10.616 27.587  -0.636  1.00 48.01 ? 209 SER A CB  1 
ATOM   1429 O OG  . SER A 1 210 ? -11.763 27.604  -1.462  1.00 50.11 ? 209 SER A OG  1 
ATOM   1430 N N   . LEU A 1 211 ? -9.575  26.296  -3.480  1.00 43.07 ? 210 LEU A N   1 
ATOM   1431 C CA  . LEU A 1 211 ? -9.195  25.111  -4.247  1.00 46.58 ? 210 LEU A CA  1 
ATOM   1432 C C   . LEU A 1 211 ? -7.716  25.150  -4.594  1.00 42.76 ? 210 LEU A C   1 
ATOM   1433 O O   . LEU A 1 211 ? -6.987  24.187  -4.359  1.00 46.07 ? 210 LEU A O   1 
ATOM   1434 C CB  . LEU A 1 211 ? -10.034 24.987  -5.511  1.00 39.60 ? 210 LEU A CB  1 
ATOM   1435 C CG  . LEU A 1 211 ? -9.514  23.813  -6.362  1.00 49.25 ? 210 LEU A CG  1 
ATOM   1436 C CD1 . LEU A 1 211 ? -9.827  22.455  -5.691  1.00 37.43 ? 210 LEU A CD1 1 
ATOM   1437 C CD2 . LEU A 1 211 ? -10.060 23.896  -7.763  1.00 41.28 ? 210 LEU A CD2 1 
ATOM   1438 N N   . ALA A 1 212 ? -7.249  26.275  -5.133  1.00 46.00 ? 211 ALA A N   1 
ATOM   1439 C CA  . ALA A 1 212 ? -5.834  26.402  -5.482  1.00 49.06 ? 211 ALA A CA  1 
ATOM   1440 C C   . ALA A 1 212 ? -4.928  26.252  -4.267  1.00 54.52 ? 211 ALA A C   1 
ATOM   1441 O O   . ALA A 1 212 ? -3.805  25.744  -4.383  1.00 52.01 ? 211 ALA A O   1 
ATOM   1442 C CB  . ALA A 1 212 ? -5.581  27.745  -6.148  1.00 48.95 ? 211 ALA A CB  1 
ATOM   1443 N N   . ASP A 1 213 ? -5.374  26.718  -3.095  1.00 49.85 ? 212 ASP A N   1 
ATOM   1444 C CA  . ASP A 1 213 ? -4.582  26.500  -1.889  1.00 53.57 ? 212 ASP A CA  1 
ATOM   1445 C C   . ASP A 1 213 ? -4.486  25.019  -1.564  1.00 58.44 ? 212 ASP A C   1 
ATOM   1446 O O   . ASP A 1 213 ? -3.434  24.536  -1.131  1.00 62.46 ? 212 ASP A O   1 
ATOM   1447 C CB  . ASP A 1 213 ? -5.177  27.269  -0.709  1.00 57.82 ? 212 ASP A CB  1 
ATOM   1448 C CG  . ASP A 1 213 ? -5.091  28.766  -0.897  1.00 59.33 ? 212 ASP A CG  1 
ATOM   1449 O OD1 . ASP A 1 213 ? -4.140  29.225  -1.575  1.00 68.18 ? 212 ASP A OD1 1 
ATOM   1450 O OD2 . ASP A 1 213 ? -5.977  29.479  -0.384  1.00 61.82 ? 212 ASP A OD2 1 
ATOM   1451 N N   . TYR A 1 214 ? -5.567  24.276  -1.785  1.00 58.27 ? 213 TYR A N   1 
ATOM   1452 C CA  . TYR A 1 214 ? -5.534  22.844  -1.536  1.00 57.00 ? 213 TYR A CA  1 
ATOM   1453 C C   . TYR A 1 214 ? -4.618  22.130  -2.515  1.00 57.98 ? 213 TYR A C   1 
ATOM   1454 O O   . TYR A 1 214 ? -3.918  21.189  -2.137  1.00 59.07 ? 213 TYR A O   1 
ATOM   1455 C CB  . TYR A 1 214 ? -6.930  22.257  -1.629  1.00 53.97 ? 213 TYR A CB  1 
ATOM   1456 C CG  . TYR A 1 214 ? -6.967  20.763  -1.409  1.00 55.87 ? 213 TYR A CG  1 
ATOM   1457 C CD1 . TYR A 1 214 ? -6.874  20.233  -0.121  1.00 59.58 ? 213 TYR A CD1 1 
ATOM   1458 C CD2 . TYR A 1 214 ? -7.124  19.882  -2.479  1.00 56.22 ? 213 TYR A CD2 1 
ATOM   1459 C CE1 . TYR A 1 214 ? -6.918  18.864  0.100   1.00 60.48 ? 213 TYR A CE1 1 
ATOM   1460 C CE2 . TYR A 1 214 ? -7.184  18.507  -2.271  1.00 56.16 ? 213 TYR A CE2 1 
ATOM   1461 C CZ  . TYR A 1 214 ? -7.079  18.008  -0.973  1.00 56.22 ? 213 TYR A CZ  1 
ATOM   1462 O OH  . TYR A 1 214 ? -7.125  16.652  -0.744  1.00 59.44 ? 213 TYR A OH  1 
ATOM   1463 N N   . VAL A 1 215 ? -4.630  22.544  -3.783  1.00 57.63 ? 214 VAL A N   1 
ATOM   1464 C CA  . VAL A 1 215 ? -3.714  21.948  -4.750  1.00 55.07 ? 214 VAL A CA  1 
ATOM   1465 C C   . VAL A 1 215 ? -2.274  22.142  -4.298  1.00 59.11 ? 214 VAL A C   1 
ATOM   1466 O O   . VAL A 1 215 ? -1.493  21.185  -4.240  1.00 60.40 ? 214 VAL A O   1 
ATOM   1467 C CB  . VAL A 1 215 ? -3.959  22.517  -6.158  1.00 55.71 ? 214 VAL A CB  1 
ATOM   1468 C CG1 . VAL A 1 215 ? -2.844  22.082  -7.115  1.00 55.38 ? 214 VAL A CG1 1 
ATOM   1469 C CG2 . VAL A 1 215 ? -5.309  22.038  -6.682  1.00 49.28 ? 214 VAL A CG2 1 
ATOM   1470 N N   . LYS A 1 216 ? -1.909  23.371  -3.929  1.00 56.59 ? 215 LYS A N   1 
ATOM   1471 C CA  . LYS A 1 216 ? -0.559  23.602  -3.426  1.00 58.57 ? 215 LYS A CA  1 
ATOM   1472 C C   . LYS A 1 216 ? -0.228  22.642  -2.296  1.00 60.61 ? 215 LYS A C   1 
ATOM   1473 O O   . LYS A 1 216 ? 0.800   21.959  -2.333  1.00 60.16 ? 215 LYS A O   1 
ATOM   1474 C CB  . LYS A 1 216 ? -0.395  25.049  -2.972  1.00 60.62 ? 215 LYS A CB  1 
ATOM   1475 C CG  . LYS A 1 216 ? -0.277  25.988  -4.135  1.00 56.20 ? 215 LYS A CG  1 
ATOM   1476 C CD  . LYS A 1 216 ? 0.237   27.345  -3.717  1.00 62.77 ? 215 LYS A CD  1 
ATOM   1477 C CE  . LYS A 1 216 ? -0.884  28.241  -3.205  1.00 65.68 ? 215 LYS A CE  1 
ATOM   1478 N NZ  . LYS A 1 216 ? -0.584  29.668  -3.513  1.00 68.02 ? 215 LYS A NZ  1 
ATOM   1479 N N   . ARG A 1 217 ? -1.126  22.519  -1.315  1.00 60.44 ? 216 ARG A N   1 
ATOM   1480 C CA  . ARG A 1 217 ? -0.835  21.682  -0.154  1.00 59.37 ? 216 ARG A CA  1 
ATOM   1481 C C   . ARG A 1 217 ? -0.801  20.192  -0.509  1.00 62.77 ? 216 ARG A C   1 
ATOM   1482 O O   . ARG A 1 217 ? 0.006   19.439  0.050   1.00 62.61 ? 216 ARG A O   1 
ATOM   1483 C CB  . ARG A 1 217 ? -1.847  21.973  0.955   1.00 60.89 ? 216 ARG A CB  1 
ATOM   1484 C CG  . ARG A 1 217 ? -1.712  23.384  1.539   1.00 60.03 ? 216 ARG A CG  1 
ATOM   1485 C CD  . ARG A 1 217 ? -2.581  23.564  2.800   1.00 63.70 ? 216 ARG A CD  1 
ATOM   1486 N NE  . ARG A 1 217 ? -3.987  23.258  2.536   1.00 64.95 ? 216 ARG A NE  1 
ATOM   1487 C CZ  . ARG A 1 217 ? -4.952  24.170  2.411   1.00 64.44 ? 216 ARG A CZ  1 
ATOM   1488 N NH1 . ARG A 1 217 ? -4.676  25.462  2.536   1.00 61.00 ? 216 ARG A NH1 1 
ATOM   1489 N NH2 . ARG A 1 217 ? -6.203  23.787  2.167   1.00 59.20 ? 216 ARG A NH2 1 
ATOM   1490 N N   . SER A 1 218 ? -1.657  19.746  -1.432  1.00 60.05 ? 217 SER A N   1 
ATOM   1491 C CA  . SER A 1 218 ? -1.572  18.372  -1.920  1.00 63.89 ? 217 SER A CA  1 
ATOM   1492 C C   . SER A 1 218 ? -0.204  18.088  -2.542  1.00 64.25 ? 217 SER A C   1 
ATOM   1493 O O   . SER A 1 218 ? 0.453   17.097  -2.208  1.00 65.09 ? 217 SER A O   1 
ATOM   1494 C CB  . SER A 1 218 ? -2.678  18.101  -2.940  1.00 60.02 ? 217 SER A CB  1 
ATOM   1495 O OG  . SER A 1 218 ? -3.939  17.999  -2.311  1.00 61.73 ? 217 SER A OG  1 
ATOM   1496 N N   . ALA A 1 219 ? 0.237   18.952  -3.454  1.00 58.57 ? 218 ALA A N   1 
ATOM   1497 C CA  . ALA A 1 219 ? 1.549   18.800  -4.075  1.00 64.70 ? 218 ALA A CA  1 
ATOM   1498 C C   . ALA A 1 219 ? 2.703   19.081  -3.111  1.00 65.60 ? 218 ALA A C   1 
ATOM   1499 O O   . ALA A 1 219 ? 3.846   18.713  -3.416  1.00 61.51 ? 218 ALA A O   1 
ATOM   1500 C CB  . ALA A 1 219 ? 1.654   19.714  -5.301  1.00 57.28 ? 218 ALA A CB  1 
ATOM   1501 N N   . SER A 1 220 ? 2.438   19.704  -1.960  1.00 61.12 ? 219 SER A N   1 
ATOM   1502 C CA  . SER A 1 220 ? 3.489   20.070  -1.023  1.00 60.55 ? 219 SER A CA  1 
ATOM   1503 C C   . SER A 1 220 ? 3.524   19.213  0.230   1.00 72.85 ? 219 SER A C   1 
ATOM   1504 O O   . SER A 1 220 ? 4.591   19.099  0.841   1.00 74.94 ? 219 SER A O   1 
ATOM   1505 C CB  . SER A 1 220 ? 3.342   21.533  -0.590  1.00 60.92 ? 219 SER A CB  1 
ATOM   1506 O OG  . SER A 1 220 ? 3.163   22.382  -1.703  1.00 62.96 ? 219 SER A OG  1 
ATOM   1507 N N   . SER A 1 221 ? 2.383   18.646  0.639   1.00 73.74 ? 220 SER A N   1 
ATOM   1508 C CA  . SER A 1 221 ? 2.299   17.887  1.881   1.00 74.04 ? 220 SER A CA  1 
ATOM   1509 C C   . SER A 1 221 ? 3.467   16.926  1.983   1.00 76.52 ? 220 SER A C   1 
ATOM   1510 O O   . SER A 1 221 ? 3.755   16.176  1.042   1.00 79.14 ? 220 SER A O   1 
ATOM   1511 C CB  . SER A 1 221 ? 0.982   17.107  1.954   1.00 73.53 ? 220 SER A CB  1 
ATOM   1512 O OG  . SER A 1 221 ? 1.109   15.800  1.398   1.00 76.71 ? 220 SER A OG  1 
ATOM   1513 N N   . SER A 1 222 ? 4.168   16.990  3.110   1.00 75.98 ? 221 SER A N   1 
ATOM   1514 C CA  . SER A 1 222 ? 5.235   16.039  3.347   1.00 78.82 ? 221 SER A CA  1 
ATOM   1515 C C   . SER A 1 222 ? 4.734   14.640  3.029   1.00 79.77 ? 221 SER A C   1 
ATOM   1516 O O   . SER A 1 222 ? 3.566   14.311  3.275   1.00 76.59 ? 221 SER A O   1 
ATOM   1517 C CB  . SER A 1 222 ? 5.717   16.120  4.795   1.00 79.68 ? 221 SER A CB  1 
ATOM   1518 O OG  . SER A 1 222 ? 6.818   15.255  5.004   1.00 83.36 ? 221 SER A OG  1 
ATOM   1519 N N   . THR A 1 223 ? 5.602   13.851  2.402   1.00 83.00 ? 222 THR A N   1 
ATOM   1520 C CA  . THR A 1 223 ? 5.289   12.465  2.089   1.00 79.58 ? 222 THR A CA  1 
ATOM   1521 C C   . THR A 1 223 ? 4.672   11.805  3.318   1.00 78.01 ? 222 THR A C   1 
ATOM   1522 O O   . THR A 1 223 ? 5.352   11.579  4.325   1.00 77.78 ? 222 THR A O   1 
ATOM   1523 C CB  . THR A 1 223 ? 6.552   11.744  1.606   1.00 84.61 ? 222 THR A CB  1 
ATOM   1524 O OG1 . THR A 1 223 ? 6.768   12.054  0.219   1.00 81.75 ? 222 THR A OG1 1 
ATOM   1525 C CG2 . THR A 1 223 ? 6.443   10.226  1.800   1.00 81.41 ? 222 THR A CG2 1 
ATOM   1526 N N   . GLY A 1 224 ? 3.361   11.578  3.268   1.00 74.44 ? 223 GLY A N   1 
ATOM   1527 C CA  . GLY A 1 224 ? 2.646   10.975  4.375   1.00 70.36 ? 223 GLY A CA  1 
ATOM   1528 C C   . GLY A 1 224 ? 2.254   11.908  5.502   1.00 71.72 ? 223 GLY A C   1 
ATOM   1529 O O   . GLY A 1 224 ? 1.756   11.431  6.529   1.00 70.62 ? 223 GLY A O   1 
ATOM   1530 N N   . GLN A 1 225 ? 2.474   13.218  5.368   1.00 75.18 ? 224 GLN A N   1 
ATOM   1531 C CA  . GLN A 1 225 ? 2.018   14.128  6.415   1.00 72.92 ? 224 GLN A CA  1 
ATOM   1532 C C   . GLN A 1 225 ? 0.508   14.070  6.545   1.00 67.61 ? 224 GLN A C   1 
ATOM   1533 O O   . GLN A 1 225 ? -0.030  14.064  7.654   1.00 66.99 ? 224 GLN A O   1 
ATOM   1534 C CB  . GLN A 1 225 ? 2.467   15.559  6.123   1.00 72.89 ? 224 GLN A CB  1 
ATOM   1535 N N   . ARG A 1 226 ? -0.188  13.983  5.414   1.00 67.39 ? 225 ARG A N   1 
ATOM   1536 C CA  . ARG A 1 226 ? -1.641  14.021  5.418   1.00 67.27 ? 225 ARG A CA  1 
ATOM   1537 C C   . ARG A 1 226 ? -2.248  12.724  5.930   1.00 64.79 ? 225 ARG A C   1 
ATOM   1538 O O   . ARG A 1 226 ? -3.359  12.735  6.470   1.00 65.89 ? 225 ARG A O   1 
ATOM   1539 C CB  . ARG A 1 226 ? -2.140  14.335  4.009   1.00 64.62 ? 225 ARG A CB  1 
ATOM   1540 C CG  . ARG A 1 226 ? -1.761  15.725  3.559   1.00 67.34 ? 225 ARG A CG  1 
ATOM   1541 C CD  . ARG A 1 226 ? -3.000  16.581  3.396   1.00 64.19 ? 225 ARG A CD  1 
ATOM   1542 N NE  . ARG A 1 226 ? -3.656  16.260  2.143   1.00 62.37 ? 225 ARG A NE  1 
ATOM   1543 C CZ  . ARG A 1 226 ? -3.844  17.121  1.155   1.00 62.64 ? 225 ARG A CZ  1 
ATOM   1544 N NH1 . ARG A 1 226 ? -4.428  16.718  0.035   1.00 58.50 ? 225 ARG A NH1 1 
ATOM   1545 N NH2 . ARG A 1 226 ? -3.458  18.383  1.293   1.00 62.56 ? 225 ARG A NH2 1 
ATOM   1546 N N   . PHE A 1 227 ? -1.538  11.606  5.777   1.00 67.54 ? 226 PHE A N   1 
ATOM   1547 C CA  . PHE A 1 227 ? -2.051  10.329  6.265   1.00 62.79 ? 226 PHE A CA  1 
ATOM   1548 C C   . PHE A 1 227 ? -2.239  10.357  7.773   1.00 62.36 ? 226 PHE A C   1 
ATOM   1549 O O   . PHE A 1 227 ? -3.310  10.015  8.279   1.00 64.91 ? 226 PHE A O   1 
ATOM   1550 C CB  . PHE A 1 227 ? -1.110  9.183   5.862   1.00 58.27 ? 226 PHE A CB  1 
ATOM   1551 C CG  . PHE A 1 227 ? -1.422  7.874   6.541   1.00 55.78 ? 226 PHE A CG  1 
ATOM   1552 C CD1 . PHE A 1 227 ? -2.526  7.128   6.167   1.00 53.70 ? 226 PHE A CD1 1 
ATOM   1553 C CD2 . PHE A 1 227 ? -0.617  7.395   7.562   1.00 60.49 ? 226 PHE A CD2 1 
ATOM   1554 C CE1 . PHE A 1 227 ? -2.825  5.928   6.797   1.00 50.49 ? 226 PHE A CE1 1 
ATOM   1555 C CE2 . PHE A 1 227 ? -0.910  6.190   8.202   1.00 58.43 ? 226 PHE A CE2 1 
ATOM   1556 C CZ  . PHE A 1 227 ? -2.018  5.457   7.809   1.00 52.41 ? 226 PHE A CZ  1 
ATOM   1557 N N   . HIS A 1 228 ? -1.205  10.757  8.513   1.00 60.95 ? 227 HIS A N   1 
ATOM   1558 C CA  . HIS A 1 228 ? -1.307  10.733  9.969   1.00 69.82 ? 227 HIS A CA  1 
ATOM   1559 C C   . HIS A 1 228 ? -2.356  11.707  10.477  1.00 69.47 ? 227 HIS A C   1 
ATOM   1560 O O   . HIS A 1 228 ? -3.082  11.400  11.428  1.00 70.98 ? 227 HIS A O   1 
ATOM   1561 C CB  . HIS A 1 228 ? 0.046   11.029  10.597  1.00 71.20 ? 227 HIS A CB  1 
ATOM   1562 C CG  . HIS A 1 228 ? 0.938   9.836   10.630  1.00 73.93 ? 227 HIS A CG  1 
ATOM   1563 N ND1 . HIS A 1 228 ? 2.062   9.723   9.840   1.00 75.26 ? 227 HIS A ND1 1 
ATOM   1564 C CD2 . HIS A 1 228 ? 0.838   8.673   11.317  1.00 71.31 ? 227 HIS A CD2 1 
ATOM   1565 C CE1 . HIS A 1 228 ? 2.634   8.552   10.064  1.00 72.66 ? 227 HIS A CE1 1 
ATOM   1566 N NE2 . HIS A 1 228 ? 1.909   7.896   10.953  1.00 71.36 ? 227 HIS A NE2 1 
ATOM   1567 N N   . ASP A 1 229 ? -2.461  12.877  9.849   1.00 66.61 ? 228 ASP A N   1 
ATOM   1568 C CA  . ASP A 1 229 ? -3.484  13.834  10.252  1.00 69.49 ? 228 ASP A CA  1 
ATOM   1569 C C   . ASP A 1 229 ? -4.882  13.225  10.144  1.00 71.95 ? 228 ASP A C   1 
ATOM   1570 O O   . ASP A 1 229 ? -5.640  13.204  11.119  1.00 70.33 ? 228 ASP A O   1 
ATOM   1571 C CB  . ASP A 1 229 ? -3.359  15.099  9.407   1.00 68.45 ? 228 ASP A CB  1 
ATOM   1572 C CG  . ASP A 1 229 ? -2.054  15.836  9.660   1.00 72.68 ? 228 ASP A CG  1 
ATOM   1573 O OD1 . ASP A 1 229 ? -1.357  15.493  10.640  1.00 72.54 ? 228 ASP A OD1 1 
ATOM   1574 O OD2 . ASP A 1 229 ? -1.715  16.746  8.871   1.00 73.37 ? 228 ASP A OD2 1 
ATOM   1575 N N   . GLY A 1 230 ? -5.229  12.687  8.973   1.00 70.74 ? 229 GLY A N   1 
ATOM   1576 C CA  . GLY A 1 230 ? -6.524  12.046  8.842   1.00 66.72 ? 229 GLY A CA  1 
ATOM   1577 C C   . GLY A 1 230 ? -6.655  10.798  9.685   1.00 68.94 ? 229 GLY A C   1 
ATOM   1578 O O   . GLY A 1 230 ? -7.760  10.431  10.084  1.00 69.32 ? 229 GLY A O   1 
ATOM   1579 N N   . LEU A 1 231 ? -5.534  10.132  9.977   1.00 70.22 ? 230 LEU A N   1 
ATOM   1580 C CA  . LEU A 1 231 ? -5.580  8.947   10.828  1.00 67.61 ? 230 LEU A CA  1 
ATOM   1581 C C   . LEU A 1 231 ? -6.013  9.291   12.244  1.00 69.86 ? 230 LEU A C   1 
ATOM   1582 O O   . LEU A 1 231 ? -6.657  8.473   12.909  1.00 70.73 ? 230 LEU A O   1 
ATOM   1583 C CB  . LEU A 1 231 ? -4.214  8.253   10.829  1.00 66.17 ? 230 LEU A CB  1 
ATOM   1584 C CG  . LEU A 1 231 ? -4.011  7.000   11.685  1.00 63.55 ? 230 LEU A CG  1 
ATOM   1585 C CD1 . LEU A 1 231 ? -4.843  5.816   11.188  1.00 58.49 ? 230 LEU A CD1 1 
ATOM   1586 C CD2 . LEU A 1 231 ? -2.538  6.654   11.706  1.00 61.73 ? 230 LEU A CD2 1 
ATOM   1587 N N   . GLU A 1 232 ? -5.666  10.486  12.727  1.00 73.18 ? 231 GLU A N   1 
ATOM   1588 C CA  . GLU A 1 232 ? -6.175  10.926  14.025  1.00 75.26 ? 231 GLU A CA  1 
ATOM   1589 C C   . GLU A 1 232 ? -7.642  11.329  13.923  1.00 71.82 ? 231 GLU A C   1 
ATOM   1590 O O   . GLU A 1 232 ? -8.473  10.866  14.714  1.00 73.28 ? 231 GLU A O   1 
ATOM   1591 C CB  . GLU A 1 232 ? -5.322  12.078  14.562  1.00 76.53 ? 231 GLU A CB  1 
ATOM   1592 C CG  . GLU A 1 232 ? -3.880  11.699  14.933  1.00 79.19 ? 231 GLU A CG  1 
ATOM   1593 C CD  . GLU A 1 232 ? -3.692  11.426  16.421  1.00 82.09 ? 231 GLU A CD  1 
ATOM   1594 O OE1 . GLU A 1 232 ? -4.184  10.384  16.911  1.00 80.43 ? 231 GLU A OE1 1 
ATOM   1595 O OE2 . GLU A 1 232 ? -3.063  12.265  17.105  1.00 86.35 ? 231 GLU A OE2 1 
ATOM   1596 N N   . CYS A 1 233 ? -7.977  12.151  12.920  1.00 74.41 ? 232 CYS A N   1 
ATOM   1597 C CA  . CYS A 1 233 ? -9.354  12.487  12.549  1.00 78.22 ? 232 CYS A CA  1 
ATOM   1598 C C   . CYS A 1 233 ? -10.233 11.250  12.423  1.00 76.79 ? 232 CYS A C   1 
ATOM   1599 O O   . CYS A 1 233 ? -11.458 11.380  12.281  1.00 77.29 ? 232 CYS A O   1 
ATOM   1600 C CB  . CYS A 1 233 ? -9.329  13.311  11.238  1.00 75.20 ? 232 CYS A CB  1 
ATOM   1601 S SG  . CYS A 1 233 ? -10.793 13.331  10.120  1.00 65.88 ? 232 CYS A SG  1 
ATOM   1602 N N   . MET A 1 234 ? -9.640  10.062  12.524  1.00 75.71 ? 233 MET A N   1 
ATOM   1603 C CA  . MET A 1 234 ? -10.312 8.797   12.296  1.00 74.27 ? 233 MET A CA  1 
ATOM   1604 C C   . MET A 1 234 ? -10.323 7.887   13.512  1.00 72.46 ? 233 MET A C   1 
ATOM   1605 O O   . MET A 1 234 ? -11.357 7.293   13.827  1.00 74.08 ? 233 MET A O   1 
ATOM   1606 C CB  . MET A 1 234 ? -9.638  8.090   11.125  1.00 70.91 ? 233 MET A CB  1 
ATOM   1607 C CG  . MET A 1 234 ? -10.196 6.732   10.844  1.00 77.13 ? 233 MET A CG  1 
ATOM   1608 S SD  . MET A 1 234 ? -10.356 6.535   9.071   1.00 81.59 ? 233 MET A SD  1 
ATOM   1609 C CE  . MET A 1 234 ? -12.077 6.053   8.999   1.00 70.38 ? 233 MET A CE  1 
ATOM   1610 N N   . VAL A 1 235 ? -9.193  7.750   14.203  1.00 70.04 ? 234 VAL A N   1 
ATOM   1611 C CA  . VAL A 1 235 ? -9.127  6.806   15.314  1.00 69.14 ? 234 VAL A CA  1 
ATOM   1612 C C   . VAL A 1 235 ? -9.950  7.299   16.500  1.00 77.32 ? 234 VAL A C   1 
ATOM   1613 O O   . VAL A 1 235 ? -10.579 6.501   17.213  1.00 73.12 ? 234 VAL A O   1 
ATOM   1614 C CB  . VAL A 1 235 ? -7.664  6.550   15.706  1.00 69.23 ? 234 VAL A CB  1 
ATOM   1615 C CG1 . VAL A 1 235 ? -7.611  5.683   16.914  1.00 66.89 ? 234 VAL A CG1 1 
ATOM   1616 C CG2 . VAL A 1 235 ? -6.946  5.869   14.574  1.00 67.56 ? 234 VAL A CG2 1 
ATOM   1617 N N   . SER A 1 236 ? -9.953  8.611   16.745  1.00 77.61 ? 235 SER A N   1 
ATOM   1618 C CA  . SER A 1 236 ? -10.850 9.133   17.770  1.00 81.32 ? 235 SER A CA  1 
ATOM   1619 C C   . SER A 1 236 ? -12.302 8.940   17.358  1.00 78.80 ? 235 SER A C   1 
ATOM   1620 O O   . SER A 1 236 ? -13.169 8.755   18.219  1.00 83.02 ? 235 SER A O   1 
ATOM   1621 C CB  . SER A 1 236 ? -10.557 10.607  18.053  1.00 82.20 ? 235 SER A CB  1 
ATOM   1622 O OG  . SER A 1 236 ? -11.179 11.027  19.257  1.00 85.18 ? 235 SER A OG  1 
ATOM   1623 N N   . GLY A 1 237 ? -12.573 8.951   16.053  1.00 79.33 ? 236 GLY A N   1 
ATOM   1624 C CA  . GLY A 1 237 ? -13.858 8.526   15.531  1.00 81.55 ? 236 GLY A CA  1 
ATOM   1625 C C   . GLY A 1 237 ? -14.360 7.260   16.200  1.00 80.35 ? 236 GLY A C   1 
ATOM   1626 O O   . GLY A 1 237 ? -15.505 7.204   16.654  1.00 80.18 ? 236 GLY A O   1 
ATOM   1627 N N   . MET A 1 238 ? -13.511 6.246   16.301  1.00 75.02 ? 237 MET A N   1 
ATOM   1628 C CA  . MET A 1 238 ? -13.893 5.038   17.011  1.00 73.33 ? 237 MET A CA  1 
ATOM   1629 C C   . MET A 1 238 ? -13.893 5.279   18.523  1.00 75.25 ? 237 MET A C   1 
ATOM   1630 O O   . MET A 1 238 ? -14.749 4.776   19.254  1.00 77.98 ? 237 MET A O   1 
ATOM   1631 C CB  . MET A 1 238 ? -12.946 3.897   16.645  1.00 72.85 ? 237 MET A CB  1 
ATOM   1632 C CG  . MET A 1 238 ? -12.369 4.014   15.250  1.00 66.22 ? 237 MET A CG  1 
ATOM   1633 S SD  . MET A 1 238 ? -11.278 2.643   14.801  1.00 70.71 ? 237 MET A SD  1 
ATOM   1634 C CE  . MET A 1 238 ? -10.649 3.265   13.261  1.00 55.75 ? 237 MET A CE  1 
HETATM 1635 O O   . HOH B 2 .   ? 13.556  -12.507 0.680   1.00 48.21 ? 301 HOH A O   1 
HETATM 1636 O O   . HOH B 2 .   ? -7.996  24.977  1.146   1.00 51.10 ? 302 HOH A O   1 
HETATM 1637 O O   . HOH B 2 .   ? 1.224   -10.645 8.294   1.00 40.72 ? 303 HOH A O   1 
HETATM 1638 O O   . HOH B 2 .   ? -2.507  -12.072 0.675   1.00 42.46 ? 304 HOH A O   1 
HETATM 1639 O O   . HOH B 2 .   ? 7.020   -12.348 3.750   1.00 45.21 ? 305 HOH A O   1 
HETATM 1640 O O   . HOH B 2 .   ? 7.241   -5.827  3.682   1.00 41.26 ? 306 HOH A O   1 
HETATM 1641 O O   . HOH B 2 .   ? -1.943  -12.975 -1.897  1.00 45.58 ? 307 HOH A O   1 
HETATM 1642 O O   . HOH B 2 .   ? 8.633   -3.940  2.487   1.00 46.25 ? 308 HOH A O   1 
HETATM 1643 O O   . HOH B 2 .   ? -12.319 30.213  -1.305  1.00 51.76 ? 309 HOH A O   1 
HETATM 1644 O O   . HOH B 2 .   ? 15.163  18.242  -3.680  1.00 54.64 ? 310 HOH A O   1 
HETATM 1645 O O   . HOH B 2 .   ? 12.416  12.115  -7.758  1.00 53.55 ? 311 HOH A O   1 
HETATM 1646 O O   . HOH B 2 .   ? 3.432   -15.475 2.023   1.00 46.20 ? 312 HOH A O   1 
HETATM 1647 O O   . HOH B 2 .   ? 4.343   -15.276 -0.507  1.00 38.47 ? 313 HOH A O   1 
HETATM 1648 O O   . HOH B 2 .   ? 9.487   5.110   7.447   1.00 70.57 ? 314 HOH A O   1 
HETATM 1649 O O   . HOH B 2 .   ? -4.518  -12.980 -2.840  1.00 53.38 ? 315 HOH A O   1 
HETATM 1650 O O   . HOH B 2 .   ? 13.194  -23.274 -19.965 1.00 57.55 ? 316 HOH A O   1 
HETATM 1651 O O   . HOH B 2 .   ? -22.651 -6.777  17.164  1.00 60.23 ? 317 HOH A O   1 
HETATM 1652 O O   . HOH B 2 .   ? 6.805   -16.235 -0.808  1.00 49.21 ? 318 HOH A O   1 
# 
